data_3C6K
#
_entry.id   3C6K
#
_cell.length_a   43.385
_cell.length_b   74.032
_cell.length_c   143.226
_cell.angle_alpha   94.23
_cell.angle_beta   92.88
_cell.angle_gamma   107.07
#
_symmetry.space_group_name_H-M   'P 1'
#
loop_
_entity.id
_entity.type
_entity.pdbx_description
1 polymer 'Spermine synthase'
2 non-polymer SPERMIDINE
3 non-polymer "5'-DEOXY-5'-METHYLTHIOADENOSINE"
4 water water
#
_entity_poly.entity_id   1
_entity_poly.type   'polypeptide(L)'
_entity_poly.pdbx_seq_one_letter_code
;MGSSHHHHHHSSGLVPRGSRHSTLDFMLGAKADGETILKGLQSIFQEQGMAESVHTWQDHGYLATYTNKNGSFANLRIYP
HGLVLLDLQSYDGDAQGKEEIDSILNKVEERMKELSQDSTGRVKRLPPIVRGGAIDRYWPTADGRLVEYDIDEVVYDEDS
PYQNIKILHSKQFGNILILSGDVNLAESDLAYTRAIMGSGKEDYTGKDVLILGGGDGGILCEIVKLKPKMVTMVEIDQMV
IDGCKKYMRKTCGDVLDNLKGDCYQVLIEDCIPVLKRYAKEGREFDYVINDLTAVPISTSPEEDSTWEFLRLILDLSMKV
LKQDGKYFTQGNCVNLTEALSLYEEQLGRLYCPVEFSKEIVCVPSYLELWVFYTVWKKAKP
;
_entity_poly.pdbx_strand_id   A,B,C,D
#
# COMPACT_ATOMS: atom_id res chain seq x y z
N GLY A 18 28.78 29.99 -41.77
CA GLY A 18 28.11 28.80 -42.39
C GLY A 18 27.28 29.12 -43.62
N SER A 19 26.69 28.07 -44.21
CA SER A 19 25.85 28.12 -45.39
C SER A 19 24.52 27.41 -45.08
N ARG A 20 23.38 28.03 -45.37
CA ARG A 20 22.07 27.42 -45.23
C ARG A 20 21.61 26.78 -46.54
N HIS A 21 21.28 25.49 -46.44
CA HIS A 21 20.87 24.66 -47.54
C HIS A 21 19.38 24.31 -47.46
N SER A 22 18.57 24.85 -48.37
CA SER A 22 17.14 24.63 -48.35
C SER A 22 16.74 23.71 -49.48
N THR A 23 15.73 22.89 -49.23
CA THR A 23 15.26 21.89 -50.17
C THR A 23 13.72 21.94 -50.37
N LEU A 24 13.31 21.57 -51.57
CA LEU A 24 11.91 21.44 -51.87
C LEU A 24 11.78 20.31 -52.89
N ASP A 25 10.94 19.33 -52.58
CA ASP A 25 10.78 18.17 -53.40
C ASP A 25 9.34 18.08 -53.85
N PHE A 26 9.13 17.83 -55.14
CA PHE A 26 7.81 17.54 -55.71
C PHE A 26 7.75 16.15 -56.30
N MET A 27 6.79 15.36 -55.80
CA MET A 27 6.56 14.02 -56.30
C MET A 27 5.26 14.08 -57.16
N LEU A 28 5.40 14.03 -58.50
CA LEU A 28 4.29 14.33 -59.43
C LEU A 28 3.67 13.11 -60.08
N GLU A 35 11.16 21.14 -71.94
CA GLU A 35 10.23 20.52 -70.99
C GLU A 35 9.39 21.52 -70.19
N THR A 36 8.14 21.13 -69.91
CA THR A 36 7.14 22.11 -69.51
C THR A 36 7.28 22.63 -68.06
N ILE A 37 7.75 21.77 -67.14
CA ILE A 37 8.09 22.21 -65.79
C ILE A 37 9.31 23.16 -65.83
N LEU A 38 10.31 22.81 -66.63
CA LEU A 38 11.53 23.63 -66.71
C LEU A 38 11.21 25.07 -67.11
N LYS A 39 10.43 25.23 -68.18
CA LYS A 39 10.13 26.56 -68.72
C LYS A 39 9.16 27.31 -67.80
N GLY A 40 8.29 26.57 -67.12
CA GLY A 40 7.35 27.13 -66.14
C GLY A 40 8.00 27.78 -64.92
N LEU A 41 9.15 27.25 -64.51
CA LEU A 41 9.87 27.69 -63.30
C LEU A 41 11.05 28.60 -63.57
N GLN A 42 11.75 28.38 -64.70
CA GLN A 42 12.84 29.26 -65.13
C GLN A 42 12.59 30.75 -64.86
N SER A 43 11.35 31.20 -65.02
CA SER A 43 10.99 32.61 -64.84
C SER A 43 11.32 33.14 -63.46
N ILE A 44 11.01 32.34 -62.42
CA ILE A 44 11.24 32.73 -61.01
C ILE A 44 12.69 33.13 -60.74
N PHE A 45 13.62 32.41 -61.38
CA PHE A 45 15.03 32.68 -61.18
C PHE A 45 15.51 33.85 -62.04
N GLN A 46 14.99 34.01 -63.26
CA GLN A 46 15.41 35.14 -64.09
C GLN A 46 15.04 36.48 -63.44
N GLU A 47 13.86 36.54 -62.83
CA GLU A 47 13.39 37.72 -62.12
C GLU A 47 14.22 38.12 -60.90
N GLN A 48 14.80 37.15 -60.21
CA GLN A 48 15.70 37.44 -59.08
C GLN A 48 17.09 37.83 -59.58
N GLY A 49 17.24 37.85 -60.89
CA GLY A 49 18.47 38.28 -61.55
C GLY A 49 19.52 37.19 -61.62
N MET A 50 19.11 35.93 -61.46
CA MET A 50 20.07 34.83 -61.44
C MET A 50 20.40 34.30 -62.85
N ALA A 51 21.68 34.02 -63.08
CA ALA A 51 22.14 33.39 -64.30
C ALA A 51 21.87 31.89 -64.28
N GLU A 52 21.40 31.38 -65.41
CA GLU A 52 21.02 29.99 -65.58
C GLU A 52 22.01 29.21 -66.43
N SER A 53 22.23 27.96 -66.08
CA SER A 53 22.87 27.02 -66.97
C SER A 53 22.12 25.70 -66.96
N VAL A 54 21.74 25.22 -68.14
CA VAL A 54 21.00 23.96 -68.25
C VAL A 54 21.85 22.81 -68.79
N HIS A 55 21.75 21.66 -68.14
CA HIS A 55 22.29 20.42 -68.62
C HIS A 55 21.11 19.45 -68.85
N THR A 56 21.13 18.84 -70.03
CA THR A 56 20.08 17.94 -70.49
C THR A 56 20.70 16.56 -70.64
N TRP A 57 20.03 15.55 -70.12
CA TRP A 57 20.46 14.17 -70.37
C TRP A 57 19.54 13.67 -71.47
N GLN A 58 20.01 12.74 -72.32
CA GLN A 58 19.10 12.14 -73.31
C GLN A 58 17.91 11.42 -72.63
N ASP A 59 18.18 10.62 -71.60
CA ASP A 59 17.13 9.81 -70.95
C ASP A 59 16.79 10.24 -69.51
N HIS A 60 17.60 11.11 -68.90
CA HIS A 60 17.55 11.29 -67.44
C HIS A 60 17.12 12.68 -67.00
N GLY A 61 16.59 13.46 -67.93
CA GLY A 61 15.98 14.76 -67.62
C GLY A 61 16.93 15.94 -67.65
N TYR A 62 16.69 16.85 -66.71
CA TYR A 62 17.36 18.15 -66.72
C TYR A 62 17.97 18.47 -65.37
N LEU A 63 19.09 19.18 -65.39
CA LEU A 63 19.62 19.87 -64.25
C LEU A 63 19.83 21.32 -64.65
N ALA A 64 19.16 22.22 -63.95
CA ALA A 64 19.35 23.63 -64.18
C ALA A 64 20.07 24.21 -62.97
N THR A 65 21.21 24.85 -63.20
CA THR A 65 21.94 25.53 -62.12
C THR A 65 21.79 27.05 -62.28
N TYR A 66 21.53 27.73 -61.16
CA TYR A 66 21.32 29.18 -61.15
C TYR A 66 22.27 29.80 -60.14
N THR A 67 22.96 30.87 -60.55
CA THR A 67 23.89 31.55 -59.65
C THR A 67 23.48 33.03 -59.41
N ASN A 68 23.82 33.56 -58.24
CA ASN A 68 23.46 34.93 -57.85
C ASN A 68 24.74 35.68 -57.49
N LYS A 69 24.75 36.99 -57.72
CA LYS A 69 25.96 37.81 -57.48
C LYS A 69 26.32 37.83 -56.01
N ASN A 70 25.34 37.55 -55.14
CA ASN A 70 25.61 37.55 -53.71
C ASN A 70 26.31 36.25 -53.24
N GLY A 71 26.62 35.36 -54.19
CA GLY A 71 27.28 34.07 -53.90
C GLY A 71 26.36 32.91 -53.53
N SER A 72 25.05 33.12 -53.61
CA SER A 72 24.08 32.02 -53.50
C SER A 72 23.78 31.33 -54.84
N PHE A 73 23.31 30.08 -54.78
CA PHE A 73 23.00 29.31 -55.97
C PHE A 73 21.85 28.34 -55.72
N ALA A 74 21.24 27.88 -56.81
CA ALA A 74 20.15 26.94 -56.86
C ALA A 74 20.46 25.90 -57.89
N ASN A 75 19.99 24.68 -57.61
CA ASN A 75 19.96 23.58 -58.54
C ASN A 75 18.53 23.06 -58.66
N LEU A 76 18.07 22.95 -59.89
CA LEU A 76 16.77 22.40 -60.17
C LEU A 76 16.99 21.12 -60.95
N ARG A 77 16.70 19.98 -60.31
CA ARG A 77 16.82 18.70 -60.93
C ARG A 77 15.44 18.14 -61.30
N ILE A 78 15.22 17.92 -62.60
CA ILE A 78 13.94 17.48 -63.08
C ILE A 78 14.11 16.08 -63.65
N TYR A 79 13.59 15.08 -62.94
CA TYR A 79 13.69 13.69 -63.39
C TYR A 79 12.65 13.52 -64.49
N PRO A 80 12.85 12.56 -65.43
CA PRO A 80 11.93 12.57 -66.57
C PRO A 80 10.54 12.03 -66.24
N HIS A 81 10.39 11.41 -65.08
CA HIS A 81 9.10 10.83 -64.70
C HIS A 81 8.55 11.12 -63.31
N GLY A 82 8.40 12.39 -62.97
CA GLY A 82 7.61 12.76 -61.82
C GLY A 82 8.29 13.47 -60.64
N LEU A 83 9.60 13.31 -60.48
CA LEU A 83 10.34 13.93 -59.37
C LEU A 83 11.02 15.23 -59.80
N VAL A 84 10.76 16.30 -59.04
CA VAL A 84 11.46 17.56 -59.23
C VAL A 84 12.06 17.90 -57.86
N LEU A 85 13.38 18.07 -57.82
CA LEU A 85 14.11 18.39 -56.60
C LEU A 85 14.75 19.77 -56.74
N LEU A 86 14.47 20.66 -55.79
CA LEU A 86 15.12 22.00 -55.75
C LEU A 86 15.98 22.15 -54.50
N ASP A 87 17.21 22.63 -54.68
CA ASP A 87 18.13 22.93 -53.58
C ASP A 87 18.60 24.37 -53.75
N LEU A 88 18.60 25.14 -52.67
CA LEU A 88 19.23 26.47 -52.67
C LEU A 88 20.23 26.59 -51.52
N GLN A 89 21.35 27.26 -51.79
CA GLN A 89 22.35 27.53 -50.78
C GLN A 89 22.72 29.01 -50.72
N SER A 90 22.92 29.54 -49.52
CA SER A 90 23.37 30.93 -49.37
C SER A 90 24.16 31.15 -48.08
N TYR A 91 24.99 32.19 -48.03
CA TYR A 91 25.64 32.61 -46.78
C TYR A 91 24.60 32.65 -45.64
N GLU A 99 15.89 35.36 -46.59
CA GLU A 99 14.51 35.76 -46.89
C GLU A 99 14.28 35.66 -48.39
N GLU A 100 15.29 36.00 -49.17
CA GLU A 100 15.22 35.86 -50.61
C GLU A 100 15.01 34.41 -51.06
N ILE A 101 15.80 33.51 -50.51
CA ILE A 101 15.63 32.09 -50.84
C ILE A 101 14.27 31.55 -50.36
N ASP A 102 13.83 31.93 -49.17
CA ASP A 102 12.50 31.56 -48.68
C ASP A 102 11.39 31.92 -49.64
N SER A 103 11.51 33.12 -50.20
CA SER A 103 10.54 33.69 -51.14
C SER A 103 10.56 32.95 -52.50
N ILE A 104 11.75 32.57 -52.95
CA ILE A 104 11.90 31.74 -54.16
C ILE A 104 11.18 30.41 -53.94
N LEU A 105 11.46 29.71 -52.85
CA LEU A 105 10.72 28.47 -52.55
C LEU A 105 9.21 28.70 -52.49
N ASN A 106 8.78 29.81 -51.91
CA ASN A 106 7.31 30.09 -51.87
C ASN A 106 6.75 30.26 -53.30
N LYS A 107 7.45 31.06 -54.10
CA LYS A 107 7.12 31.18 -55.51
C LYS A 107 7.10 29.85 -56.27
N VAL A 108 8.09 28.98 -56.06
CA VAL A 108 8.12 27.69 -56.75
C VAL A 108 6.91 26.84 -56.34
N GLU A 109 6.59 26.78 -55.05
CA GLU A 109 5.36 26.10 -54.64
C GLU A 109 4.08 26.63 -55.36
N GLU A 110 3.85 27.95 -55.34
CA GLU A 110 2.69 28.55 -56.04
C GLU A 110 2.67 28.15 -57.53
N ARG A 111 3.83 28.20 -58.18
CA ARG A 111 3.92 27.98 -59.61
C ARG A 111 3.69 26.53 -59.99
N MET A 112 4.22 25.61 -59.20
CA MET A 112 3.94 24.20 -59.40
C MET A 112 2.45 23.90 -59.23
N LYS A 113 1.72 24.71 -58.47
CA LYS A 113 0.26 24.57 -58.40
C LYS A 113 -0.45 24.94 -59.73
N GLU A 114 0.09 25.93 -60.45
CA GLU A 114 -0.27 26.17 -61.84
C GLU A 114 0.21 25.01 -62.69
N ARG A 122 2.89 14.94 -51.59
CA ARG A 122 3.56 15.11 -52.86
C ARG A 122 4.41 16.38 -52.99
N VAL A 123 4.40 17.22 -51.98
CA VAL A 123 5.45 18.22 -51.77
C VAL A 123 6.13 17.98 -50.40
N LYS A 124 7.47 17.97 -50.36
CA LYS A 124 8.19 18.00 -49.07
C LYS A 124 9.19 19.14 -48.95
N ARG A 125 9.03 19.93 -47.89
CA ARG A 125 9.88 21.08 -47.61
C ARG A 125 10.44 20.93 -46.20
N LEU A 126 11.46 20.09 -46.07
CA LEU A 126 12.12 19.86 -44.77
C LEU A 126 12.84 21.11 -44.28
N PRO A 127 13.06 21.23 -42.95
CA PRO A 127 13.82 22.35 -42.42
C PRO A 127 15.18 22.42 -43.13
N PRO A 128 15.61 23.63 -43.52
CA PRO A 128 16.92 23.90 -44.12
C PRO A 128 18.08 23.50 -43.21
N ILE A 129 19.12 22.90 -43.79
CA ILE A 129 20.24 22.44 -43.01
C ILE A 129 21.33 23.47 -43.07
N VAL A 130 21.82 23.83 -41.89
CA VAL A 130 22.95 24.71 -41.82
C VAL A 130 24.24 23.88 -41.88
N ARG A 131 25.08 24.28 -42.84
CA ARG A 131 26.35 23.63 -43.06
C ARG A 131 27.52 24.58 -42.74
N GLY A 132 28.50 24.07 -41.98
CA GLY A 132 29.59 24.88 -41.43
C GLY A 132 29.16 25.90 -40.37
N GLY A 133 28.06 25.66 -39.65
CA GLY A 133 27.60 26.64 -38.62
C GLY A 133 28.55 26.66 -37.43
N ALA A 134 28.68 27.80 -36.75
CA ALA A 134 29.48 27.87 -35.52
C ALA A 134 28.84 27.04 -34.37
N ILE A 135 27.53 26.86 -34.41
CA ILE A 135 26.87 26.03 -33.40
C ILE A 135 26.36 24.81 -34.16
N ASP A 136 26.94 23.66 -33.91
CA ASP A 136 26.57 22.47 -34.67
C ASP A 136 25.38 21.75 -34.00
N ARG A 137 24.30 21.58 -34.76
CA ARG A 137 23.03 21.10 -34.21
C ARG A 137 22.81 19.65 -34.48
N TYR A 138 23.62 19.08 -35.35
CA TYR A 138 23.36 17.75 -35.93
C TYR A 138 24.26 16.63 -35.36
N TRP A 139 23.62 15.67 -34.66
CA TRP A 139 24.33 14.61 -33.96
C TRP A 139 23.63 13.28 -34.23
N PRO A 140 23.98 12.62 -35.34
CA PRO A 140 23.25 11.42 -35.75
C PRO A 140 23.19 10.32 -34.70
N THR A 141 22.14 9.52 -34.77
CA THR A 141 21.92 8.51 -33.79
C THR A 141 22.90 7.31 -33.98
N ALA A 142 22.97 6.45 -32.97
CA ALA A 142 23.84 5.25 -33.05
C ALA A 142 23.48 4.37 -34.23
N ASP A 143 22.20 4.36 -34.64
CA ASP A 143 21.77 3.62 -35.80
C ASP A 143 21.83 4.45 -37.10
N GLY A 144 22.54 5.57 -37.06
CA GLY A 144 22.84 6.35 -38.27
C GLY A 144 21.71 7.17 -38.84
N ARG A 145 20.78 7.64 -37.98
CA ARG A 145 19.73 8.55 -38.44
C ARG A 145 20.13 10.01 -38.27
N LEU A 146 19.69 10.83 -39.22
CA LEU A 146 19.88 12.26 -39.11
C LEU A 146 18.88 12.87 -38.15
N VAL A 147 19.38 13.49 -37.07
CA VAL A 147 18.55 14.22 -36.12
C VAL A 147 19.17 15.57 -35.75
N GLU A 148 18.33 16.60 -35.80
CA GLU A 148 18.71 17.95 -35.42
C GLU A 148 18.21 18.27 -34.00
N TYR A 149 19.10 18.79 -33.16
CA TYR A 149 18.81 19.21 -31.78
C TYR A 149 18.59 20.70 -31.69
N ASP A 150 17.85 21.10 -30.68
CA ASP A 150 17.55 22.52 -30.37
C ASP A 150 18.69 23.22 -29.62
N ILE A 151 19.85 23.38 -30.29
CA ILE A 151 21.11 23.79 -29.64
C ILE A 151 21.27 25.25 -29.97
N ASP A 152 21.49 26.05 -28.95
CA ASP A 152 21.52 27.51 -29.08
C ASP A 152 22.84 28.10 -28.58
N GLU A 153 23.69 27.26 -27.99
CA GLU A 153 24.96 27.70 -27.41
C GLU A 153 25.98 26.55 -27.37
N VAL A 154 27.25 26.85 -27.71
CA VAL A 154 28.40 26.00 -27.38
C VAL A 154 28.92 26.48 -26.03
N VAL A 155 28.71 25.69 -25.01
CA VAL A 155 29.11 26.00 -23.66
C VAL A 155 30.63 25.67 -23.43
N TYR A 156 31.11 24.67 -24.16
CA TYR A 156 32.42 24.08 -23.92
C TYR A 156 32.76 23.12 -25.07
N ASP A 157 33.99 23.27 -25.59
CA ASP A 157 34.50 22.43 -26.66
C ASP A 157 36.04 22.43 -26.53
N GLU A 158 36.61 21.39 -25.93
CA GLU A 158 38.07 21.26 -25.89
C GLU A 158 38.45 19.82 -26.12
N ASP A 159 39.65 19.64 -26.65
CA ASP A 159 40.32 18.35 -26.70
C ASP A 159 41.10 18.11 -25.40
N SER A 160 40.78 17.02 -24.69
CA SER A 160 41.58 16.54 -23.55
C SER A 160 42.66 15.58 -24.10
N PRO A 161 43.58 15.12 -23.22
CA PRO A 161 44.54 14.13 -23.74
C PRO A 161 43.84 12.84 -24.25
N TYR A 162 42.57 12.65 -23.88
CA TYR A 162 41.87 11.39 -24.11
C TYR A 162 40.76 11.43 -25.14
N GLN A 163 40.09 12.58 -25.27
CA GLN A 163 38.93 12.66 -26.16
C GLN A 163 38.51 14.10 -26.36
N ASN A 164 37.76 14.36 -27.41
CA ASN A 164 37.08 15.65 -27.55
C ASN A 164 35.85 15.72 -26.62
N ILE A 165 35.72 16.83 -25.90
CA ILE A 165 34.64 17.05 -24.93
C ILE A 165 33.85 18.28 -25.37
N LYS A 166 32.58 18.08 -25.72
CA LYS A 166 31.65 19.21 -25.98
C LYS A 166 30.53 19.22 -24.96
N ILE A 167 30.16 20.41 -24.51
CA ILE A 167 28.93 20.62 -23.78
C ILE A 167 28.10 21.68 -24.55
N LEU A 168 26.95 21.25 -25.04
CA LEU A 168 26.10 22.10 -25.86
C LEU A 168 24.78 22.39 -25.19
N HIS A 169 24.33 23.65 -25.29
CA HIS A 169 23.06 23.98 -24.61
C HIS A 169 21.82 23.68 -25.47
N SER A 170 20.98 22.77 -24.95
CA SER A 170 19.70 22.47 -25.56
C SER A 170 18.59 23.14 -24.79
N LYS A 171 17.64 23.75 -25.50
CA LYS A 171 16.59 24.49 -24.81
C LYS A 171 15.73 23.55 -23.96
N GLN A 172 15.43 22.38 -24.50
CA GLN A 172 14.58 21.42 -23.81
C GLN A 172 15.38 20.42 -22.99
N PHE A 173 16.61 20.11 -23.41
CA PHE A 173 17.42 19.04 -22.69
C PHE A 173 18.41 19.61 -21.70
N GLY A 174 18.53 20.92 -21.69
CA GLY A 174 19.62 21.56 -20.93
C GLY A 174 20.96 21.25 -21.58
N ASN A 175 22.02 21.29 -20.80
CA ASN A 175 23.38 21.09 -21.32
C ASN A 175 23.53 19.64 -21.61
N ILE A 176 24.15 19.36 -22.75
CA ILE A 176 24.34 17.99 -23.27
C ILE A 176 25.82 17.73 -23.35
N LEU A 177 26.28 16.72 -22.62
CA LEU A 177 27.64 16.21 -22.72
C LEU A 177 27.80 15.28 -23.96
N ILE A 178 28.70 15.67 -24.86
CA ILE A 178 29.02 14.94 -26.07
C ILE A 178 30.54 14.57 -26.09
N LEU A 179 30.85 13.26 -26.07
CA LEU A 179 32.25 12.80 -26.02
C LEU A 179 32.65 12.13 -27.32
N SER A 180 33.70 12.63 -27.99
CA SER A 180 34.08 12.10 -29.32
C SER A 180 32.88 12.04 -30.25
N GLY A 181 32.03 13.06 -30.18
CA GLY A 181 30.84 13.16 -31.04
C GLY A 181 29.65 12.27 -30.72
N ASP A 182 29.64 11.66 -29.53
CA ASP A 182 28.59 10.72 -29.05
C ASP A 182 27.93 11.38 -27.85
N VAL A 183 26.64 11.68 -27.98
CA VAL A 183 25.82 12.21 -26.87
C VAL A 183 25.86 11.19 -25.74
N ASN A 184 26.40 11.59 -24.58
CA ASN A 184 26.44 10.71 -23.43
C ASN A 184 25.34 10.99 -22.40
N LEU A 185 25.04 12.26 -22.13
CA LEU A 185 24.08 12.62 -21.12
C LEU A 185 23.76 14.12 -21.21
N ALA A 186 22.51 14.44 -20.93
CA ALA A 186 22.04 15.81 -20.86
C ALA A 186 21.47 16.04 -19.49
N GLU A 187 21.24 17.32 -19.15
CA GLU A 187 20.68 17.62 -17.83
C GLU A 187 19.27 17.07 -17.65
N SER A 188 18.57 16.79 -18.74
CA SER A 188 17.21 16.21 -18.69
C SER A 188 17.21 14.68 -18.46
N ASP A 189 18.40 14.06 -18.44
CA ASP A 189 18.50 12.61 -18.56
C ASP A 189 18.58 11.84 -17.23
N LEU A 190 17.81 12.26 -16.23
CA LEU A 190 17.74 11.43 -15.01
C LEU A 190 17.26 9.97 -15.25
N ALA A 191 16.47 9.73 -16.31
CA ALA A 191 16.07 8.34 -16.68
C ALA A 191 17.24 7.40 -16.94
N TYR A 192 18.30 7.94 -17.55
CA TYR A 192 19.56 7.23 -17.75
C TYR A 192 20.18 6.79 -16.41
N THR A 193 20.38 7.78 -15.54
CA THR A 193 20.93 7.53 -14.25
C THR A 193 20.10 6.53 -13.42
N ARG A 194 18.79 6.69 -13.43
CA ARG A 194 17.88 5.77 -12.76
C ARG A 194 18.00 4.33 -13.29
N ALA A 195 18.19 4.17 -14.60
CA ALA A 195 18.18 2.84 -15.24
C ALA A 195 19.50 2.16 -14.94
N ILE A 196 20.57 2.95 -14.99
CA ILE A 196 21.92 2.42 -14.73
C ILE A 196 22.17 2.11 -13.25
N MET A 197 21.26 2.59 -12.38
CA MET A 197 21.26 2.25 -10.95
C MET A 197 20.30 1.15 -10.57
N GLY A 198 19.53 0.72 -11.55
CA GLY A 198 18.76 -0.51 -11.52
C GLY A 198 17.29 -0.24 -11.33
N SER A 199 16.88 0.96 -11.77
CA SER A 199 15.48 1.41 -11.85
C SER A 199 14.72 1.36 -10.52
N GLY A 200 15.34 1.86 -9.43
CA GLY A 200 14.67 2.03 -8.14
C GLY A 200 14.33 0.75 -7.40
N LYS A 201 14.88 -0.37 -7.88
CA LYS A 201 14.69 -1.66 -7.22
C LYS A 201 15.74 -1.95 -6.16
N GLU A 202 16.87 -1.22 -6.18
CA GLU A 202 18.02 -1.57 -5.34
C GLU A 202 18.05 -0.69 -4.09
N ASP A 203 18.60 -1.24 -3.01
CA ASP A 203 18.78 -0.51 -1.78
C ASP A 203 20.25 -0.27 -1.60
N TYR A 204 20.62 1.00 -1.67
CA TYR A 204 22.03 1.38 -1.62
C TYR A 204 22.53 1.65 -0.20
N THR A 205 21.65 1.61 0.80
CA THR A 205 22.03 2.05 2.14
C THR A 205 23.03 1.06 2.77
N GLY A 206 24.12 1.57 3.33
CA GLY A 206 25.16 0.70 3.88
C GLY A 206 25.95 -0.10 2.84
N LYS A 207 25.85 0.25 1.54
CA LYS A 207 26.46 -0.60 0.51
C LYS A 207 27.78 -0.05 0.01
N ASP A 208 28.59 -0.97 -0.53
CA ASP A 208 29.84 -0.59 -1.22
C ASP A 208 29.62 -0.58 -2.73
N VAL A 209 29.94 0.54 -3.38
CA VAL A 209 29.70 0.66 -4.82
C VAL A 209 30.96 1.09 -5.56
N LEU A 210 31.21 0.48 -6.73
CA LEU A 210 32.24 0.93 -7.69
C LEU A 210 31.56 1.48 -8.98
N ILE A 211 31.95 2.67 -9.40
CA ILE A 211 31.48 3.24 -10.66
C ILE A 211 32.69 3.38 -11.60
N LEU A 212 32.59 2.85 -12.82
CA LEU A 212 33.60 3.04 -13.87
C LEU A 212 33.15 4.17 -14.76
N GLY A 213 34.01 5.16 -14.90
CA GLY A 213 33.73 6.36 -15.66
C GLY A 213 32.77 7.19 -14.86
N GLY A 214 31.70 7.63 -15.50
CA GLY A 214 30.67 8.41 -14.81
C GLY A 214 31.09 9.86 -14.56
N GLY A 215 31.95 10.40 -15.42
CA GLY A 215 32.56 11.71 -15.22
C GLY A 215 31.63 12.89 -14.99
N ASP A 216 30.41 12.84 -15.50
CA ASP A 216 29.39 13.87 -15.23
C ASP A 216 28.93 13.91 -13.76
N GLY A 217 29.25 12.88 -12.95
CA GLY A 217 28.93 12.90 -11.54
C GLY A 217 27.52 12.49 -11.16
N GLY A 218 26.62 12.25 -12.14
CA GLY A 218 25.20 11.88 -11.84
C GLY A 218 24.94 10.68 -10.95
N ILE A 219 25.49 9.54 -11.31
CA ILE A 219 25.36 8.34 -10.46
C ILE A 219 25.97 8.55 -9.04
N LEU A 220 27.17 9.12 -8.98
CA LEU A 220 27.82 9.30 -7.66
C LEU A 220 26.88 10.10 -6.75
N CYS A 221 26.43 11.23 -7.27
CA CYS A 221 25.62 12.15 -6.50
C CYS A 221 24.31 11.55 -6.05
N GLU A 222 23.60 10.88 -6.97
CA GLU A 222 22.39 10.12 -6.64
C GLU A 222 22.55 9.02 -5.61
N ILE A 223 23.62 8.25 -5.74
CA ILE A 223 23.94 7.24 -4.74
C ILE A 223 24.38 7.91 -3.39
N VAL A 224 25.17 8.97 -3.43
CA VAL A 224 25.57 9.60 -2.14
C VAL A 224 24.32 9.94 -1.28
N LYS A 225 23.27 10.50 -1.91
CA LYS A 225 21.97 10.79 -1.28
C LYS A 225 21.30 9.56 -0.62
N LEU A 226 21.72 8.35 -0.99
CA LEU A 226 21.07 7.14 -0.46
C LEU A 226 21.85 6.55 0.69
N LYS A 227 22.88 7.27 1.10
CA LYS A 227 23.63 6.92 2.29
C LYS A 227 24.31 5.54 2.22
N PRO A 228 25.25 5.36 1.26
CA PRO A 228 25.96 4.09 1.10
C PRO A 228 27.12 4.06 2.11
N LYS A 229 27.76 2.89 2.30
CA LYS A 229 28.98 2.81 3.12
C LYS A 229 30.08 3.53 2.35
N MET A 230 30.20 3.18 1.06
CA MET A 230 31.24 3.79 0.24
C MET A 230 30.91 3.71 -1.24
N VAL A 231 31.18 4.81 -1.94
CA VAL A 231 31.09 4.83 -3.39
C VAL A 231 32.45 5.23 -3.93
N THR A 232 32.98 4.38 -4.77
CA THR A 232 34.25 4.65 -5.41
C THR A 232 33.99 4.81 -6.89
N MET A 233 34.43 5.95 -7.47
CA MET A 233 34.23 6.29 -8.87
C MET A 233 35.59 6.46 -9.55
N VAL A 234 35.80 5.78 -10.67
CA VAL A 234 37.10 5.78 -11.35
C VAL A 234 36.96 6.32 -12.76
N GLU A 235 37.41 7.56 -12.91
CA GLU A 235 37.19 8.37 -14.12
C GLU A 235 38.54 8.82 -14.64
N ILE A 236 38.82 8.52 -15.90
CA ILE A 236 40.14 8.75 -16.47
C ILE A 236 40.40 10.21 -16.72
N ASP A 237 39.33 10.99 -16.96
CA ASP A 237 39.47 12.33 -17.58
C ASP A 237 39.07 13.47 -16.67
N GLN A 238 40.08 14.10 -16.06
CA GLN A 238 39.91 15.29 -15.24
C GLN A 238 39.13 16.41 -15.96
N MET A 239 39.26 16.48 -17.28
CA MET A 239 38.62 17.57 -18.00
C MET A 239 37.11 17.33 -18.14
N VAL A 240 36.68 16.08 -18.17
CA VAL A 240 35.23 15.78 -18.17
C VAL A 240 34.68 16.18 -16.78
N ILE A 241 35.41 15.83 -15.72
CA ILE A 241 34.98 16.17 -14.34
C ILE A 241 34.87 17.70 -14.17
N ASP A 242 35.87 18.41 -14.65
CA ASP A 242 35.95 19.89 -14.53
C ASP A 242 34.86 20.56 -15.34
N GLY A 243 34.70 20.14 -16.59
CA GLY A 243 33.58 20.56 -17.47
C GLY A 243 32.21 20.35 -16.86
N CYS A 244 31.96 19.13 -16.40
CA CYS A 244 30.66 18.79 -15.83
C CYS A 244 30.37 19.46 -14.49
N LYS A 245 31.39 19.69 -13.64
CA LYS A 245 31.18 20.47 -12.43
C LYS A 245 30.66 21.87 -12.70
N LYS A 246 31.24 22.51 -13.71
CA LYS A 246 30.97 23.88 -14.11
C LYS A 246 29.64 24.01 -14.85
N TYR A 247 29.37 23.05 -15.73
CA TYR A 247 28.29 23.17 -16.67
C TYR A 247 27.16 22.15 -16.59
N MET A 248 27.33 21.03 -15.90
CA MET A 248 26.25 20.03 -15.79
C MET A 248 25.64 20.04 -14.41
N ARG A 249 24.64 20.89 -14.19
CA ARG A 249 24.15 21.18 -12.86
C ARG A 249 22.76 20.67 -12.55
N LYS A 250 22.22 19.78 -13.37
CA LYS A 250 20.77 19.42 -13.36
C LYS A 250 19.89 20.43 -14.15
N VAL A 255 27.85 19.33 -4.02
CA VAL A 255 28.89 18.32 -3.86
C VAL A 255 29.75 18.33 -5.12
N LEU A 256 30.74 17.44 -5.14
CA LEU A 256 31.77 17.38 -6.19
C LEU A 256 32.67 18.62 -6.26
N ASP A 257 32.39 19.61 -5.41
CA ASP A 257 33.38 20.61 -4.99
C ASP A 257 34.61 19.91 -4.41
N ASN A 258 34.35 18.81 -3.70
CA ASN A 258 35.37 17.92 -3.19
C ASN A 258 35.23 16.53 -3.82
N LEU A 259 36.36 15.97 -4.23
CA LEU A 259 36.38 14.66 -4.87
C LEU A 259 36.50 13.51 -3.87
N LYS A 260 36.46 13.84 -2.57
CA LYS A 260 36.37 12.87 -1.48
C LYS A 260 35.38 13.38 -0.45
N GLY A 261 34.70 12.47 0.23
CA GLY A 261 33.77 12.83 1.26
C GLY A 261 33.64 11.68 2.23
N ASP A 262 32.71 11.83 3.17
CA ASP A 262 32.34 10.85 4.17
C ASP A 262 32.20 9.46 3.57
N CYS A 263 31.44 9.37 2.48
CA CYS A 263 31.08 8.08 1.93
C CYS A 263 31.45 7.90 0.45
N TYR A 264 32.41 8.69 -0.03
CA TYR A 264 32.80 8.62 -1.46
C TYR A 264 34.22 9.08 -1.77
N GLN A 265 34.77 8.58 -2.87
CA GLN A 265 36.07 9.04 -3.37
C GLN A 265 36.05 8.89 -4.88
N VAL A 266 36.62 9.86 -5.59
CA VAL A 266 36.76 9.83 -7.02
C VAL A 266 38.25 9.66 -7.27
N LEU A 267 38.60 8.66 -8.08
CA LEU A 267 39.96 8.42 -8.46
C LEU A 267 40.08 8.84 -9.88
N ILE A 268 41.00 9.75 -10.12
CA ILE A 268 41.28 10.22 -11.45
C ILE A 268 42.34 9.34 -12.07
N GLU A 269 41.89 8.25 -12.70
CA GLU A 269 42.79 7.33 -13.42
C GLU A 269 42.04 6.37 -14.32
N ASP A 270 42.79 5.69 -15.20
CA ASP A 270 42.27 4.60 -16.01
C ASP A 270 41.67 3.55 -15.08
N CYS A 271 40.41 3.15 -15.33
CA CYS A 271 39.82 2.14 -14.45
C CYS A 271 40.35 0.73 -14.68
N ILE A 272 41.04 0.46 -15.78
CA ILE A 272 41.50 -0.92 -16.00
C ILE A 272 42.62 -1.34 -15.01
N PRO A 273 43.70 -0.56 -14.90
CA PRO A 273 44.68 -0.92 -13.86
C PRO A 273 44.08 -1.03 -12.47
N VAL A 274 43.08 -0.19 -12.16
CA VAL A 274 42.48 -0.15 -10.83
C VAL A 274 41.68 -1.41 -10.58
N LEU A 275 40.85 -1.83 -11.54
CA LEU A 275 40.10 -3.11 -11.49
C LEU A 275 41.05 -4.28 -11.32
N LYS A 276 42.16 -4.26 -12.04
CA LYS A 276 43.15 -5.36 -11.97
C LYS A 276 43.74 -5.49 -10.59
N ARG A 277 44.02 -4.34 -9.96
CA ARG A 277 44.51 -4.27 -8.60
C ARG A 277 43.44 -4.75 -7.60
N TYR A 278 42.21 -4.27 -7.72
CA TYR A 278 41.13 -4.75 -6.83
C TYR A 278 40.87 -6.27 -6.97
N ALA A 279 40.87 -6.78 -8.20
CA ALA A 279 40.72 -8.22 -8.42
C ALA A 279 41.85 -9.01 -7.76
N LYS A 280 43.08 -8.51 -7.90
CA LYS A 280 44.28 -9.11 -7.27
C LYS A 280 44.18 -9.09 -5.75
N GLU A 281 43.71 -7.97 -5.20
CA GLU A 281 43.45 -7.81 -3.77
C GLU A 281 42.29 -8.62 -3.23
N GLY A 282 41.42 -9.13 -4.10
CA GLY A 282 40.18 -9.80 -3.70
C GLY A 282 39.18 -8.81 -3.11
N ARG A 283 39.26 -7.55 -3.50
CA ARG A 283 38.33 -6.57 -3.03
C ARG A 283 36.99 -6.75 -3.76
N GLU A 284 35.89 -6.58 -3.04
CA GLU A 284 34.56 -6.83 -3.63
C GLU A 284 33.57 -5.67 -3.33
N PHE A 285 32.55 -5.52 -4.18
CA PHE A 285 31.56 -4.44 -4.08
C PHE A 285 30.17 -5.04 -4.21
N ASP A 286 29.19 -4.46 -3.51
CA ASP A 286 27.79 -4.86 -3.65
C ASP A 286 27.23 -4.50 -5.03
N TYR A 287 27.77 -3.43 -5.63
CA TYR A 287 27.34 -3.03 -6.96
C TYR A 287 28.55 -2.53 -7.74
N VAL A 288 28.58 -2.86 -9.01
CA VAL A 288 29.57 -2.30 -9.91
C VAL A 288 28.72 -1.74 -11.04
N ILE A 289 28.89 -0.45 -11.32
CA ILE A 289 28.12 0.25 -12.32
C ILE A 289 29.11 0.70 -13.40
N ASN A 290 28.96 0.15 -14.61
CA ASN A 290 29.83 0.50 -15.74
C ASN A 290 29.18 1.65 -16.53
N ASP A 291 29.62 2.86 -16.24
CA ASP A 291 29.17 4.06 -16.98
C ASP A 291 30.31 4.64 -17.86
N LEU A 292 31.05 3.77 -18.51
CA LEU A 292 32.10 4.16 -19.44
C LEU A 292 31.56 4.70 -20.74
N THR A 293 32.41 5.32 -21.58
CA THR A 293 32.02 5.64 -22.92
C THR A 293 31.72 4.36 -23.74
N ALA A 294 30.98 4.50 -24.84
CA ALA A 294 30.65 3.34 -25.70
C ALA A 294 31.88 2.52 -26.17
N VAL A 295 32.88 3.18 -26.72
CA VAL A 295 34.25 2.63 -26.79
C VAL A 295 35.01 3.16 -25.53
N PRO A 296 35.29 2.27 -24.56
CA PRO A 296 36.09 2.63 -23.39
C PRO A 296 37.46 3.14 -23.82
N ILE A 297 38.00 4.10 -23.10
CA ILE A 297 39.30 4.71 -23.46
C ILE A 297 40.52 3.82 -23.11
N SER A 298 41.45 3.71 -24.04
CA SER A 298 42.61 2.86 -23.84
C SER A 298 43.82 3.70 -24.12
N THR A 299 44.87 3.58 -23.30
CA THR A 299 46.08 4.37 -23.53
C THR A 299 47.17 3.60 -24.30
N SER A 300 46.90 2.34 -24.61
CA SER A 300 47.67 1.55 -25.59
C SER A 300 46.78 1.36 -26.82
N SER A 305 37.80 -7.88 -31.37
CA SER A 305 38.76 -7.42 -30.38
C SER A 305 38.32 -6.15 -29.64
N THR A 306 37.49 -5.33 -30.28
CA THR A 306 36.71 -4.37 -29.54
C THR A 306 35.90 -5.19 -28.50
N TRP A 307 35.43 -6.37 -28.91
CA TRP A 307 34.62 -7.27 -28.04
C TRP A 307 35.43 -7.93 -26.93
N GLU A 308 36.71 -8.19 -27.23
CA GLU A 308 37.63 -8.74 -26.24
C GLU A 308 37.88 -7.71 -25.11
N PHE A 309 38.07 -6.44 -25.49
CA PHE A 309 38.23 -5.36 -24.49
C PHE A 309 37.00 -5.24 -23.58
N LEU A 310 35.80 -5.27 -24.17
CA LEU A 310 34.56 -5.26 -23.37
C LEU A 310 34.45 -6.51 -22.46
N ARG A 311 34.86 -7.68 -22.97
CA ARG A 311 34.90 -8.91 -22.19
C ARG A 311 35.83 -8.79 -21.01
N LEU A 312 37.01 -8.16 -21.22
CA LEU A 312 37.98 -7.90 -20.13
C LEU A 312 37.38 -7.07 -18.98
N ILE A 313 36.67 -6.03 -19.36
CA ILE A 313 36.10 -5.13 -18.39
C ILE A 313 35.01 -5.85 -17.64
N LEU A 314 34.20 -6.62 -18.37
CA LEU A 314 33.14 -7.43 -17.75
C LEU A 314 33.73 -8.47 -16.82
N ASP A 315 34.87 -9.05 -17.22
CA ASP A 315 35.43 -10.18 -16.42
C ASP A 315 36.04 -9.60 -15.12
N LEU A 316 36.79 -8.51 -15.24
CA LEU A 316 37.30 -7.80 -14.02
C LEU A 316 36.19 -7.33 -13.09
N SER A 317 35.15 -6.71 -13.66
CA SER A 317 33.97 -6.32 -12.87
C SER A 317 33.27 -7.49 -12.12
N MET A 318 33.10 -8.64 -12.77
CA MET A 318 32.50 -9.79 -12.04
C MET A 318 33.46 -10.23 -10.93
N LYS A 319 34.73 -10.15 -11.21
CA LYS A 319 35.74 -10.55 -10.20
C LYS A 319 35.66 -9.73 -8.92
N VAL A 320 35.36 -8.42 -9.06
CA VAL A 320 35.25 -7.53 -7.89
C VAL A 320 33.82 -7.43 -7.33
N LEU A 321 32.93 -8.32 -7.78
CA LEU A 321 31.51 -8.23 -7.46
C LEU A 321 31.17 -9.30 -6.45
N LYS A 322 30.49 -8.90 -5.38
CA LYS A 322 29.96 -9.87 -4.43
C LYS A 322 29.05 -10.93 -5.08
N GLN A 323 29.07 -12.16 -4.55
CA GLN A 323 28.29 -13.23 -5.15
C GLN A 323 26.82 -12.83 -5.20
N ASP A 324 26.34 -12.06 -4.24
CA ASP A 324 24.92 -11.66 -4.21
C ASP A 324 24.72 -10.25 -4.80
N GLY A 325 25.77 -9.68 -5.39
CA GLY A 325 25.73 -8.30 -5.91
C GLY A 325 25.18 -8.21 -7.32
N LYS A 326 25.17 -7.01 -7.88
CA LYS A 326 24.71 -6.86 -9.24
C LYS A 326 25.57 -5.85 -9.99
N TYR A 327 25.74 -6.11 -11.27
CA TYR A 327 26.45 -5.22 -12.18
C TYR A 327 25.47 -4.51 -13.11
N PHE A 328 25.61 -3.20 -13.30
CA PHE A 328 24.71 -2.53 -14.22
C PHE A 328 25.54 -1.87 -15.32
N THR A 329 24.96 -1.75 -16.52
CA THR A 329 25.60 -1.00 -17.58
C THR A 329 24.61 -0.51 -18.63
N GLN A 330 25.02 0.49 -19.39
CA GLN A 330 24.31 0.89 -20.61
C GLN A 330 24.77 -0.05 -21.75
N GLY A 331 23.84 -0.44 -22.61
CA GLY A 331 24.09 -1.43 -23.62
C GLY A 331 24.30 -0.73 -24.93
N ASN A 332 23.23 -0.56 -25.68
CA ASN A 332 23.28 0.12 -26.98
C ASN A 332 21.88 0.50 -27.34
N CYS A 333 21.79 1.21 -28.44
CA CYS A 333 20.59 1.38 -29.24
C CYS A 333 19.81 0.07 -29.50
N VAL A 334 18.52 0.06 -29.18
CA VAL A 334 17.62 -1.07 -29.48
C VAL A 334 17.69 -1.60 -30.93
N ASN A 335 17.93 -0.72 -31.90
CA ASN A 335 18.05 -1.17 -33.30
C ASN A 335 19.30 -1.94 -33.67
N LEU A 336 20.33 -1.87 -32.83
CA LEU A 336 21.62 -2.45 -33.19
C LEU A 336 21.64 -3.87 -32.68
N THR A 337 20.77 -4.69 -33.24
CA THR A 337 20.61 -6.10 -32.82
C THR A 337 21.86 -6.96 -32.97
N GLU A 338 22.70 -6.71 -33.97
CA GLU A 338 23.92 -7.49 -34.11
C GLU A 338 24.93 -7.15 -33.02
N ALA A 339 25.12 -5.85 -32.74
CA ALA A 339 26.05 -5.45 -31.69
C ALA A 339 25.50 -5.92 -30.33
N LEU A 340 24.20 -5.92 -30.13
CA LEU A 340 23.67 -6.40 -28.86
C LEU A 340 23.98 -7.90 -28.66
N SER A 341 23.75 -8.66 -29.72
CA SER A 341 24.08 -10.05 -29.81
C SER A 341 25.58 -10.34 -29.59
N LEU A 342 26.48 -9.65 -30.27
CA LEU A 342 27.90 -9.80 -30.01
C LEU A 342 28.32 -9.46 -28.58
N TYR A 343 27.72 -8.39 -28.03
CA TYR A 343 27.88 -8.11 -26.61
C TYR A 343 27.41 -9.28 -25.67
N GLU A 344 26.20 -9.78 -25.87
CA GLU A 344 25.70 -10.85 -25.00
C GLU A 344 26.50 -12.13 -25.17
N GLU A 345 27.21 -12.30 -26.30
CA GLU A 345 28.09 -13.47 -26.48
C GLU A 345 29.24 -13.36 -25.45
N GLN A 346 29.74 -12.14 -25.20
CA GLN A 346 30.83 -11.95 -24.19
C GLN A 346 30.46 -12.29 -22.75
N LEU A 347 29.19 -12.16 -22.43
CA LEU A 347 28.68 -12.52 -21.11
C LEU A 347 28.86 -14.01 -20.81
N GLY A 348 28.80 -14.85 -21.83
CA GLY A 348 29.08 -16.28 -21.69
C GLY A 348 30.56 -16.61 -21.61
N ARG A 349 31.43 -15.60 -21.62
CA ARG A 349 32.89 -15.84 -21.74
C ARG A 349 33.71 -15.32 -20.54
N LEU A 350 33.08 -15.31 -19.36
CA LEU A 350 33.72 -14.80 -18.14
C LEU A 350 34.20 -15.95 -17.21
N TYR A 351 34.94 -15.63 -16.15
CA TYR A 351 35.56 -16.64 -15.28
C TYR A 351 34.49 -17.46 -14.55
N CYS A 352 33.25 -16.94 -14.52
CA CYS A 352 32.16 -17.56 -13.77
C CYS A 352 30.85 -17.46 -14.59
N PRO A 353 29.91 -18.41 -14.39
CA PRO A 353 28.58 -18.27 -15.02
C PRO A 353 27.75 -17.07 -14.51
N VAL A 354 27.09 -16.36 -15.42
CA VAL A 354 26.29 -15.20 -15.05
C VAL A 354 24.94 -15.35 -15.68
N GLU A 355 23.98 -14.57 -15.17
CA GLU A 355 22.68 -14.43 -15.74
C GLU A 355 22.53 -12.93 -16.00
N PHE A 356 21.62 -12.55 -16.88
CA PHE A 356 21.42 -11.12 -17.15
C PHE A 356 19.99 -10.85 -17.57
N SER A 357 19.57 -9.61 -17.36
CA SER A 357 18.31 -9.16 -17.89
C SER A 357 18.59 -7.81 -18.56
N LYS A 358 17.67 -7.40 -19.40
CA LYS A 358 17.74 -6.11 -20.06
C LYS A 358 16.39 -5.36 -20.02
N GLU A 359 16.46 -4.04 -20.16
CA GLU A 359 15.35 -3.10 -19.97
C GLU A 359 15.57 -2.07 -21.05
N ILE A 360 14.50 -1.72 -21.77
CA ILE A 360 14.49 -0.66 -22.77
C ILE A 360 14.03 0.63 -22.06
N VAL A 361 14.78 1.70 -22.29
CA VAL A 361 14.62 2.93 -21.54
C VAL A 361 14.59 4.07 -22.53
N CYS A 362 13.72 5.04 -22.27
CA CYS A 362 13.69 6.24 -23.06
C CYS A 362 14.42 7.38 -22.28
N VAL A 363 15.63 7.71 -22.76
CA VAL A 363 16.42 8.79 -22.22
C VAL A 363 16.16 10.00 -23.11
N PRO A 364 15.55 11.05 -22.52
CA PRO A 364 15.07 12.21 -23.28
C PRO A 364 15.97 12.65 -24.45
N SER A 365 17.24 12.93 -24.18
CA SER A 365 18.17 13.52 -25.20
C SER A 365 18.73 12.54 -26.23
N TYR A 366 18.50 11.24 -26.06
CA TYR A 366 19.12 10.25 -26.92
C TYR A 366 18.51 10.14 -28.31
N LEU A 367 17.21 10.39 -28.39
CA LEU A 367 16.38 10.40 -29.62
C LEU A 367 16.35 9.03 -30.26
N GLU A 368 16.66 8.01 -29.43
CA GLU A 368 16.49 6.62 -29.81
C GLU A 368 16.35 5.81 -28.52
N LEU A 369 15.66 4.67 -28.57
CA LEU A 369 15.53 3.88 -27.34
C LEU A 369 16.85 3.12 -27.05
N TRP A 370 17.14 2.89 -25.78
CA TRP A 370 18.42 2.36 -25.35
C TRP A 370 18.17 1.15 -24.48
N VAL A 371 19.03 0.13 -24.60
CA VAL A 371 18.93 -1.10 -23.77
C VAL A 371 19.90 -0.93 -22.60
N PHE A 372 19.48 -1.27 -21.36
CA PHE A 372 20.40 -1.28 -20.15
C PHE A 372 20.37 -2.68 -19.59
N TYR A 373 21.53 -3.15 -19.16
CA TYR A 373 21.76 -4.53 -18.74
C TYR A 373 21.97 -4.58 -17.25
N THR A 374 21.42 -5.62 -16.66
CA THR A 374 21.71 -5.96 -15.27
C THR A 374 22.31 -7.36 -15.30
N VAL A 375 23.46 -7.54 -14.67
CA VAL A 375 24.18 -8.83 -14.69
C VAL A 375 24.50 -9.31 -13.27
N TRP A 376 24.40 -10.62 -13.06
CA TRP A 376 24.65 -11.15 -11.74
C TRP A 376 25.14 -12.59 -11.89
N LYS A 377 25.84 -13.08 -10.88
CA LYS A 377 26.43 -14.44 -10.92
C LYS A 377 25.37 -15.51 -10.64
N LYS A 378 25.50 -16.62 -11.36
CA LYS A 378 24.65 -17.78 -11.15
C LYS A 378 25.07 -18.36 -9.80
N ALA A 379 24.10 -18.86 -9.03
CA ALA A 379 24.36 -19.50 -7.73
C ALA A 379 25.32 -20.70 -7.79
N LYS A 380 25.72 -21.18 -6.60
CA LYS A 380 26.25 -22.56 -6.38
C LYS A 380 27.64 -22.83 -6.94
N SER B 19 17.21 10.68 -56.18
CA SER B 19 16.56 10.27 -54.90
C SER B 19 17.48 9.99 -53.68
N ARG B 20 18.80 9.90 -53.82
CA ARG B 20 19.61 9.97 -52.60
C ARG B 20 20.63 11.09 -52.68
N HIS B 21 20.61 11.92 -51.65
CA HIS B 21 21.44 13.13 -51.62
C HIS B 21 22.45 13.02 -50.51
N SER B 22 23.72 13.05 -50.88
CA SER B 22 24.80 12.88 -49.91
C SER B 22 25.56 14.16 -49.82
N THR B 23 26.05 14.45 -48.60
CA THR B 23 26.81 15.67 -48.31
C THR B 23 28.11 15.39 -47.53
N LEU B 24 29.07 16.30 -47.73
CA LEU B 24 30.32 16.32 -47.02
C LEU B 24 30.73 17.76 -46.83
N ASP B 25 31.03 18.18 -45.59
CA ASP B 25 31.35 19.58 -45.28
C ASP B 25 32.75 19.62 -44.69
N PHE B 26 33.60 20.49 -45.20
CA PHE B 26 34.95 20.69 -44.62
C PHE B 26 35.08 22.11 -44.11
N MET B 27 35.47 22.25 -42.84
CA MET B 27 35.67 23.53 -42.19
C MET B 27 37.17 23.72 -41.93
N LEU B 28 37.82 24.62 -42.68
CA LEU B 28 39.30 24.72 -42.72
C LEU B 28 39.79 26.14 -42.43
N GLY B 29 40.96 26.49 -42.94
CA GLY B 29 41.26 27.90 -43.28
C GLY B 29 41.42 28.84 -42.11
N ASP B 33 43.29 27.47 -49.35
CA ASP B 33 43.24 28.06 -50.69
C ASP B 33 42.27 27.38 -51.65
N GLY B 34 41.27 28.16 -52.07
CA GLY B 34 40.13 27.66 -52.85
C GLY B 34 40.52 27.01 -54.17
N GLU B 35 41.34 27.71 -54.94
CA GLU B 35 41.83 27.22 -56.22
C GLU B 35 42.64 25.92 -56.11
N THR B 36 43.48 25.82 -55.08
CA THR B 36 44.24 24.59 -54.82
C THR B 36 43.34 23.38 -54.51
N ILE B 37 42.28 23.62 -53.74
CA ILE B 37 41.34 22.55 -53.45
C ILE B 37 40.57 22.14 -54.72
N LEU B 38 40.06 23.12 -55.46
CA LEU B 38 39.35 22.87 -56.72
C LEU B 38 40.17 21.99 -57.62
N LYS B 39 41.40 22.43 -57.89
CA LYS B 39 42.28 21.68 -58.76
C LYS B 39 42.68 20.32 -58.14
N GLY B 40 42.93 20.29 -56.84
CA GLY B 40 43.33 19.04 -56.15
C GLY B 40 42.29 17.93 -56.11
N LEU B 41 41.01 18.32 -56.26
CA LEU B 41 39.89 17.37 -56.19
C LEU B 41 39.31 16.91 -57.54
N GLN B 42 39.65 17.62 -58.60
CA GLN B 42 38.96 17.48 -59.88
C GLN B 42 39.19 16.13 -60.56
N SER B 43 40.33 15.50 -60.30
CA SER B 43 40.65 14.22 -60.92
C SER B 43 39.79 13.11 -60.32
N ILE B 44 39.29 13.30 -59.09
CA ILE B 44 38.36 12.31 -58.52
C ILE B 44 37.14 12.19 -59.43
N PHE B 45 36.59 13.34 -59.85
CA PHE B 45 35.43 13.36 -60.73
C PHE B 45 35.79 13.02 -62.18
N GLN B 46 36.87 13.64 -62.66
CA GLN B 46 37.37 13.43 -64.00
C GLN B 46 37.59 11.96 -64.36
N GLU B 47 38.26 11.21 -63.47
CA GLU B 47 38.43 9.77 -63.58
C GLU B 47 37.12 8.92 -63.51
N GLN B 48 36.06 9.46 -62.91
CA GLN B 48 34.75 8.78 -62.91
C GLN B 48 34.00 9.01 -64.23
N GLY B 49 34.61 9.78 -65.13
CA GLY B 49 34.08 10.08 -66.46
C GLY B 49 33.12 11.25 -66.50
N MET B 50 33.15 12.08 -65.44
CA MET B 50 32.17 13.15 -65.28
C MET B 50 32.58 14.43 -66.01
N ALA B 51 31.58 15.16 -66.53
CA ALA B 51 31.74 16.48 -67.11
C ALA B 51 31.67 17.57 -66.05
N GLU B 52 32.56 18.56 -66.16
CA GLU B 52 32.78 19.58 -65.16
C GLU B 52 32.64 20.96 -65.74
N SER B 53 31.73 21.74 -65.16
CA SER B 53 31.75 23.18 -65.38
C SER B 53 32.06 23.90 -64.07
N VAL B 54 32.70 25.07 -64.18
CA VAL B 54 33.13 25.84 -63.01
C VAL B 54 32.64 27.30 -63.03
N HIS B 55 31.86 27.66 -62.02
CA HIS B 55 31.51 29.07 -61.82
C HIS B 55 32.40 29.75 -60.79
N THR B 56 32.94 30.92 -61.17
CA THR B 56 33.74 31.69 -60.24
C THR B 56 33.06 33.02 -59.96
N TRP B 57 33.09 33.42 -58.69
CA TRP B 57 32.63 34.74 -58.28
C TRP B 57 33.88 35.60 -58.01
N GLN B 58 33.76 36.92 -58.09
CA GLN B 58 34.76 37.84 -57.49
C GLN B 58 34.71 37.60 -55.98
N ASP B 59 35.80 37.06 -55.45
CA ASP B 59 35.78 36.17 -54.25
C ASP B 59 34.47 36.01 -53.43
N HIS B 60 33.50 35.29 -54.01
CA HIS B 60 32.58 34.43 -53.26
C HIS B 60 32.93 32.97 -53.56
N GLY B 61 34.13 32.78 -54.10
CA GLY B 61 34.75 31.48 -54.32
C GLY B 61 34.35 30.85 -55.64
N TYR B 62 34.16 29.53 -55.61
CA TYR B 62 33.89 28.75 -56.79
C TYR B 62 32.69 27.83 -56.58
N LEU B 63 31.92 27.62 -57.65
CA LEU B 63 31.02 26.47 -57.75
C LEU B 63 31.40 25.58 -58.91
N ALA B 64 31.83 24.35 -58.62
CA ALA B 64 32.03 23.29 -59.63
C ALA B 64 30.86 22.32 -59.72
N THR B 65 30.33 22.15 -60.91
CA THR B 65 29.27 21.20 -61.18
C THR B 65 29.74 20.03 -62.06
N TYR B 66 29.46 18.81 -61.60
CA TYR B 66 29.87 17.59 -62.32
C TYR B 66 28.69 16.74 -62.68
N THR B 67 28.61 16.34 -63.95
CA THR B 67 27.50 15.51 -64.43
C THR B 67 27.98 14.12 -64.86
N ASN B 68 27.22 13.11 -64.50
CA ASN B 68 27.49 11.75 -64.92
C ASN B 68 26.49 11.28 -65.99
N LYS B 69 26.93 10.36 -66.86
CA LYS B 69 26.06 9.77 -67.90
C LYS B 69 24.86 9.00 -67.35
N ASN B 70 25.02 8.41 -66.17
CA ASN B 70 23.95 7.65 -65.50
C ASN B 70 22.86 8.52 -64.81
N GLY B 71 23.00 9.85 -64.88
CA GLY B 71 21.93 10.74 -64.39
C GLY B 71 22.19 11.30 -63.00
N SER B 72 23.33 10.96 -62.41
CA SER B 72 23.73 11.52 -61.13
C SER B 72 24.57 12.79 -61.38
N PHE B 73 24.70 13.62 -60.35
CA PHE B 73 25.51 14.82 -60.41
C PHE B 73 26.12 15.20 -59.08
N ALA B 74 27.15 16.03 -59.16
CA ALA B 74 27.73 16.57 -57.96
C ALA B 74 27.92 18.05 -58.10
N ASN B 75 28.02 18.69 -56.93
CA ASN B 75 28.28 20.11 -56.79
C ASN B 75 29.31 20.28 -55.74
N LEU B 76 30.38 20.95 -56.10
CA LEU B 76 31.42 21.29 -55.17
C LEU B 76 31.47 22.83 -54.99
N ARG B 77 31.13 23.29 -53.79
CA ARG B 77 31.02 24.73 -53.50
C ARG B 77 32.16 25.14 -52.59
N ILE B 78 33.02 26.01 -53.09
CA ILE B 78 34.20 26.40 -52.34
C ILE B 78 34.12 27.87 -51.95
N TYR B 79 33.87 28.09 -50.67
CA TYR B 79 33.67 29.46 -50.18
C TYR B 79 35.01 30.14 -49.95
N PRO B 80 35.00 31.49 -49.89
CA PRO B 80 36.29 32.18 -49.77
C PRO B 80 37.11 31.98 -48.46
N HIS B 81 36.52 31.42 -47.40
CA HIS B 81 37.12 31.41 -46.05
C HIS B 81 37.34 30.04 -45.35
N GLY B 82 37.72 28.99 -46.07
CA GLY B 82 37.80 27.67 -45.41
C GLY B 82 36.43 27.07 -45.10
N LEU B 83 35.61 26.97 -46.13
CA LEU B 83 34.37 26.17 -46.14
C LEU B 83 34.21 25.60 -47.55
N VAL B 84 34.18 24.28 -47.62
CA VAL B 84 34.02 23.53 -48.84
C VAL B 84 32.90 22.52 -48.58
N LEU B 85 31.85 22.60 -49.39
CA LEU B 85 30.67 21.80 -49.26
C LEU B 85 30.58 20.98 -50.53
N LEU B 86 30.42 19.67 -50.37
CA LEU B 86 30.17 18.79 -51.50
C LEU B 86 28.80 18.15 -51.37
N ASP B 87 28.10 18.12 -52.50
CA ASP B 87 26.79 17.47 -52.63
C ASP B 87 26.86 16.50 -53.78
N LEU B 88 26.39 15.29 -53.57
CA LEU B 88 26.20 14.34 -54.64
C LEU B 88 24.73 13.92 -54.64
N GLN B 89 24.13 13.84 -55.83
CA GLN B 89 22.78 13.41 -55.98
C GLN B 89 22.73 12.28 -56.97
N SER B 90 22.11 11.19 -56.55
CA SER B 90 22.02 9.99 -57.35
C SER B 90 20.76 10.05 -58.21
N TYR B 91 20.57 8.98 -58.96
CA TYR B 91 19.35 8.70 -59.72
C TYR B 91 18.72 7.49 -58.99
N ASP B 92 19.05 7.38 -57.71
CA ASP B 92 19.11 6.08 -57.00
C ASP B 92 17.79 5.48 -56.54
N GLN B 96 24.40 0.12 -57.20
CA GLN B 96 25.68 0.35 -57.87
C GLN B 96 26.05 1.82 -57.80
N GLY B 97 25.09 2.69 -58.14
CA GLY B 97 25.24 4.16 -58.07
C GLY B 97 25.47 4.71 -56.67
N LYS B 98 24.87 4.08 -55.65
CA LYS B 98 25.13 4.37 -54.23
C LYS B 98 26.60 4.08 -53.83
N GLU B 99 27.13 2.91 -54.22
CA GLU B 99 28.54 2.60 -53.96
C GLU B 99 29.52 3.55 -54.69
N GLU B 100 29.17 3.97 -55.89
CA GLU B 100 29.98 4.92 -56.66
C GLU B 100 30.10 6.28 -55.94
N ILE B 101 28.99 6.76 -55.38
CA ILE B 101 28.93 8.02 -54.62
C ILE B 101 29.68 7.91 -53.30
N ASP B 102 29.38 6.87 -52.52
CA ASP B 102 30.12 6.56 -51.32
C ASP B 102 31.64 6.49 -51.59
N SER B 103 32.02 5.91 -52.72
CA SER B 103 33.44 5.82 -53.09
C SER B 103 34.04 7.20 -53.38
N ILE B 104 33.30 8.04 -54.08
CA ILE B 104 33.77 9.40 -54.37
C ILE B 104 33.99 10.14 -53.03
N LEU B 105 33.03 9.98 -52.13
CA LEU B 105 33.06 10.70 -50.89
C LEU B 105 34.28 10.30 -50.09
N ASN B 106 34.57 9.00 -50.10
CA ASN B 106 35.72 8.42 -49.40
C ASN B 106 37.01 8.99 -50.01
N LYS B 107 37.08 9.02 -51.33
CA LYS B 107 38.24 9.63 -52.03
C LYS B 107 38.47 11.11 -51.69
N VAL B 108 37.39 11.89 -51.62
CA VAL B 108 37.44 13.32 -51.36
C VAL B 108 37.96 13.53 -49.94
N GLU B 109 37.49 12.72 -49.00
CA GLU B 109 38.03 12.71 -47.64
C GLU B 109 39.52 12.36 -47.63
N GLU B 110 39.92 11.30 -48.34
CA GLU B 110 41.35 10.93 -48.45
C GLU B 110 42.17 12.12 -48.99
N ARG B 111 41.77 12.65 -50.14
CA ARG B 111 42.44 13.77 -50.80
C ARG B 111 42.54 15.02 -49.92
N MET B 112 41.47 15.35 -49.20
CA MET B 112 41.45 16.56 -48.35
C MET B 112 42.45 16.50 -47.20
N LYS B 113 42.79 15.29 -46.78
CA LYS B 113 43.82 15.08 -45.78
C LYS B 113 45.17 15.42 -46.39
N GLU B 114 45.40 15.00 -47.64
CA GLU B 114 46.62 15.36 -48.39
C GLU B 114 46.78 16.87 -48.57
N LEU B 115 45.68 17.53 -48.91
CA LEU B 115 45.64 18.97 -49.17
C LEU B 115 45.62 19.82 -47.90
N SER B 116 45.44 19.18 -46.74
CA SER B 116 45.35 19.89 -45.46
C SER B 116 46.67 20.49 -44.97
N ARG B 122 37.93 20.19 -39.48
CA ARG B 122 36.66 19.53 -39.15
C ARG B 122 35.96 19.05 -40.40
N VAL B 123 35.24 17.95 -40.25
CA VAL B 123 34.56 17.35 -41.36
C VAL B 123 33.21 16.89 -40.82
N LYS B 124 32.16 17.08 -41.61
CA LYS B 124 30.82 16.61 -41.25
C LYS B 124 30.26 15.85 -42.42
N ARG B 125 29.85 14.62 -42.15
CA ARG B 125 29.24 13.76 -43.15
C ARG B 125 27.99 13.19 -42.52
N LEU B 126 26.90 13.93 -42.72
CA LEU B 126 25.62 13.49 -42.23
C LEU B 126 25.10 12.35 -43.07
N PRO B 127 24.18 11.54 -42.50
CA PRO B 127 23.53 10.48 -43.24
C PRO B 127 22.89 11.06 -44.48
N PRO B 128 23.03 10.36 -45.64
CA PRO B 128 22.38 10.89 -46.87
C PRO B 128 20.88 10.99 -46.68
N ILE B 129 20.26 11.99 -47.34
CA ILE B 129 18.82 12.17 -47.27
C ILE B 129 18.19 11.55 -48.51
N VAL B 130 17.16 10.73 -48.31
CA VAL B 130 16.47 10.21 -49.44
C VAL B 130 15.36 11.18 -49.85
N ARG B 131 15.33 11.49 -51.14
CA ARG B 131 14.43 12.49 -51.66
C ARG B 131 13.44 11.85 -52.64
N GLY B 132 12.15 11.97 -52.30
CA GLY B 132 11.09 11.32 -53.04
C GLY B 132 11.08 9.80 -52.81
N GLY B 133 11.42 9.36 -51.62
CA GLY B 133 11.40 7.92 -51.34
C GLY B 133 9.94 7.46 -51.32
N ALA B 134 9.69 6.23 -51.72
CA ALA B 134 8.36 5.66 -51.53
C ALA B 134 8.01 5.49 -50.04
N ILE B 135 9.04 5.30 -49.19
CA ILE B 135 8.88 5.34 -47.71
C ILE B 135 9.47 6.63 -47.13
N ASP B 136 8.60 7.52 -46.64
CA ASP B 136 9.01 8.81 -46.09
C ASP B 136 9.42 8.69 -44.63
N ARG B 137 10.71 8.92 -44.36
CA ARG B 137 11.29 8.74 -43.00
C ARG B 137 11.38 10.04 -42.20
N TYR B 138 11.02 11.15 -42.82
CA TYR B 138 11.31 12.48 -42.28
C TYR B 138 10.05 13.20 -41.80
N TRP B 139 9.96 13.42 -40.49
CA TRP B 139 8.75 13.96 -39.82
C TRP B 139 9.16 15.08 -38.86
N PRO B 140 9.38 16.29 -39.41
CA PRO B 140 9.84 17.40 -38.57
C PRO B 140 9.05 17.62 -37.29
N THR B 141 9.76 17.95 -36.23
CA THR B 141 9.12 18.25 -34.95
C THR B 141 8.29 19.53 -35.00
N ALA B 142 7.38 19.64 -34.01
CA ALA B 142 6.52 20.82 -33.82
C ALA B 142 7.31 22.08 -33.76
N ASP B 143 8.51 22.03 -33.19
CA ASP B 143 9.36 23.23 -33.14
C ASP B 143 10.26 23.35 -34.36
N GLY B 144 9.98 22.61 -35.44
CA GLY B 144 10.76 22.79 -36.69
C GLY B 144 12.12 22.20 -36.92
N ARG B 145 12.42 21.13 -36.17
CA ARG B 145 13.67 20.39 -36.28
C ARG B 145 13.55 19.21 -37.27
N LEU B 146 14.58 19.01 -38.12
CA LEU B 146 14.62 17.87 -39.02
C LEU B 146 15.03 16.62 -38.23
N VAL B 147 14.16 15.62 -38.21
CA VAL B 147 14.41 14.36 -37.55
C VAL B 147 14.03 13.24 -38.52
N GLU B 148 14.90 12.24 -38.57
CA GLU B 148 14.68 11.07 -39.38
C GLU B 148 14.30 9.90 -38.47
N TYR B 149 13.25 9.15 -38.85
CA TYR B 149 12.75 7.99 -38.07
C TYR B 149 13.22 6.69 -38.72
N ASP B 150 13.26 5.60 -37.95
CA ASP B 150 13.63 4.30 -38.49
C ASP B 150 12.45 3.56 -39.14
N ILE B 151 11.92 4.14 -40.22
CA ILE B 151 10.71 3.61 -40.87
C ILE B 151 11.09 2.62 -41.95
N ASP B 152 10.62 1.40 -41.79
CA ASP B 152 10.94 0.35 -42.76
C ASP B 152 9.77 -0.07 -43.65
N GLU B 153 8.60 0.55 -43.47
CA GLU B 153 7.39 0.11 -44.16
C GLU B 153 6.27 1.10 -44.02
N VAL B 154 5.58 1.44 -45.11
CA VAL B 154 4.28 2.14 -45.06
C VAL B 154 3.21 1.08 -44.83
N VAL B 155 2.57 1.12 -43.66
CA VAL B 155 1.54 0.15 -43.32
C VAL B 155 0.17 0.57 -43.89
N TYR B 156 -0.11 1.88 -43.85
CA TYR B 156 -1.39 2.44 -44.27
C TYR B 156 -1.11 3.87 -44.61
N ASP B 157 -1.72 4.29 -45.71
CA ASP B 157 -1.63 5.68 -46.15
C ASP B 157 -2.87 5.96 -46.98
N GLU B 158 -3.85 6.62 -46.37
CA GLU B 158 -5.12 6.91 -47.05
C GLU B 158 -5.65 8.28 -46.66
N ASP B 159 -6.47 8.86 -47.52
CA ASP B 159 -7.18 10.09 -47.23
C ASP B 159 -8.62 9.77 -46.82
N SER B 160 -9.04 10.25 -45.65
CA SER B 160 -10.47 10.22 -45.32
C SER B 160 -11.05 11.58 -45.79
N PRO B 161 -12.37 11.82 -45.63
CA PRO B 161 -13.01 13.11 -45.89
C PRO B 161 -12.50 14.21 -44.95
N TYR B 162 -11.76 13.82 -43.90
CA TYR B 162 -11.27 14.76 -42.86
C TYR B 162 -9.76 14.97 -42.82
N GLN B 163 -8.96 13.94 -43.08
CA GLN B 163 -7.50 14.11 -42.97
C GLN B 163 -6.78 13.01 -43.70
N ASN B 164 -5.49 13.23 -44.02
CA ASN B 164 -4.64 12.15 -44.43
C ASN B 164 -4.26 11.35 -43.19
N ILE B 165 -4.30 10.04 -43.33
CA ILE B 165 -4.01 9.12 -42.25
C ILE B 165 -2.89 8.23 -42.76
N LYS B 166 -1.76 8.26 -42.06
CA LYS B 166 -0.66 7.32 -42.32
C LYS B 166 -0.38 6.51 -41.08
N ILE B 167 0.00 5.24 -41.28
CA ILE B 167 0.56 4.45 -40.23
C ILE B 167 1.85 3.86 -40.79
N LEU B 168 2.95 4.17 -40.12
CA LEU B 168 4.27 3.84 -40.66
C LEU B 168 4.96 2.99 -39.63
N HIS B 169 5.57 1.89 -40.04
CA HIS B 169 6.29 1.03 -39.11
C HIS B 169 7.72 1.48 -38.78
N SER B 170 7.90 1.86 -37.52
CA SER B 170 9.22 2.11 -36.96
C SER B 170 9.77 0.83 -36.32
N LYS B 171 11.01 0.49 -36.60
CA LYS B 171 11.63 -0.66 -35.92
C LYS B 171 11.63 -0.54 -34.37
N GLN B 172 12.03 0.62 -33.86
CA GLN B 172 11.99 0.78 -32.40
C GLN B 172 10.64 1.18 -31.79
N PHE B 173 9.81 1.91 -32.54
CA PHE B 173 8.62 2.57 -31.93
C PHE B 173 7.38 1.82 -32.26
N GLY B 174 7.52 0.85 -33.15
CA GLY B 174 6.37 0.10 -33.64
C GLY B 174 5.64 0.93 -34.70
N ASN B 175 4.37 0.60 -34.93
CA ASN B 175 3.58 1.40 -35.89
C ASN B 175 3.28 2.78 -35.32
N ILE B 176 3.45 3.81 -36.15
CA ILE B 176 3.28 5.21 -35.72
C ILE B 176 2.09 5.77 -36.53
N LEU B 177 1.05 6.28 -35.85
CA LEU B 177 -0.04 7.04 -36.49
C LEU B 177 0.32 8.49 -36.71
N ILE B 178 0.21 8.92 -37.95
CA ILE B 178 0.60 10.30 -38.37
C ILE B 178 -0.65 10.88 -39.03
N LEU B 179 -1.16 12.00 -38.50
CA LEU B 179 -2.42 12.56 -39.05
C LEU B 179 -2.11 13.95 -39.56
N SER B 180 -2.48 14.23 -40.79
CA SER B 180 -2.02 15.41 -41.52
C SER B 180 -0.54 15.75 -41.32
N GLY B 181 0.33 14.73 -41.38
CA GLY B 181 1.76 14.96 -41.27
C GLY B 181 2.26 15.13 -39.85
N ASP B 182 1.37 15.02 -38.86
CA ASP B 182 1.70 15.19 -37.44
C ASP B 182 1.64 13.83 -36.70
N VAL B 183 2.78 13.36 -36.21
CA VAL B 183 2.90 12.15 -35.41
C VAL B 183 1.98 12.29 -34.20
N ASN B 184 1.00 11.41 -34.08
CA ASN B 184 0.10 11.44 -32.96
C ASN B 184 0.44 10.45 -31.89
N LEU B 185 0.69 9.19 -32.28
CA LEU B 185 1.00 8.19 -31.28
C LEU B 185 1.68 7.02 -31.93
N ALA B 186 2.63 6.37 -31.22
CA ALA B 186 3.20 5.08 -31.72
C ALA B 186 2.81 3.98 -30.75
N GLU B 187 2.98 2.72 -31.19
CA GLU B 187 2.73 1.59 -30.30
C GLU B 187 3.63 1.61 -29.06
N SER B 188 4.79 2.24 -29.17
CA SER B 188 5.69 2.45 -28.04
C SER B 188 5.25 3.52 -27.03
N ASP B 189 4.21 4.31 -27.34
CA ASP B 189 3.93 5.54 -26.55
C ASP B 189 2.91 5.43 -25.41
N LEU B 190 3.02 4.35 -24.62
CA LEU B 190 2.30 4.22 -23.36
C LEU B 190 2.43 5.45 -22.40
N ALA B 191 3.56 6.12 -22.41
CA ALA B 191 3.77 7.37 -21.62
C ALA B 191 2.78 8.50 -22.00
N TYR B 192 2.36 8.57 -23.27
CA TYR B 192 1.38 9.58 -23.70
C TYR B 192 0.04 9.28 -23.03
N THR B 193 -0.38 8.03 -23.18
CA THR B 193 -1.67 7.59 -22.67
C THR B 193 -1.70 7.63 -21.14
N ARG B 194 -0.62 7.20 -20.49
CA ARG B 194 -0.49 7.40 -19.04
C ARG B 194 -0.61 8.85 -18.58
N ALA B 195 0.10 9.75 -19.24
CA ALA B 195 0.11 11.19 -18.86
C ALA B 195 -1.23 11.86 -19.05
N ILE B 196 -1.91 11.51 -20.14
CA ILE B 196 -3.18 12.16 -20.48
C ILE B 196 -4.33 11.58 -19.66
N MET B 197 -4.07 10.45 -18.98
CA MET B 197 -5.03 9.93 -18.00
C MET B 197 -4.74 10.41 -16.57
N GLY B 198 -3.73 11.27 -16.43
CA GLY B 198 -3.39 11.86 -15.12
C GLY B 198 -2.24 11.18 -14.35
N SER B 199 -1.37 10.44 -15.07
CA SER B 199 -0.11 9.89 -14.54
C SER B 199 -0.22 9.00 -13.27
N GLY B 200 -1.21 8.10 -13.29
CA GLY B 200 -1.46 7.13 -12.25
C GLY B 200 -2.05 7.64 -10.97
N LYS B 201 -2.42 8.93 -10.91
CA LYS B 201 -2.95 9.52 -9.68
C LYS B 201 -4.48 9.35 -9.53
N GLU B 202 -5.17 9.00 -10.63
CA GLU B 202 -6.65 8.98 -10.63
C GLU B 202 -7.19 7.57 -10.44
N ASP B 203 -8.32 7.47 -9.76
CA ASP B 203 -8.99 6.21 -9.64
C ASP B 203 -10.17 6.24 -10.61
N TYR B 204 -10.12 5.42 -11.65
CA TYR B 204 -11.21 5.40 -12.61
C TYR B 204 -12.31 4.42 -12.26
N THR B 205 -12.18 3.72 -11.13
CA THR B 205 -13.18 2.69 -10.80
C THR B 205 -14.54 3.29 -10.56
N GLY B 206 -15.51 2.85 -11.37
CA GLY B 206 -16.91 3.27 -11.23
C GLY B 206 -17.16 4.68 -11.71
N LYS B 207 -16.26 5.22 -12.53
CA LYS B 207 -16.36 6.61 -12.98
C LYS B 207 -16.99 6.68 -14.36
N ASP B 208 -17.58 7.85 -14.65
CA ASP B 208 -18.12 8.24 -15.95
C ASP B 208 -17.07 9.13 -16.64
N VAL B 209 -16.60 8.72 -17.82
CA VAL B 209 -15.45 9.34 -18.53
C VAL B 209 -15.87 9.71 -19.97
N LEU B 210 -15.52 10.92 -20.43
CA LEU B 210 -15.68 11.30 -21.84
C LEU B 210 -14.30 11.49 -22.46
N ILE B 211 -14.07 10.95 -23.66
CA ILE B 211 -12.81 11.15 -24.36
C ILE B 211 -13.19 11.85 -25.68
N LEU B 212 -12.56 12.98 -25.95
CA LEU B 212 -12.69 13.65 -27.24
C LEU B 212 -11.56 13.20 -28.13
N GLY B 213 -11.89 12.73 -29.34
CA GLY B 213 -10.96 12.15 -30.30
C GLY B 213 -10.54 10.79 -29.82
N GLY B 214 -9.23 10.58 -29.75
CA GLY B 214 -8.63 9.34 -29.28
C GLY B 214 -8.85 8.16 -30.20
N GLY B 215 -8.83 8.40 -31.52
CA GLY B 215 -9.14 7.37 -32.57
C GLY B 215 -8.31 6.09 -32.51
N ASP B 216 -7.12 6.21 -31.93
CA ASP B 216 -6.25 5.03 -31.74
C ASP B 216 -6.78 4.02 -30.72
N GLY B 217 -7.70 4.44 -29.84
CA GLY B 217 -8.29 3.54 -28.83
C GLY B 217 -7.48 3.28 -27.56
N GLY B 218 -6.26 3.80 -27.49
CA GLY B 218 -5.40 3.67 -26.29
C GLY B 218 -6.03 4.07 -24.96
N ILE B 219 -6.51 5.32 -24.86
CA ILE B 219 -7.06 5.78 -23.60
C ILE B 219 -8.29 4.94 -23.24
N LEU B 220 -9.16 4.70 -24.23
CA LEU B 220 -10.37 3.90 -24.05
C LEU B 220 -10.05 2.52 -23.45
N CYS B 221 -9.08 1.86 -24.05
CA CYS B 221 -8.76 0.51 -23.67
C CYS B 221 -8.07 0.48 -22.32
N GLU B 222 -7.19 1.45 -22.04
CA GLU B 222 -6.57 1.53 -20.71
C GLU B 222 -7.60 1.78 -19.63
N ILE B 223 -8.61 2.62 -19.90
CA ILE B 223 -9.67 2.90 -18.92
C ILE B 223 -10.62 1.71 -18.70
N VAL B 224 -11.02 1.02 -19.77
CA VAL B 224 -11.89 -0.18 -19.66
C VAL B 224 -11.30 -1.23 -18.69
N LYS B 225 -9.97 -1.40 -18.74
CA LYS B 225 -9.22 -2.26 -17.83
C LYS B 225 -9.46 -1.89 -16.35
N LEU B 226 -9.76 -0.63 -16.07
CA LEU B 226 -9.92 -0.17 -14.69
C LEU B 226 -11.34 -0.22 -14.16
N LYS B 227 -12.26 -0.84 -14.89
CA LYS B 227 -13.64 -1.04 -14.42
C LYS B 227 -14.40 0.28 -14.19
N PRO B 228 -14.49 1.14 -15.22
CA PRO B 228 -15.31 2.35 -15.08
C PRO B 228 -16.80 1.99 -15.12
N LYS B 229 -17.63 2.90 -14.66
CA LYS B 229 -19.06 2.81 -14.93
C LYS B 229 -19.33 2.95 -16.42
N MET B 230 -18.84 4.04 -17.02
CA MET B 230 -19.01 4.28 -18.47
C MET B 230 -17.88 5.15 -18.99
N VAL B 231 -17.26 4.70 -20.09
CA VAL B 231 -16.37 5.55 -20.93
C VAL B 231 -17.03 5.78 -22.29
N THR B 232 -17.09 7.04 -22.70
CA THR B 232 -17.66 7.40 -23.98
C THR B 232 -16.54 8.09 -24.75
N MET B 233 -16.29 7.64 -25.97
CA MET B 233 -15.27 8.22 -26.80
C MET B 233 -16.00 8.80 -28.01
N VAL B 234 -15.62 10.02 -28.39
CA VAL B 234 -16.31 10.72 -29.49
C VAL B 234 -15.29 11.10 -30.57
N GLU B 235 -15.28 10.33 -31.67
CA GLU B 235 -14.23 10.33 -32.69
C GLU B 235 -14.89 10.59 -34.03
N ILE B 236 -14.41 11.62 -34.73
CA ILE B 236 -15.07 12.06 -35.96
C ILE B 236 -14.82 11.12 -37.16
N ASP B 237 -13.66 10.46 -37.16
CA ASP B 237 -13.13 9.76 -38.34
C ASP B 237 -13.06 8.23 -38.19
N GLN B 238 -14.06 7.56 -38.73
CA GLN B 238 -14.16 6.08 -38.78
C GLN B 238 -12.93 5.43 -39.40
N MET B 239 -12.28 6.14 -40.31
CA MET B 239 -11.14 5.57 -40.94
C MET B 239 -9.92 5.50 -40.02
N VAL B 240 -9.82 6.44 -39.06
CA VAL B 240 -8.75 6.33 -38.06
C VAL B 240 -9.07 5.14 -37.13
N ILE B 241 -10.34 5.04 -36.71
CA ILE B 241 -10.75 3.92 -35.87
C ILE B 241 -10.38 2.59 -36.54
N ASP B 242 -10.78 2.44 -37.80
CA ASP B 242 -10.57 1.18 -38.48
C ASP B 242 -9.10 0.84 -38.77
N GLY B 243 -8.33 1.85 -39.19
CA GLY B 243 -6.89 1.68 -39.39
C GLY B 243 -6.15 1.30 -38.10
N CYS B 244 -6.44 2.00 -36.99
CA CYS B 244 -5.84 1.68 -35.71
C CYS B 244 -6.29 0.31 -35.18
N LYS B 245 -7.57 -0.06 -35.41
CA LYS B 245 -8.03 -1.43 -35.05
C LYS B 245 -7.19 -2.49 -35.79
N LYS B 246 -6.92 -2.24 -37.07
CA LYS B 246 -6.14 -3.17 -37.90
C LYS B 246 -4.63 -3.14 -37.59
N TYR B 247 -4.09 -1.96 -37.24
CA TYR B 247 -2.62 -1.77 -37.31
C TYR B 247 -1.90 -1.24 -36.05
N MET B 248 -2.66 -0.80 -35.06
CA MET B 248 -2.09 -0.26 -33.83
C MET B 248 -2.46 -1.20 -32.70
N ARG B 249 -1.79 -2.34 -32.63
CA ARG B 249 -2.26 -3.38 -31.73
C ARG B 249 -1.40 -3.51 -30.50
N LYS B 250 -0.80 -2.42 -30.04
CA LYS B 250 0.18 -2.42 -28.94
C LYS B 250 1.47 -3.19 -29.28
N VAL B 255 -10.90 -5.80 -27.91
CA VAL B 255 -11.85 -5.04 -27.09
C VAL B 255 -12.76 -4.29 -28.04
N LEU B 256 -12.16 -3.57 -29.00
CA LEU B 256 -12.88 -2.72 -29.97
C LEU B 256 -13.40 -3.38 -31.27
N ASP B 257 -13.44 -4.72 -31.34
CA ASP B 257 -14.17 -5.37 -32.44
C ASP B 257 -15.59 -4.84 -32.41
N ASN B 258 -16.05 -4.59 -31.17
CA ASN B 258 -17.33 -3.98 -30.83
C ASN B 258 -17.21 -2.52 -30.31
N LEU B 259 -17.87 -1.59 -30.99
CA LEU B 259 -17.79 -0.18 -30.62
C LEU B 259 -18.67 0.17 -29.40
N LYS B 260 -19.47 -0.79 -28.93
CA LYS B 260 -20.27 -0.62 -27.72
C LYS B 260 -20.10 -1.87 -26.84
N GLY B 261 -19.87 -1.64 -25.56
CA GLY B 261 -19.62 -2.73 -24.60
C GLY B 261 -20.35 -2.44 -23.30
N ASP B 262 -20.17 -3.28 -22.30
CA ASP B 262 -20.92 -3.04 -21.09
C ASP B 262 -20.52 -1.74 -20.38
N CYS B 263 -19.31 -1.23 -20.66
CA CYS B 263 -18.86 -0.02 -19.94
C CYS B 263 -18.20 1.02 -20.83
N TYR B 264 -18.48 0.95 -22.14
CA TYR B 264 -17.92 1.89 -23.13
C TYR B 264 -18.80 2.02 -24.39
N GLN B 265 -18.69 3.16 -25.06
CA GLN B 265 -19.26 3.32 -26.38
C GLN B 265 -18.39 4.28 -27.16
N VAL B 266 -18.27 4.04 -28.45
CA VAL B 266 -17.60 4.95 -29.35
C VAL B 266 -18.67 5.57 -30.23
N LEU B 267 -18.77 6.89 -30.19
CA LEU B 267 -19.66 7.62 -31.04
C LEU B 267 -18.83 8.15 -32.20
N ILE B 268 -19.25 7.87 -33.44
CA ILE B 268 -18.56 8.37 -34.62
C ILE B 268 -19.24 9.66 -35.04
N GLU B 269 -18.73 10.76 -34.48
CA GLU B 269 -19.24 12.11 -34.79
C GLU B 269 -18.30 13.21 -34.33
N ASP B 270 -18.58 14.40 -34.84
CA ASP B 270 -17.89 15.63 -34.47
C ASP B 270 -18.15 15.81 -32.95
N CYS B 271 -17.11 15.92 -32.12
CA CYS B 271 -17.30 16.16 -30.68
C CYS B 271 -18.04 17.46 -30.30
N ILE B 272 -18.01 18.49 -31.14
CA ILE B 272 -18.74 19.72 -30.83
C ILE B 272 -20.28 19.56 -30.65
N PRO B 273 -21.04 19.12 -31.68
CA PRO B 273 -22.47 18.90 -31.41
C PRO B 273 -22.72 17.95 -30.22
N VAL B 274 -21.90 16.91 -30.04
CA VAL B 274 -22.02 16.01 -28.88
C VAL B 274 -21.82 16.71 -27.55
N LEU B 275 -20.78 17.53 -27.42
CA LEU B 275 -20.59 18.32 -26.20
C LEU B 275 -21.86 19.14 -25.85
N LYS B 276 -22.38 19.85 -26.85
CA LYS B 276 -23.62 20.65 -26.76
C LYS B 276 -24.85 19.80 -26.33
N ARG B 277 -25.00 18.62 -26.91
CA ARG B 277 -26.10 17.70 -26.62
C ARG B 277 -26.03 17.22 -25.17
N TYR B 278 -24.81 16.92 -24.68
CA TYR B 278 -24.62 16.49 -23.30
C TYR B 278 -24.91 17.59 -22.29
N ALA B 279 -24.48 18.81 -22.59
CA ALA B 279 -24.74 19.95 -21.74
C ALA B 279 -26.26 20.14 -21.67
N LYS B 280 -26.92 20.00 -22.82
CA LYS B 280 -28.38 20.21 -22.88
C LYS B 280 -29.18 19.15 -22.11
N GLU B 281 -28.66 17.92 -22.02
CA GLU B 281 -29.24 16.94 -21.12
C GLU B 281 -28.70 17.02 -19.67
N GLY B 282 -27.90 18.03 -19.38
CA GLY B 282 -27.32 18.19 -18.03
C GLY B 282 -26.34 17.08 -17.63
N ARG B 283 -25.73 16.42 -18.61
CA ARG B 283 -24.86 15.29 -18.30
C ARG B 283 -23.51 15.78 -17.76
N GLU B 284 -22.98 15.16 -16.72
CA GLU B 284 -21.67 15.54 -16.18
C GLU B 284 -20.80 14.32 -15.99
N PHE B 285 -19.52 14.44 -16.34
CA PHE B 285 -18.60 13.32 -16.27
C PHE B 285 -17.62 13.56 -15.12
N ASP B 286 -17.03 12.49 -14.62
CA ASP B 286 -15.98 12.60 -13.60
C ASP B 286 -14.69 13.11 -14.25
N TYR B 287 -14.46 12.67 -15.48
CA TYR B 287 -13.23 13.03 -16.25
C TYR B 287 -13.56 13.35 -17.68
N VAL B 288 -12.89 14.37 -18.25
CA VAL B 288 -13.04 14.65 -19.67
C VAL B 288 -11.62 14.68 -20.19
N ILE B 289 -11.33 13.85 -21.18
CA ILE B 289 -9.99 13.72 -21.68
C ILE B 289 -10.01 14.19 -23.13
N ASN B 290 -9.31 15.28 -23.38
CA ASN B 290 -9.32 15.87 -24.69
C ASN B 290 -8.12 15.31 -25.39
N ASP B 291 -8.37 14.29 -26.21
CA ASP B 291 -7.29 13.73 -27.07
C ASP B 291 -7.54 13.99 -28.58
N LEU B 292 -7.80 15.25 -28.93
CA LEU B 292 -8.03 15.69 -30.29
C LEU B 292 -6.68 15.92 -31.00
N THR B 293 -6.72 16.06 -32.30
CA THR B 293 -5.53 16.48 -33.07
C THR B 293 -5.14 17.91 -32.63
N ALA B 294 -3.87 18.29 -32.84
CA ALA B 294 -3.35 19.59 -32.43
C ALA B 294 -4.22 20.72 -32.97
N VAL B 295 -4.71 20.52 -34.19
CA VAL B 295 -5.69 21.43 -34.85
C VAL B 295 -6.95 20.60 -34.89
N PRO B 296 -7.90 20.87 -33.99
CA PRO B 296 -9.11 20.07 -34.01
C PRO B 296 -9.83 20.20 -35.37
N ILE B 297 -10.47 19.13 -35.80
CA ILE B 297 -11.13 19.12 -37.11
C ILE B 297 -12.46 19.87 -36.96
N SER B 298 -12.65 20.82 -37.88
CA SER B 298 -13.92 21.53 -38.02
C SER B 298 -14.64 21.19 -39.36
N THR B 299 -15.96 21.04 -39.33
CA THR B 299 -16.73 20.97 -40.60
C THR B 299 -17.39 22.28 -41.01
N SER B 300 -17.20 23.35 -40.24
CA SER B 300 -17.68 24.68 -40.66
C SER B 300 -16.77 25.36 -41.69
N PRO B 301 -17.36 26.04 -42.67
CA PRO B 301 -16.53 26.83 -43.59
C PRO B 301 -16.02 28.11 -42.92
N SER B 305 -8.82 32.91 -34.05
CA SER B 305 -9.85 31.94 -34.26
C SER B 305 -9.34 30.57 -33.87
N THR B 306 -8.08 30.34 -34.15
CA THR B 306 -7.34 29.19 -33.63
C THR B 306 -7.60 29.02 -32.14
N TRP B 307 -7.30 30.08 -31.38
CA TRP B 307 -7.41 30.11 -29.92
C TRP B 307 -8.86 30.11 -29.48
N GLU B 308 -9.70 30.78 -30.26
CA GLU B 308 -11.12 30.84 -29.96
C GLU B 308 -11.77 29.47 -30.02
N PHE B 309 -11.35 28.67 -31.00
CA PHE B 309 -11.85 27.31 -31.19
C PHE B 309 -11.42 26.37 -30.04
N LEU B 310 -10.18 26.48 -29.58
CA LEU B 310 -9.67 25.78 -28.39
C LEU B 310 -10.41 26.17 -27.12
N ARG B 311 -10.71 27.47 -27.00
CA ARG B 311 -11.47 27.96 -25.85
C ARG B 311 -12.87 27.38 -25.84
N LEU B 312 -13.54 27.37 -27.00
CA LEU B 312 -14.88 26.78 -27.16
C LEU B 312 -14.88 25.33 -26.66
N ILE B 313 -13.86 24.58 -27.08
CA ILE B 313 -13.76 23.17 -26.68
C ILE B 313 -13.60 23.05 -25.20
N LEU B 314 -12.72 23.88 -24.64
CA LEU B 314 -12.54 24.01 -23.22
C LEU B 314 -13.86 24.33 -22.51
N ASP B 315 -14.55 25.34 -23.01
CA ASP B 315 -15.71 25.85 -22.29
C ASP B 315 -16.78 24.76 -22.24
N LEU B 316 -17.03 24.18 -23.42
CA LEU B 316 -17.95 23.06 -23.61
C LEU B 316 -17.63 21.82 -22.78
N SER B 317 -16.33 21.53 -22.60
CA SER B 317 -15.83 20.44 -21.73
C SER B 317 -16.10 20.76 -20.26
N MET B 318 -15.85 22.02 -19.86
CA MET B 318 -16.12 22.40 -18.46
C MET B 318 -17.58 22.28 -18.12
N LYS B 319 -18.45 22.62 -19.08
CA LYS B 319 -19.93 22.49 -18.90
C LYS B 319 -20.41 21.04 -18.64
N VAL B 320 -19.63 20.03 -19.07
CA VAL B 320 -20.02 18.64 -18.84
C VAL B 320 -19.09 17.97 -17.81
N LEU B 321 -18.38 18.79 -17.06
CA LEU B 321 -17.43 18.27 -16.06
C LEU B 321 -18.00 18.48 -14.68
N LYS B 322 -18.06 17.42 -13.88
CA LYS B 322 -18.50 17.56 -12.49
C LYS B 322 -17.64 18.59 -11.76
N GLN B 323 -18.20 19.27 -10.77
CA GLN B 323 -17.46 20.27 -9.97
C GLN B 323 -16.16 19.70 -9.42
N ASP B 324 -16.18 18.45 -8.95
CA ASP B 324 -14.99 17.80 -8.43
C ASP B 324 -14.19 16.88 -9.42
N GLY B 325 -14.53 16.94 -10.70
CA GLY B 325 -13.83 16.15 -11.71
C GLY B 325 -12.59 16.87 -12.27
N LYS B 326 -11.96 16.22 -13.24
CA LYS B 326 -10.73 16.71 -13.88
C LYS B 326 -10.80 16.56 -15.40
N TYR B 327 -10.11 17.49 -16.04
CA TYR B 327 -9.97 17.51 -17.47
C TYR B 327 -8.50 17.39 -17.77
N PHE B 328 -8.16 16.52 -18.75
CA PHE B 328 -6.77 16.33 -19.12
C PHE B 328 -6.64 16.55 -20.61
N THR B 329 -5.48 17.03 -21.04
CA THR B 329 -5.21 17.14 -22.47
C THR B 329 -3.73 17.26 -22.71
N GLN B 330 -3.31 16.94 -23.91
CA GLN B 330 -1.93 17.21 -24.36
C GLN B 330 -1.84 18.69 -24.73
N GLY B 331 -0.74 19.33 -24.31
CA GLY B 331 -0.51 20.73 -24.46
C GLY B 331 0.24 20.92 -25.75
N ASN B 332 1.56 20.90 -25.73
CA ASN B 332 2.34 21.19 -26.97
C ASN B 332 3.79 20.93 -26.64
N CYS B 333 4.70 21.17 -27.57
CA CYS B 333 6.03 20.81 -27.25
C CYS B 333 6.57 21.86 -26.31
N VAL B 334 7.54 21.47 -25.49
CA VAL B 334 8.00 22.33 -24.43
C VAL B 334 8.61 23.66 -24.95
N ASN B 335 9.23 23.66 -26.12
CA ASN B 335 9.88 24.85 -26.65
C ASN B 335 8.99 25.92 -27.26
N LEU B 336 7.72 25.60 -27.50
CA LEU B 336 6.79 26.54 -28.12
C LEU B 336 6.14 27.36 -26.99
N THR B 337 6.97 28.19 -26.36
CA THR B 337 6.59 28.95 -25.17
C THR B 337 5.50 29.98 -25.44
N GLU B 338 5.51 30.62 -26.62
CA GLU B 338 4.40 31.54 -27.03
C GLU B 338 3.05 30.84 -27.20
N ALA B 339 3.03 29.72 -27.92
CA ALA B 339 1.83 28.93 -28.09
C ALA B 339 1.28 28.36 -26.74
N LEU B 340 2.17 27.96 -25.82
CA LEU B 340 1.72 27.50 -24.49
C LEU B 340 1.10 28.69 -23.67
N SER B 341 1.72 29.86 -23.74
CA SER B 341 1.16 31.09 -23.12
C SER B 341 -0.23 31.50 -23.70
N LEU B 342 -0.37 31.40 -25.01
CA LEU B 342 -1.67 31.78 -25.63
C LEU B 342 -2.72 30.74 -25.31
N TYR B 343 -2.30 29.47 -25.17
CA TYR B 343 -3.20 28.42 -24.74
C TYR B 343 -3.67 28.69 -23.30
N GLU B 344 -2.73 28.94 -22.38
CA GLU B 344 -3.08 29.15 -20.99
C GLU B 344 -3.91 30.43 -20.81
N GLU B 345 -3.75 31.41 -21.70
CA GLU B 345 -4.65 32.60 -21.74
C GLU B 345 -6.12 32.22 -21.82
N GLN B 346 -6.40 31.23 -22.67
CA GLN B 346 -7.79 30.77 -22.93
C GLN B 346 -8.42 30.11 -21.69
N LEU B 347 -7.58 29.58 -20.80
CA LEU B 347 -8.04 28.90 -19.59
C LEU B 347 -8.67 29.90 -18.64
N GLY B 348 -8.33 31.18 -18.84
CA GLY B 348 -8.95 32.28 -18.11
C GLY B 348 -10.23 32.85 -18.70
N ARG B 349 -10.72 32.29 -19.80
CA ARG B 349 -11.83 32.89 -20.51
C ARG B 349 -13.00 31.94 -20.61
N LEU B 350 -13.15 31.11 -19.58
CA LEU B 350 -14.17 30.09 -19.56
C LEU B 350 -15.38 30.58 -18.76
N TYR B 351 -16.49 29.84 -18.83
CA TYR B 351 -17.70 30.24 -18.10
C TYR B 351 -17.50 30.21 -16.59
N CYS B 352 -16.53 29.40 -16.13
CA CYS B 352 -16.25 29.30 -14.69
C CYS B 352 -14.78 29.51 -14.41
N PRO B 353 -14.42 29.92 -13.17
CA PRO B 353 -13.00 29.95 -12.81
C PRO B 353 -12.37 28.55 -12.75
N VAL B 354 -11.18 28.42 -13.33
CA VAL B 354 -10.48 27.15 -13.25
C VAL B 354 -9.07 27.30 -12.73
N GLU B 355 -8.50 26.19 -12.27
CA GLU B 355 -7.09 26.10 -11.93
C GLU B 355 -6.46 25.05 -12.84
N PHE B 356 -5.15 25.13 -13.06
CA PHE B 356 -4.49 24.09 -13.84
C PHE B 356 -3.10 23.82 -13.32
N SER B 357 -2.60 22.63 -13.71
CA SER B 357 -1.19 22.26 -13.55
C SER B 357 -0.68 21.70 -14.87
N LYS B 358 0.63 21.62 -15.00
CA LYS B 358 1.19 21.00 -16.19
C LYS B 358 2.42 20.16 -15.85
N GLU B 359 2.69 19.19 -16.70
CA GLU B 359 3.84 18.32 -16.49
C GLU B 359 4.46 18.00 -17.84
N ILE B 360 5.78 17.86 -17.83
CA ILE B 360 6.54 17.63 -19.01
C ILE B 360 6.79 16.13 -19.09
N VAL B 361 6.52 15.56 -20.25
CA VAL B 361 6.53 14.11 -20.42
C VAL B 361 7.41 13.78 -21.61
N CYS B 362 8.16 12.68 -21.49
CA CYS B 362 8.94 12.14 -22.59
C CYS B 362 8.15 11.01 -23.28
N VAL B 363 7.59 11.30 -24.45
CA VAL B 363 6.87 10.30 -25.30
C VAL B 363 7.88 9.81 -26.32
N PRO B 364 8.22 8.50 -26.30
CA PRO B 364 9.34 7.99 -27.10
C PRO B 364 9.40 8.45 -28.56
N SER B 365 8.28 8.25 -29.30
CA SER B 365 8.30 8.53 -30.73
C SER B 365 8.24 10.01 -31.10
N TYR B 366 8.06 10.87 -30.10
CA TYR B 366 7.83 12.29 -30.39
C TYR B 366 9.12 13.04 -30.80
N LEU B 367 10.23 12.65 -30.18
CA LEU B 367 11.58 13.23 -30.44
C LEU B 367 11.64 14.67 -30.03
N GLU B 368 10.78 15.00 -29.06
CA GLU B 368 10.71 16.31 -28.42
C GLU B 368 9.89 16.13 -27.13
N LEU B 369 10.25 16.88 -26.09
CA LEU B 369 9.56 16.77 -24.81
C LEU B 369 8.23 17.50 -24.99
N TRP B 370 7.19 16.98 -24.31
CA TRP B 370 5.83 17.47 -24.50
C TRP B 370 5.18 17.89 -23.16
N VAL B 371 4.32 18.92 -23.18
CA VAL B 371 3.60 19.35 -21.98
C VAL B 371 2.16 18.80 -21.96
N PHE B 372 1.74 18.32 -20.80
CA PHE B 372 0.39 17.84 -20.54
C PHE B 372 -0.30 18.62 -19.40
N TYR B 373 -1.55 19.04 -19.64
CA TYR B 373 -2.29 19.87 -18.73
C TYR B 373 -3.32 19.04 -18.00
N THR B 374 -3.55 19.42 -16.75
CA THR B 374 -4.66 18.95 -15.92
C THR B 374 -5.44 20.22 -15.51
N VAL B 375 -6.77 20.20 -15.69
CA VAL B 375 -7.58 21.43 -15.47
C VAL B 375 -8.77 21.02 -14.61
N TRP B 376 -9.13 21.88 -13.67
CA TRP B 376 -10.26 21.57 -12.76
C TRP B 376 -10.92 22.86 -12.31
N LYS B 377 -12.16 22.75 -11.83
CA LYS B 377 -12.93 23.90 -11.44
C LYS B 377 -12.45 24.40 -10.05
N LYS B 378 -12.31 25.71 -9.94
CA LYS B 378 -12.03 26.37 -8.68
C LYS B 378 -13.24 26.14 -7.77
N ALA B 379 -13.00 25.84 -6.49
CA ALA B 379 -14.08 25.70 -5.49
C ALA B 379 -15.07 26.88 -5.54
N LYS B 380 -16.37 26.58 -5.65
CA LYS B 380 -17.45 27.52 -6.05
C LYS B 380 -17.61 28.93 -5.36
N PRO B 381 -17.79 28.98 -4.02
CA PRO B 381 -17.91 30.36 -3.48
C PRO B 381 -16.58 31.11 -3.47
N GLY C 18 -6.86 -25.38 50.56
CA GLY C 18 -7.99 -24.54 50.08
C GLY C 18 -9.29 -25.26 50.32
N SER C 19 -10.40 -24.57 50.10
CA SER C 19 -11.75 -25.10 50.31
C SER C 19 -12.64 -24.77 49.09
N ARG C 20 -13.25 -25.80 48.49
CA ARG C 20 -14.17 -25.65 47.39
C ARG C 20 -15.57 -25.36 47.87
N HIS C 21 -16.07 -24.20 47.45
CA HIS C 21 -17.39 -23.76 47.80
C HIS C 21 -18.40 -23.91 46.65
N SER C 22 -19.36 -24.82 46.78
CA SER C 22 -20.35 -25.07 45.72
C SER C 22 -21.72 -24.52 46.08
N THR C 23 -22.37 -23.90 45.09
CA THR C 23 -23.71 -23.33 45.25
C THR C 23 -24.78 -23.91 44.29
N LEU C 24 -26.03 -23.89 44.75
CA LEU C 24 -27.21 -24.20 43.96
C LEU C 24 -28.33 -23.28 44.40
N ASP C 25 -29.02 -22.67 43.44
CA ASP C 25 -30.12 -21.76 43.72
C ASP C 25 -31.38 -22.21 42.96
N PHE C 26 -32.49 -22.25 43.68
CA PHE C 26 -33.81 -22.46 43.10
C PHE C 26 -34.67 -21.22 43.28
N MET C 27 -35.20 -20.74 42.17
CA MET C 27 -36.13 -19.61 42.13
C MET C 27 -37.51 -20.21 41.85
N LEU C 28 -38.42 -20.18 42.82
CA LEU C 28 -39.65 -21.01 42.71
C LEU C 28 -40.95 -20.25 42.43
N ASP C 33 -43.91 -24.23 49.23
CA ASP C 33 -44.01 -24.13 50.69
C ASP C 33 -42.68 -24.51 51.33
N GLY C 34 -42.08 -23.58 52.10
CA GLY C 34 -40.73 -23.77 52.64
C GLY C 34 -40.58 -25.01 53.52
N GLU C 35 -41.47 -25.12 54.50
CA GLU C 35 -41.51 -26.26 55.41
C GLU C 35 -41.57 -27.61 54.68
N THR C 36 -42.36 -27.69 53.60
CA THR C 36 -42.39 -28.87 52.70
C THR C 36 -41.04 -29.15 52.01
N ILE C 37 -40.39 -28.09 51.52
CA ILE C 37 -39.07 -28.25 50.91
C ILE C 37 -38.07 -28.73 51.95
N LEU C 38 -38.08 -28.10 53.13
CA LEU C 38 -37.23 -28.52 54.21
C LEU C 38 -37.38 -30.02 54.52
N LYS C 39 -38.58 -30.49 54.85
CA LYS C 39 -38.82 -31.92 55.09
C LYS C 39 -38.39 -32.77 53.88
N GLY C 40 -38.70 -32.30 52.68
CA GLY C 40 -38.40 -33.04 51.45
C GLY C 40 -36.92 -33.18 51.11
N LEU C 41 -36.07 -32.30 51.66
CA LEU C 41 -34.63 -32.28 51.31
C LEU C 41 -33.76 -32.80 52.42
N GLN C 42 -34.22 -32.62 53.65
CA GLN C 42 -33.51 -33.08 54.85
C GLN C 42 -32.95 -34.48 54.70
N SER C 43 -33.72 -35.38 54.09
CA SER C 43 -33.33 -36.79 53.93
C SER C 43 -32.01 -37.01 53.17
N ILE C 44 -31.78 -36.25 52.10
CA ILE C 44 -30.54 -36.33 51.32
C ILE C 44 -29.30 -36.21 52.22
N PHE C 45 -29.35 -35.27 53.14
CA PHE C 45 -28.23 -35.04 54.05
C PHE C 45 -28.14 -36.12 55.12
N GLN C 46 -29.27 -36.48 55.71
CA GLN C 46 -29.29 -37.52 56.74
C GLN C 46 -28.67 -38.84 56.23
N GLU C 47 -29.13 -39.32 55.09
CA GLU C 47 -28.51 -40.49 54.52
C GLU C 47 -27.14 -40.28 53.82
N GLN C 48 -26.41 -39.19 54.17
CA GLN C 48 -24.95 -39.06 53.92
C GLN C 48 -24.21 -39.07 55.26
N GLY C 49 -25.01 -39.15 56.32
CA GLY C 49 -24.52 -39.26 57.68
C GLY C 49 -24.25 -37.92 58.33
N MET C 50 -24.92 -36.87 57.85
CA MET C 50 -24.64 -35.52 58.32
C MET C 50 -25.58 -35.09 59.43
N ALA C 51 -25.03 -34.34 60.40
CA ALA C 51 -25.77 -33.80 61.52
C ALA C 51 -26.45 -32.50 61.10
N GLU C 52 -27.71 -32.38 61.47
CA GLU C 52 -28.53 -31.24 61.11
C GLU C 52 -28.86 -30.34 62.30
N SER C 53 -28.66 -29.06 62.10
CA SER C 53 -29.19 -28.06 63.02
C SER C 53 -30.12 -27.14 62.22
N VAL C 54 -31.36 -26.94 62.67
CA VAL C 54 -32.32 -26.04 61.98
C VAL C 54 -32.59 -24.73 62.76
N HIS C 55 -32.38 -23.60 62.10
CA HIS C 55 -32.80 -22.32 62.61
C HIS C 55 -34.07 -21.89 61.90
N THR C 56 -35.10 -21.50 62.66
CA THR C 56 -36.29 -20.92 62.07
C THR C 56 -36.46 -19.46 62.49
N TRP C 57 -36.98 -18.65 61.58
CA TRP C 57 -37.34 -17.29 61.89
C TRP C 57 -38.85 -17.29 61.85
N GLN C 58 -39.48 -16.34 62.52
CA GLN C 58 -40.93 -16.26 62.56
C GLN C 58 -41.49 -15.93 61.18
N ASP C 59 -40.82 -14.98 60.51
CA ASP C 59 -41.24 -14.35 59.30
C ASP C 59 -40.26 -14.64 58.12
N HIS C 60 -39.05 -15.11 58.41
CA HIS C 60 -37.98 -15.15 57.37
C HIS C 60 -37.50 -16.55 56.92
N GLY C 61 -38.29 -17.58 57.21
CA GLY C 61 -38.03 -18.90 56.71
C GLY C 61 -37.12 -19.74 57.56
N TYR C 62 -36.23 -20.48 56.91
CA TYR C 62 -35.39 -21.45 57.59
C TYR C 62 -33.94 -21.44 57.14
N LEU C 63 -33.05 -21.66 58.10
CA LEU C 63 -31.67 -22.03 57.82
C LEU C 63 -31.41 -23.39 58.45
N ALA C 64 -31.09 -24.36 57.62
CA ALA C 64 -30.59 -25.66 58.03
C ALA C 64 -29.10 -25.82 57.74
N THR C 65 -28.35 -26.12 58.78
CA THR C 65 -26.93 -26.34 58.67
C THR C 65 -26.62 -27.81 58.92
N TYR C 66 -25.76 -28.35 58.07
CA TYR C 66 -25.41 -29.77 58.08
C TYR C 66 -23.93 -29.94 58.16
N THR C 67 -23.45 -30.76 59.09
CA THR C 67 -22.02 -31.00 59.22
C THR C 67 -21.64 -32.46 58.95
N ASN C 68 -20.50 -32.67 58.31
CA ASN C 68 -19.97 -34.00 58.08
C ASN C 68 -18.70 -34.20 58.92
N LYS C 69 -18.41 -35.45 59.27
CA LYS C 69 -17.19 -35.76 60.04
C LYS C 69 -15.88 -35.52 59.28
N ASN C 70 -15.95 -35.51 57.95
CA ASN C 70 -14.77 -35.21 57.14
C ASN C 70 -14.39 -33.71 57.12
N GLY C 71 -15.15 -32.89 57.82
CA GLY C 71 -14.86 -31.44 57.90
C GLY C 71 -15.59 -30.60 56.88
N SER C 72 -16.41 -31.24 56.05
CA SER C 72 -17.25 -30.50 55.15
C SER C 72 -18.57 -30.06 55.82
N PHE C 73 -19.19 -29.00 55.31
CA PHE C 73 -20.52 -28.61 55.72
C PHE C 73 -21.41 -28.10 54.60
N ALA C 74 -22.67 -27.91 54.96
CA ALA C 74 -23.68 -27.45 54.04
C ALA C 74 -24.60 -26.52 54.79
N ASN C 75 -25.05 -25.46 54.10
CA ASN C 75 -26.15 -24.58 54.55
C ASN C 75 -27.29 -24.62 53.54
N LEU C 76 -28.52 -24.78 54.03
CA LEU C 76 -29.69 -24.80 53.21
C LEU C 76 -30.57 -23.67 53.69
N ARG C 77 -30.73 -22.63 52.87
CA ARG C 77 -31.46 -21.45 53.27
C ARG C 77 -32.77 -21.39 52.46
N ILE C 78 -33.90 -21.44 53.16
CA ILE C 78 -35.21 -21.50 52.51
C ILE C 78 -35.99 -20.24 52.90
N TYR C 79 -36.23 -19.33 51.95
CA TYR C 79 -36.83 -17.99 52.20
C TYR C 79 -38.35 -17.79 52.44
N PRO C 80 -39.18 -18.86 52.34
CA PRO C 80 -40.51 -19.00 51.72
C PRO C 80 -41.14 -17.94 50.77
N HIS C 81 -40.36 -16.98 50.29
CA HIS C 81 -40.74 -16.32 49.04
C HIS C 81 -40.29 -17.05 47.74
N GLY C 82 -40.28 -18.38 47.75
CA GLY C 82 -39.75 -19.14 46.61
C GLY C 82 -38.34 -18.70 46.22
N LEU C 83 -37.42 -18.86 47.16
CA LEU C 83 -35.97 -18.82 46.91
C LEU C 83 -35.37 -19.82 47.89
N VAL C 84 -34.68 -20.81 47.36
CA VAL C 84 -33.96 -21.76 48.19
C VAL C 84 -32.52 -21.71 47.70
N LEU C 85 -31.60 -21.50 48.63
CA LEU C 85 -30.20 -21.41 48.29
C LEU C 85 -29.47 -22.49 49.04
N LEU C 86 -28.64 -23.26 48.34
CA LEU C 86 -27.79 -24.26 48.97
C LEU C 86 -26.32 -23.94 48.81
N ASP C 87 -25.58 -24.09 49.89
CA ASP C 87 -24.09 -23.95 49.88
C ASP C 87 -23.42 -25.17 50.50
N LEU C 88 -22.35 -25.64 49.90
CA LEU C 88 -21.57 -26.75 50.44
C LEU C 88 -20.10 -26.34 50.42
N GLN C 89 -19.39 -26.60 51.52
CA GLN C 89 -17.96 -26.46 51.57
C GLN C 89 -17.30 -27.72 52.00
N SER C 90 -16.28 -28.11 51.27
CA SER C 90 -15.53 -29.27 51.63
C SER C 90 -14.07 -28.93 51.80
N TYR C 91 -13.52 -29.57 52.83
CA TYR C 91 -12.11 -29.50 53.27
C TYR C 91 -11.20 -29.73 52.07
N ASP C 92 -11.76 -29.54 50.89
CA ASP C 92 -11.12 -29.85 49.63
C ASP C 92 -11.04 -28.54 48.82
N GLN C 96 -12.30 -37.14 46.72
CA GLN C 96 -13.36 -37.97 47.31
C GLN C 96 -14.49 -37.18 47.97
N GLY C 97 -14.13 -36.22 48.81
CA GLY C 97 -15.11 -35.31 49.42
C GLY C 97 -15.78 -34.42 48.39
N LYS C 98 -15.03 -34.07 47.35
CA LYS C 98 -15.54 -33.33 46.23
C LYS C 98 -16.60 -34.09 45.39
N GLU C 99 -16.29 -35.35 45.06
CA GLU C 99 -17.29 -36.23 44.44
C GLU C 99 -18.62 -36.31 45.22
N GLU C 100 -18.54 -36.44 46.55
CA GLU C 100 -19.72 -36.54 47.39
C GLU C 100 -20.61 -35.28 47.36
N ILE C 101 -19.96 -34.12 47.33
CA ILE C 101 -20.65 -32.81 47.27
C ILE C 101 -21.42 -32.70 45.92
N ASP C 102 -20.76 -33.06 44.82
CA ASP C 102 -21.37 -33.09 43.50
C ASP C 102 -22.57 -34.00 43.49
N SER C 103 -22.41 -35.17 44.09
CA SER C 103 -23.51 -36.12 44.27
C SER C 103 -24.69 -35.54 45.08
N ILE C 104 -24.40 -34.91 46.22
CA ILE C 104 -25.50 -34.24 46.99
C ILE C 104 -26.27 -33.23 46.12
N LEU C 105 -25.54 -32.47 45.31
CA LEU C 105 -26.14 -31.41 44.54
C LEU C 105 -27.00 -32.00 43.42
N ASN C 106 -26.51 -33.07 42.78
CA ASN C 106 -27.34 -33.86 41.82
C ASN C 106 -28.63 -34.40 42.49
N LYS C 107 -28.52 -35.01 43.64
CA LYS C 107 -29.73 -35.45 44.33
C LYS C 107 -30.74 -34.32 44.65
N VAL C 108 -30.28 -33.21 45.26
CA VAL C 108 -31.12 -32.04 45.53
C VAL C 108 -31.82 -31.58 44.25
N GLU C 109 -31.09 -31.45 43.15
CA GLU C 109 -31.75 -31.07 41.90
C GLU C 109 -32.81 -32.10 41.51
N GLU C 110 -32.48 -33.38 41.59
CA GLU C 110 -33.48 -34.39 41.20
C GLU C 110 -34.68 -34.31 42.13
N ARG C 111 -34.43 -34.17 43.44
CA ARG C 111 -35.51 -34.11 44.45
C ARG C 111 -36.40 -32.86 44.32
N MET C 112 -35.82 -31.75 43.89
CA MET C 112 -36.54 -30.51 43.69
C MET C 112 -37.48 -30.57 42.50
N LYS C 113 -37.10 -31.33 41.47
CA LYS C 113 -37.98 -31.64 40.34
C LYS C 113 -39.26 -32.36 40.81
N GLU C 114 -39.08 -33.33 41.70
CA GLU C 114 -40.22 -33.98 42.38
C GLU C 114 -41.11 -33.04 43.20
N LEU C 115 -40.53 -32.00 43.79
CA LEU C 115 -41.30 -31.12 44.68
C LEU C 115 -42.02 -29.97 43.96
N SER C 116 -41.64 -29.69 42.71
CA SER C 116 -42.23 -28.57 41.94
C SER C 116 -43.72 -28.73 41.59
N GLN C 117 -44.44 -27.60 41.55
CA GLN C 117 -45.89 -27.59 41.36
C GLN C 117 -46.34 -26.84 40.08
N GLY C 121 -40.24 -22.37 37.70
CA GLY C 121 -38.99 -22.32 38.48
C GLY C 121 -37.69 -22.33 37.65
N ARG C 122 -36.70 -21.56 38.09
CA ARG C 122 -35.33 -21.50 37.52
C ARG C 122 -34.31 -22.10 38.49
N VAL C 123 -33.25 -22.68 37.97
CA VAL C 123 -32.15 -23.24 38.76
C VAL C 123 -30.81 -22.64 38.29
N LYS C 124 -29.94 -22.27 39.23
CA LYS C 124 -28.59 -21.79 38.90
C LYS C 124 -27.52 -22.56 39.69
N ARG C 125 -26.54 -23.07 38.97
CA ARG C 125 -25.51 -23.90 39.57
C ARG C 125 -24.25 -23.37 38.97
N LEU C 126 -23.71 -22.34 39.58
CA LEU C 126 -22.49 -21.75 39.05
C LEU C 126 -21.32 -22.63 39.43
N PRO C 127 -20.22 -22.48 38.69
CA PRO C 127 -18.99 -23.20 38.97
C PRO C 127 -18.52 -22.91 40.39
N PRO C 128 -18.18 -24.00 41.14
CA PRO C 128 -17.69 -23.92 42.51
C PRO C 128 -16.53 -23.00 42.61
N ILE C 129 -16.54 -22.17 43.65
CA ILE C 129 -15.46 -21.24 43.83
C ILE C 129 -14.49 -21.89 44.79
N VAL C 130 -13.22 -21.88 44.42
CA VAL C 130 -12.16 -22.36 45.29
C VAL C 130 -11.63 -21.20 46.16
N ARG C 131 -11.60 -21.41 47.48
CA ARG C 131 -11.19 -20.39 48.44
C ARG C 131 -9.91 -20.80 49.18
N GLY C 132 -8.93 -19.91 49.16
CA GLY C 132 -7.64 -20.21 49.75
C GLY C 132 -6.84 -21.16 48.88
N GLY C 133 -7.16 -21.23 47.59
CA GLY C 133 -6.44 -22.13 46.66
C GLY C 133 -4.99 -21.71 46.55
N ALA C 134 -4.09 -22.68 46.39
CA ALA C 134 -2.67 -22.39 46.20
C ALA C 134 -2.44 -21.66 44.87
N ILE C 135 -3.35 -21.89 43.92
CA ILE C 135 -3.34 -21.22 42.61
C ILE C 135 -4.56 -20.30 42.55
N ASP C 136 -4.35 -18.98 42.60
CA ASP C 136 -5.46 -18.03 42.68
C ASP C 136 -5.98 -17.65 41.30
N ARG C 137 -7.22 -18.03 40.99
CA ARG C 137 -7.83 -17.86 39.64
C ARG C 137 -8.72 -16.62 39.46
N TYR C 138 -8.97 -15.90 40.56
CA TYR C 138 -10.02 -14.92 40.60
C TYR C 138 -9.36 -13.54 40.66
N TRP C 139 -9.56 -12.76 39.58
CA TRP C 139 -8.96 -11.44 39.43
C TRP C 139 -10.00 -10.43 38.98
N PRO C 140 -10.79 -9.91 39.95
CA PRO C 140 -11.93 -9.02 39.59
C PRO C 140 -11.51 -7.85 38.67
N THR C 141 -12.44 -7.43 37.81
CA THR C 141 -12.20 -6.36 36.85
C THR C 141 -12.13 -4.99 37.53
N ALA C 142 -11.63 -4.00 36.77
CA ALA C 142 -11.60 -2.60 37.22
C ALA C 142 -12.96 -2.07 37.65
N ASP C 143 -14.04 -2.52 37.00
CA ASP C 143 -15.37 -2.08 37.35
C ASP C 143 -15.99 -3.01 38.40
N GLY C 144 -15.17 -3.88 38.99
CA GLY C 144 -15.58 -4.70 40.13
C GLY C 144 -16.41 -5.95 39.87
N ARG C 145 -16.25 -6.52 38.68
CA ARG C 145 -16.92 -7.78 38.33
C ARG C 145 -16.10 -9.04 38.68
N LEU C 146 -16.75 -10.05 39.25
CA LEU C 146 -16.08 -11.31 39.58
C LEU C 146 -15.82 -12.09 38.30
N VAL C 147 -14.55 -12.28 37.93
CA VAL C 147 -14.20 -13.11 36.78
C VAL C 147 -13.14 -14.17 37.16
N GLU C 148 -13.34 -15.39 36.67
CA GLU C 148 -12.44 -16.48 36.95
C GLU C 148 -11.59 -16.73 35.70
N TYR C 149 -10.27 -16.90 35.87
CA TYR C 149 -9.38 -17.06 34.69
C TYR C 149 -8.96 -18.51 34.64
N ASP C 150 -8.51 -18.99 33.47
CA ASP C 150 -8.10 -20.39 33.32
C ASP C 150 -6.63 -20.63 33.75
N ILE C 151 -6.33 -20.37 35.03
CA ILE C 151 -4.95 -20.34 35.51
C ILE C 151 -4.59 -21.74 35.97
N ASP C 152 -3.52 -22.30 35.43
CA ASP C 152 -3.08 -23.68 35.79
C ASP C 152 -1.74 -23.77 36.56
N GLU C 153 -1.03 -22.64 36.68
CA GLU C 153 0.32 -22.60 37.31
C GLU C 153 0.64 -21.19 37.83
N VAL C 154 1.27 -21.07 39.00
CA VAL C 154 1.84 -19.82 39.48
C VAL C 154 3.26 -19.94 38.97
N VAL C 155 3.65 -19.08 38.04
CA VAL C 155 4.96 -19.13 37.43
C VAL C 155 5.94 -18.33 38.32
N TYR C 156 5.44 -17.28 38.97
CA TYR C 156 6.27 -16.36 39.67
C TYR C 156 5.38 -15.54 40.57
N ASP C 157 5.83 -15.33 41.79
CA ASP C 157 5.08 -14.51 42.76
C ASP C 157 6.08 -14.05 43.81
N GLU C 158 6.42 -12.76 43.74
CA GLU C 158 7.43 -12.24 44.63
C GLU C 158 7.08 -10.80 44.96
N ASP C 159 7.57 -10.30 46.10
CA ASP C 159 7.46 -8.84 46.38
C ASP C 159 8.79 -8.17 46.06
N SER C 160 8.74 -7.05 45.31
CA SER C 160 9.90 -6.16 45.15
C SER C 160 9.79 -5.07 46.24
N PRO C 161 10.79 -4.16 46.33
CA PRO C 161 10.57 -3.00 47.24
C PRO C 161 9.37 -2.11 46.86
N TYR C 162 8.80 -2.34 45.66
CA TYR C 162 7.76 -1.44 45.10
C TYR C 162 6.38 -2.01 44.95
N GLN C 163 6.30 -3.31 44.69
CA GLN C 163 5.03 -3.95 44.45
C GLN C 163 5.08 -5.48 44.53
N ASN C 164 3.93 -6.12 44.78
CA ASN C 164 3.84 -7.57 44.51
C ASN C 164 3.81 -7.80 42.97
N ILE C 165 4.56 -8.80 42.53
CA ILE C 165 4.64 -9.19 41.12
C ILE C 165 4.25 -10.66 41.04
N LYS C 166 3.17 -10.94 40.30
CA LYS C 166 2.78 -12.30 39.91
C LYS C 166 2.85 -12.47 38.42
N ILE C 167 3.25 -13.65 37.98
CA ILE C 167 3.07 -14.10 36.62
C ILE C 167 2.37 -15.46 36.76
N LEU C 168 1.19 -15.54 36.16
CA LEU C 168 0.33 -16.71 36.31
C LEU C 168 0.08 -17.23 34.94
N HIS C 169 0.20 -18.54 34.80
CA HIS C 169 -0.07 -19.18 33.50
C HIS C 169 -1.56 -19.45 33.18
N SER C 170 -2.08 -18.74 32.17
CA SER C 170 -3.41 -18.99 31.61
C SER C 170 -3.27 -19.94 30.43
N LYS C 171 -4.16 -20.91 30.33
CA LYS C 171 -4.04 -21.81 29.14
C LYS C 171 -4.33 -21.08 27.83
N GLN C 172 -5.29 -20.16 27.86
CA GLN C 172 -5.61 -19.44 26.63
C GLN C 172 -4.81 -18.16 26.41
N PHE C 173 -4.46 -17.48 27.51
CA PHE C 173 -3.83 -16.13 27.40
C PHE C 173 -2.34 -16.18 27.55
N GLY C 174 -1.83 -17.37 27.92
CA GLY C 174 -0.41 -17.52 28.18
C GLY C 174 -0.04 -16.90 29.51
N ASN C 175 1.23 -16.56 29.70
CA ASN C 175 1.61 -16.02 31.02
C ASN C 175 1.03 -14.62 31.19
N ILE C 176 0.45 -14.36 32.36
CA ILE C 176 -0.21 -13.06 32.66
C ILE C 176 0.59 -12.32 33.76
N LEU C 177 1.10 -11.12 33.46
CA LEU C 177 1.68 -10.26 34.48
C LEU C 177 0.64 -9.53 35.26
N ILE C 178 0.68 -9.71 36.58
CA ILE C 178 -0.30 -9.14 37.52
C ILE C 178 0.46 -8.30 38.59
N LEU C 179 0.25 -6.97 38.61
CA LEU C 179 1.01 -6.08 39.52
C LEU C 179 0.11 -5.48 40.57
N SER C 180 0.45 -5.67 41.83
CA SER C 180 -0.45 -5.32 42.96
C SER C 180 -1.93 -5.77 42.73
N GLY C 181 -2.11 -6.95 42.16
CA GLY C 181 -3.44 -7.51 41.99
C GLY C 181 -4.18 -7.04 40.76
N ASP C 182 -3.51 -6.34 39.87
CA ASP C 182 -4.11 -5.72 38.70
C ASP C 182 -3.47 -6.36 37.45
N VAL C 183 -4.27 -7.04 36.61
CA VAL C 183 -3.76 -7.63 35.37
C VAL C 183 -3.20 -6.52 34.49
N ASN C 184 -1.93 -6.62 34.15
CA ASN C 184 -1.31 -5.59 33.29
C ASN C 184 -1.15 -6.02 31.85
N LEU C 185 -0.70 -7.26 31.61
CA LEU C 185 -0.60 -7.72 30.24
C LEU C 185 -0.39 -9.21 30.26
N ALA C 186 -0.87 -9.88 29.20
CA ALA C 186 -0.56 -11.29 29.00
C ALA C 186 0.18 -11.50 27.70
N GLU C 187 0.69 -12.71 27.52
CA GLU C 187 1.40 -13.04 26.30
C GLU C 187 0.46 -12.99 25.07
N SER C 188 -0.85 -13.17 25.28
CA SER C 188 -1.87 -13.01 24.21
C SER C 188 -2.19 -11.55 23.84
N ASP C 189 -1.75 -10.60 24.66
CA ASP C 189 -2.19 -9.22 24.58
C ASP C 189 -1.44 -8.29 23.58
N LEU C 190 -1.13 -8.76 22.38
CA LEU C 190 -0.54 -7.88 21.35
C LEU C 190 -1.38 -6.64 21.02
N ALA C 191 -2.71 -6.77 21.09
CA ALA C 191 -3.64 -5.64 20.93
C ALA C 191 -3.37 -4.44 21.88
N TYR C 192 -2.96 -4.70 23.13
CA TYR C 192 -2.60 -3.63 24.06
C TYR C 192 -1.44 -2.84 23.48
N THR C 193 -0.36 -3.56 23.23
CA THR C 193 0.91 -3.02 22.71
C THR C 193 0.65 -2.29 21.40
N ARG C 194 -0.10 -2.89 20.49
CA ARG C 194 -0.46 -2.15 19.25
C ARG C 194 -1.23 -0.83 19.46
N ALA C 195 -2.23 -0.84 20.33
CA ALA C 195 -3.02 0.37 20.59
C ALA C 195 -2.21 1.43 21.30
N ILE C 196 -1.35 1.03 22.23
CA ILE C 196 -0.54 2.00 22.97
C ILE C 196 0.61 2.56 22.08
N MET C 197 0.81 1.97 20.91
CA MET C 197 1.77 2.56 19.98
C MET C 197 1.08 3.37 18.86
N GLY C 198 -0.25 3.42 18.90
CA GLY C 198 -0.95 4.29 17.96
C GLY C 198 -1.71 3.56 16.84
N SER C 199 -1.97 2.27 17.07
CA SER C 199 -2.78 1.41 16.20
C SER C 199 -2.38 1.38 14.72
N GLY C 200 -1.07 1.31 14.46
CA GLY C 200 -0.54 1.14 13.11
C GLY C 200 -0.42 2.40 12.27
N LYS C 201 -0.84 3.55 12.81
CA LYS C 201 -0.80 4.82 12.06
C LYS C 201 0.55 5.51 12.06
N GLU C 202 1.42 5.18 13.01
CA GLU C 202 2.66 5.91 13.21
C GLU C 202 3.83 5.26 12.50
N ASP C 203 4.75 6.08 12.03
CA ASP C 203 5.99 5.60 11.46
C ASP C 203 7.14 5.80 12.48
N TYR C 204 7.69 4.72 13.03
CA TYR C 204 8.71 4.82 14.07
C TYR C 204 10.11 4.87 13.50
N THR C 205 10.22 4.65 12.20
CA THR C 205 11.54 4.58 11.57
C THR C 205 12.34 5.85 11.80
N GLY C 206 13.48 5.71 12.44
CA GLY C 206 14.33 6.86 12.68
C GLY C 206 13.83 7.83 13.73
N LYS C 207 12.88 7.41 14.59
CA LYS C 207 12.31 8.33 15.60
C LYS C 207 12.99 8.13 16.96
N ASP C 208 12.89 9.17 17.80
CA ASP C 208 13.31 9.15 19.21
C ASP C 208 12.04 8.89 20.06
N VAL C 209 12.04 7.85 20.87
CA VAL C 209 10.82 7.40 21.62
C VAL C 209 11.16 7.32 23.10
N LEU C 210 10.29 7.81 23.98
CA LEU C 210 10.50 7.58 25.40
C LEU C 210 9.36 6.69 25.90
N ILE C 211 9.68 5.68 26.68
CA ILE C 211 8.64 4.80 27.29
C ILE C 211 8.66 4.91 28.80
N LEU C 212 7.52 5.26 29.42
CA LEU C 212 7.46 5.30 30.89
C LEU C 212 6.88 3.97 31.37
N GLY C 213 7.63 3.26 32.20
CA GLY C 213 7.24 1.96 32.73
C GLY C 213 7.49 0.95 31.63
N GLY C 214 6.49 0.14 31.33
CA GLY C 214 6.57 -0.86 30.25
C GLY C 214 7.52 -2.02 30.60
N GLY C 215 7.57 -2.40 31.88
CA GLY C 215 8.57 -3.36 32.37
C GLY C 215 8.56 -4.71 31.68
N ASP C 216 7.43 -5.06 31.06
CA ASP C 216 7.30 -6.31 30.31
C ASP C 216 8.14 -6.33 29.02
N GLY C 217 8.56 -5.16 28.53
CA GLY C 217 9.43 -5.07 27.33
C GLY C 217 8.72 -5.11 25.98
N GLY C 218 7.41 -5.44 26.00
CA GLY C 218 6.55 -5.47 24.80
C GLY C 218 6.69 -4.31 23.82
N ILE C 219 6.49 -3.08 24.31
CA ILE C 219 6.53 -1.90 23.47
C ILE C 219 7.95 -1.69 22.93
N LEU C 220 8.95 -1.74 23.82
CA LEU C 220 10.37 -1.57 23.42
C LEU C 220 10.68 -2.53 22.27
N CYS C 221 10.34 -3.78 22.46
CA CYS C 221 10.65 -4.80 21.47
C CYS C 221 9.93 -4.63 20.15
N GLU C 222 8.63 -4.32 20.18
CA GLU C 222 7.95 -4.04 18.91
C GLU C 222 8.49 -2.82 18.18
N ILE C 223 8.88 -1.78 18.93
CA ILE C 223 9.47 -0.58 18.35
C ILE C 223 10.90 -0.83 17.84
N VAL C 224 11.74 -1.58 18.56
CA VAL C 224 13.12 -1.86 18.08
C VAL C 224 13.10 -2.56 16.72
N LYS C 225 12.16 -3.49 16.56
CA LYS C 225 11.83 -4.06 15.24
C LYS C 225 11.62 -3.06 14.11
N LEU C 226 11.16 -1.85 14.43
CA LEU C 226 10.85 -0.87 13.38
C LEU C 226 12.00 0.07 13.03
N LYS C 227 13.19 -0.19 13.58
CA LYS C 227 14.39 0.60 13.29
C LYS C 227 14.29 2.09 13.71
N PRO C 228 14.05 2.37 15.02
CA PRO C 228 14.00 3.77 15.47
C PRO C 228 15.42 4.30 15.59
N LYS C 229 15.57 5.60 15.72
CA LYS C 229 16.84 6.21 16.11
C LYS C 229 17.24 5.82 17.52
N MET C 230 16.34 6.01 18.47
CA MET C 230 16.57 5.62 19.84
C MET C 230 15.23 5.38 20.53
N VAL C 231 15.09 4.26 21.25
CA VAL C 231 13.98 4.07 22.23
C VAL C 231 14.58 4.02 23.63
N THR C 232 14.09 4.89 24.51
CA THR C 232 14.52 4.89 25.90
C THR C 232 13.31 4.45 26.73
N MET C 233 13.52 3.43 27.58
CA MET C 233 12.49 2.90 28.47
C MET C 233 12.93 3.16 29.92
N VAL C 234 12.03 3.76 30.70
CA VAL C 234 12.32 4.13 32.08
C VAL C 234 11.40 3.36 33.02
N GLU C 235 11.97 2.33 33.65
CA GLU C 235 11.24 1.33 34.46
C GLU C 235 11.86 1.31 35.87
N ILE C 236 11.02 1.54 36.87
CA ILE C 236 11.46 1.63 38.25
C ILE C 236 11.86 0.25 38.86
N ASP C 237 11.25 -0.83 38.39
CA ASP C 237 11.37 -2.10 39.10
C ASP C 237 12.14 -3.16 38.32
N GLN C 238 13.38 -3.40 38.72
CA GLN C 238 14.25 -4.45 38.12
C GLN C 238 13.65 -5.86 38.18
N MET C 239 12.87 -6.13 39.23
CA MET C 239 12.30 -7.43 39.39
C MET C 239 11.21 -7.68 38.37
N VAL C 240 10.51 -6.63 37.97
CA VAL C 240 9.56 -6.77 36.83
C VAL C 240 10.35 -7.05 35.55
N ILE C 241 11.43 -6.29 35.28
CA ILE C 241 12.24 -6.56 34.07
C ILE C 241 12.71 -8.02 34.06
N ASP C 242 13.24 -8.46 35.19
CA ASP C 242 13.86 -9.79 35.24
C ASP C 242 12.86 -10.93 35.16
N GLY C 243 11.71 -10.79 35.84
CA GLY C 243 10.64 -11.80 35.75
C GLY C 243 10.08 -11.88 34.32
N CYS C 244 9.86 -10.75 33.69
CA CYS C 244 9.34 -10.72 32.33
C CYS C 244 10.34 -11.22 31.28
N LYS C 245 11.64 -10.92 31.47
CA LYS C 245 12.69 -11.53 30.62
C LYS C 245 12.62 -13.07 30.65
N LYS C 246 12.39 -13.59 31.84
CA LYS C 246 12.42 -15.03 32.09
C LYS C 246 11.10 -15.72 31.69
N TYR C 247 9.98 -15.01 31.88
CA TYR C 247 8.67 -15.63 31.76
C TYR C 247 7.65 -15.05 30.76
N MET C 248 7.87 -13.83 30.26
CA MET C 248 6.97 -13.25 29.26
C MET C 248 7.64 -13.25 27.90
N ARG C 249 7.49 -14.33 27.16
CA ARG C 249 8.31 -14.56 25.95
C ARG C 249 7.56 -14.49 24.64
N LYS C 250 6.47 -13.73 24.60
CA LYS C 250 5.60 -13.50 23.42
C LYS C 250 4.84 -14.74 22.92
N LEU C 256 15.77 -6.94 26.42
CA LEU C 256 16.59 -8.03 25.91
C LEU C 256 17.58 -8.54 26.98
N ASP C 257 18.38 -9.55 26.62
CA ASP C 257 19.51 -10.00 27.44
C ASP C 257 20.40 -8.84 27.89
N ASN C 258 20.48 -7.79 27.06
CA ASN C 258 21.23 -6.58 27.32
C ASN C 258 20.32 -5.36 27.52
N LEU C 259 20.50 -4.62 28.60
CA LEU C 259 19.69 -3.43 28.86
C LEU C 259 20.04 -2.20 28.00
N LYS C 260 21.15 -2.28 27.25
CA LYS C 260 21.50 -1.24 26.28
C LYS C 260 21.88 -1.84 24.95
N GLY C 261 21.50 -1.17 23.88
CA GLY C 261 21.84 -1.63 22.55
C GLY C 261 21.98 -0.51 21.56
N ASP C 262 22.02 -0.89 20.30
CA ASP C 262 22.27 0.03 19.20
C ASP C 262 21.24 1.16 19.11
N CYS C 263 19.97 0.84 19.42
CA CYS C 263 18.88 1.80 19.21
C CYS C 263 17.91 1.83 20.37
N TYR C 264 18.39 1.35 21.51
CA TYR C 264 17.59 1.31 22.73
C TYR C 264 18.42 1.34 24.04
N GLN C 265 17.79 1.75 25.13
CA GLN C 265 18.35 1.66 26.48
C GLN C 265 17.22 1.57 27.49
N VAL C 266 17.39 0.71 28.47
CA VAL C 266 16.49 0.66 29.61
C VAL C 266 17.20 1.31 30.83
N LEU C 267 16.55 2.32 31.40
CA LEU C 267 16.99 2.94 32.63
C LEU C 267 16.12 2.40 33.75
N ILE C 268 16.77 1.84 34.76
CA ILE C 268 16.10 1.37 35.95
C ILE C 268 16.07 2.53 36.94
N GLU C 269 14.99 3.33 36.87
CA GLU C 269 14.87 4.53 37.69
C GLU C 269 13.39 4.95 37.70
N ASP C 270 13.02 5.68 38.74
CA ASP C 270 11.71 6.35 38.82
C ASP C 270 11.67 7.27 37.60
N CYS C 271 10.58 7.21 36.83
CA CYS C 271 10.48 8.07 35.63
C CYS C 271 10.34 9.55 35.94
N ILE C 272 9.85 9.89 37.13
CA ILE C 272 9.66 11.30 37.47
C ILE C 272 10.98 12.12 37.46
N PRO C 273 11.96 11.76 38.28
CA PRO C 273 13.23 12.50 38.20
C PRO C 273 13.88 12.51 36.79
N VAL C 274 13.77 11.41 36.07
CA VAL C 274 14.25 11.30 34.69
C VAL C 274 13.57 12.29 33.75
N LEU C 275 12.24 12.29 33.77
CA LEU C 275 11.49 13.28 32.98
C LEU C 275 11.94 14.73 33.27
N LYS C 276 12.14 15.04 34.55
CA LYS C 276 12.70 16.34 34.97
C LYS C 276 14.11 16.60 34.39
N ARG C 277 14.98 15.59 34.44
CA ARG C 277 16.32 15.69 33.90
C ARG C 277 16.33 15.84 32.35
N TYR C 278 15.42 15.17 31.63
CA TYR C 278 15.33 15.32 30.16
C TYR C 278 14.93 16.72 29.75
N ALA C 279 13.93 17.25 30.43
CA ALA C 279 13.50 18.62 30.23
C ALA C 279 14.65 19.61 30.49
N LYS C 280 15.41 19.37 31.57
CA LYS C 280 16.53 20.23 31.98
C LYS C 280 17.63 20.24 30.91
N GLU C 281 17.87 19.09 30.29
CA GLU C 281 18.77 19.04 29.14
C GLU C 281 18.10 19.43 27.82
N GLY C 282 16.85 19.91 27.89
CA GLY C 282 16.02 20.21 26.69
C GLY C 282 15.72 19.07 25.72
N ARG C 283 15.77 17.81 26.17
CA ARG C 283 15.48 16.66 25.27
C ARG C 283 14.00 16.65 24.85
N GLU C 284 13.74 16.35 23.58
CA GLU C 284 12.36 16.23 23.08
C GLU C 284 12.26 14.99 22.22
N PHE C 285 11.21 14.22 22.44
CA PHE C 285 11.03 12.96 21.74
C PHE C 285 9.94 13.10 20.70
N ASP C 286 10.03 12.31 19.63
CA ASP C 286 8.93 12.23 18.66
C ASP C 286 7.69 11.57 19.27
N TYR C 287 7.89 10.63 20.19
CA TYR C 287 6.73 9.95 20.88
C TYR C 287 7.00 9.71 22.36
N VAL C 288 5.97 9.84 23.18
CA VAL C 288 6.15 9.49 24.57
C VAL C 288 5.02 8.56 24.85
N ILE C 289 5.36 7.39 25.36
CA ILE C 289 4.38 6.35 25.60
C ILE C 289 4.34 6.09 27.11
N ASN C 290 3.20 6.42 27.71
CA ASN C 290 3.02 6.22 29.12
C ASN C 290 2.42 4.82 29.32
N ASP C 291 3.28 3.85 29.66
CA ASP C 291 2.87 2.46 30.04
C ASP C 291 3.09 2.17 31.57
N LEU C 292 2.81 3.15 32.42
CA LEU C 292 2.93 2.98 33.87
C LEU C 292 1.79 2.14 34.42
N THR C 293 1.90 1.71 35.66
CA THR C 293 0.78 1.05 36.36
C THR C 293 -0.40 2.05 36.48
N ALA C 294 -1.61 1.53 36.71
CA ALA C 294 -2.80 2.37 36.84
C ALA C 294 -2.63 3.44 37.94
N VAL C 295 -2.07 3.04 39.09
CA VAL C 295 -1.54 3.99 40.09
C VAL C 295 -0.02 3.93 39.91
N PRO C 296 0.56 5.00 39.36
CA PRO C 296 2.03 4.99 39.19
C PRO C 296 2.72 4.96 40.56
N ILE C 297 3.92 4.39 40.61
CA ILE C 297 4.60 4.16 41.89
C ILE C 297 5.26 5.48 42.31
N SER C 298 5.12 5.79 43.59
CA SER C 298 5.81 6.94 44.20
C SER C 298 6.72 6.48 45.34
N THR C 299 7.87 7.14 45.47
CA THR C 299 8.74 6.95 46.65
C THR C 299 8.57 8.09 47.67
N SER C 300 7.68 9.03 47.39
CA SER C 300 7.27 10.08 48.33
C SER C 300 6.45 9.53 49.49
N PRO C 301 6.64 10.11 50.68
CA PRO C 301 5.72 9.94 51.79
C PRO C 301 4.60 11.01 51.83
N SER C 305 -5.30 14.66 44.33
CA SER C 305 -3.89 14.25 44.44
C SER C 305 -3.56 13.01 43.59
N THR C 306 -4.41 11.98 43.66
CA THR C 306 -4.50 10.96 42.61
C THR C 306 -4.34 11.62 41.24
N TRP C 307 -5.26 12.56 40.99
CA TRP C 307 -5.42 13.29 39.74
C TRP C 307 -4.30 14.28 39.47
N GLU C 308 -3.80 14.88 40.55
CA GLU C 308 -2.65 15.79 40.48
C GLU C 308 -1.37 15.06 40.10
N PHE C 309 -1.19 13.86 40.64
CA PHE C 309 -0.03 13.01 40.23
C PHE C 309 -0.10 12.63 38.74
N LEU C 310 -1.27 12.24 38.25
CA LEU C 310 -1.47 11.95 36.83
C LEU C 310 -1.22 13.22 35.96
N ARG C 311 -1.72 14.36 36.45
CA ARG C 311 -1.51 15.64 35.78
C ARG C 311 -0.02 15.99 35.68
N LEU C 312 0.72 15.82 36.79
CA LEU C 312 2.19 16.03 36.82
C LEU C 312 2.89 15.24 35.73
N ILE C 313 2.61 13.95 35.74
CA ILE C 313 3.17 13.04 34.73
C ILE C 313 2.86 13.51 33.34
N LEU C 314 1.61 13.89 33.09
CA LEU C 314 1.25 14.41 31.79
C LEU C 314 2.01 15.69 31.41
N ASP C 315 2.15 16.61 32.36
CA ASP C 315 2.83 17.89 32.13
C ASP C 315 4.31 17.68 31.83
N LEU C 316 4.96 16.83 32.62
CA LEU C 316 6.33 16.46 32.43
C LEU C 316 6.62 15.79 31.09
N SER C 317 5.72 14.90 30.68
CA SER C 317 5.72 14.28 29.35
C SER C 317 5.47 15.30 28.21
N MET C 318 4.58 16.26 28.37
CA MET C 318 4.46 17.30 27.30
C MET C 318 5.74 18.11 27.13
N LYS C 319 6.46 18.34 28.22
CA LYS C 319 7.68 19.17 28.22
C LYS C 319 8.82 18.57 27.37
N VAL C 320 8.82 17.24 27.26
CA VAL C 320 9.85 16.50 26.51
C VAL C 320 9.26 15.94 25.19
N LEU C 321 8.08 16.43 24.84
CA LEU C 321 7.40 16.04 23.62
C LEU C 321 7.64 17.06 22.53
N LYS C 322 8.07 16.62 21.35
CA LYS C 322 8.26 17.57 20.24
C LYS C 322 6.88 18.13 19.86
N GLN C 323 6.83 19.36 19.35
CA GLN C 323 5.55 20.00 19.00
C GLN C 323 4.68 19.17 18.02
N ASP C 324 5.33 18.49 17.09
CA ASP C 324 4.63 17.64 16.16
C ASP C 324 4.55 16.17 16.63
N GLY C 325 5.01 15.89 17.83
CA GLY C 325 5.02 14.52 18.37
C GLY C 325 3.67 14.07 18.91
N LYS C 326 3.61 12.83 19.37
CA LYS C 326 2.39 12.29 20.01
C LYS C 326 2.69 11.58 21.29
N TYR C 327 1.72 11.62 22.19
CA TYR C 327 1.78 10.92 23.45
C TYR C 327 0.68 9.87 23.48
N PHE C 328 1.00 8.67 23.97
CA PHE C 328 0.05 7.58 23.95
C PHE C 328 -0.05 7.07 25.37
N THR C 329 -1.21 6.58 25.77
CA THR C 329 -1.30 5.93 27.08
C THR C 329 -2.56 5.09 27.17
N GLN C 330 -2.59 4.11 28.08
CA GLN C 330 -3.81 3.34 28.44
C GLN C 330 -4.59 4.22 29.40
N GLY C 331 -5.93 4.22 29.27
CA GLY C 331 -6.80 5.14 29.93
C GLY C 331 -7.45 4.37 31.08
N ASN C 332 -8.52 3.65 30.80
CA ASN C 332 -9.23 2.91 31.86
C ASN C 332 -10.30 2.04 31.23
N CYS C 333 -10.97 1.26 32.08
CA CYS C 333 -12.09 0.46 31.72
C CYS C 333 -13.14 1.39 31.12
N VAL C 334 -13.80 0.99 30.04
CA VAL C 334 -14.82 1.86 29.45
C VAL C 334 -15.99 2.17 30.42
N ASN C 335 -16.33 1.27 31.32
CA ASN C 335 -17.41 1.50 32.27
C ASN C 335 -17.16 2.56 33.35
N LEU C 336 -15.89 2.95 33.53
CA LEU C 336 -15.53 3.92 34.59
C LEU C 336 -15.57 5.33 34.04
N THR C 337 -16.80 5.75 33.73
CA THR C 337 -17.09 7.06 33.14
C THR C 337 -16.69 8.27 33.97
N GLU C 338 -16.89 8.21 35.27
CA GLU C 338 -16.41 9.25 36.17
C GLU C 338 -14.88 9.43 36.19
N ALA C 339 -14.16 8.31 36.37
CA ALA C 339 -12.72 8.28 36.30
C ALA C 339 -12.16 8.75 34.92
N LEU C 340 -12.81 8.39 33.83
CA LEU C 340 -12.37 8.86 32.50
C LEU C 340 -12.58 10.38 32.37
N SER C 341 -13.69 10.87 32.92
CA SER C 341 -14.00 12.32 32.94
C SER C 341 -12.99 13.12 33.83
N LEU C 342 -12.61 12.54 34.96
CA LEU C 342 -11.68 13.24 35.84
C LEU C 342 -10.29 13.24 35.22
N TYR C 343 -9.95 12.14 34.53
CA TYR C 343 -8.71 12.08 33.75
C TYR C 343 -8.66 13.12 32.64
N GLU C 344 -9.70 13.21 31.83
CA GLU C 344 -9.73 14.18 30.76
C GLU C 344 -9.73 15.63 31.30
N GLU C 345 -10.33 15.86 32.47
CA GLU C 345 -10.18 17.19 33.14
C GLU C 345 -8.71 17.56 33.26
N GLN C 346 -7.83 16.61 33.60
CA GLN C 346 -6.41 16.96 33.82
C GLN C 346 -5.69 17.37 32.54
N LEU C 347 -6.19 16.92 31.40
CA LEU C 347 -5.56 17.21 30.12
C LEU C 347 -5.62 18.71 29.78
N GLY C 348 -6.56 19.41 30.42
CA GLY C 348 -6.79 20.84 30.19
C GLY C 348 -6.03 21.67 31.16
N ARG C 349 -5.18 21.03 31.96
CA ARG C 349 -4.50 21.69 33.09
C ARG C 349 -3.00 21.51 32.98
N LEU C 350 -2.51 21.47 31.74
CA LEU C 350 -1.09 21.30 31.43
C LEU C 350 -0.48 22.66 31.03
N TYR C 351 0.86 22.74 30.90
CA TYR C 351 1.54 24.02 30.63
C TYR C 351 1.17 24.54 29.25
N CYS C 352 0.79 23.65 28.35
CA CYS C 352 0.42 24.03 26.99
C CYS C 352 -0.96 23.46 26.63
N PRO C 353 -1.68 24.08 25.66
CA PRO C 353 -2.95 23.47 25.27
C PRO C 353 -2.76 22.18 24.43
N VAL C 354 -3.62 21.20 24.68
CA VAL C 354 -3.51 19.94 23.98
C VAL C 354 -4.83 19.54 23.37
N GLU C 355 -4.78 18.56 22.47
CA GLU C 355 -5.95 17.93 21.87
C GLU C 355 -5.80 16.40 22.11
N PHE C 356 -6.89 15.67 22.06
CA PHE C 356 -6.80 14.22 22.29
C PHE C 356 -7.87 13.46 21.55
N SER C 357 -7.63 12.15 21.39
CA SER C 357 -8.58 11.23 20.88
C SER C 357 -8.50 9.98 21.73
N LYS C 358 -9.57 9.23 21.71
CA LYS C 358 -9.61 7.97 22.40
C LYS C 358 -10.19 6.85 21.53
N GLU C 359 -9.73 5.63 21.79
CA GLU C 359 -10.29 4.49 21.13
C GLU C 359 -10.53 3.36 22.13
N ILE C 360 -11.55 2.57 21.88
CA ILE C 360 -11.89 1.47 22.75
C ILE C 360 -11.27 0.23 22.11
N VAL C 361 -10.54 -0.53 22.91
CA VAL C 361 -9.76 -1.65 22.43
C VAL C 361 -10.15 -2.88 23.27
N CYS C 362 -10.21 -4.03 22.60
CA CYS C 362 -10.46 -5.31 23.23
C CYS C 362 -9.09 -6.00 23.46
N VAL C 363 -8.65 -6.00 24.71
CA VAL C 363 -7.42 -6.68 25.09
C VAL C 363 -7.83 -8.06 25.64
N PRO C 364 -7.37 -9.14 24.97
CA PRO C 364 -7.90 -10.50 25.31
C PRO C 364 -8.01 -10.84 26.80
N SER C 365 -6.90 -10.70 27.52
CA SER C 365 -6.82 -11.06 28.93
C SER C 365 -7.52 -10.14 29.92
N TYR C 366 -7.99 -8.95 29.50
CA TYR C 366 -8.51 -7.94 30.42
C TYR C 366 -9.92 -8.27 30.91
N LEU C 367 -10.68 -8.93 30.06
CA LEU C 367 -12.06 -9.33 30.30
C LEU C 367 -12.98 -8.13 30.50
N GLU C 368 -12.62 -7.01 29.89
CA GLU C 368 -13.37 -5.78 29.95
C GLU C 368 -12.79 -4.89 28.87
N LEU C 369 -13.64 -4.06 28.29
CA LEU C 369 -13.20 -3.24 27.16
C LEU C 369 -12.42 -2.05 27.76
N TRP C 370 -11.41 -1.55 27.05
CA TRP C 370 -10.48 -0.56 27.62
C TRP C 370 -10.32 0.61 26.72
N VAL C 371 -10.08 1.78 27.30
CA VAL C 371 -9.90 3.01 26.50
C VAL C 371 -8.42 3.40 26.44
N PHE C 372 -7.95 3.86 25.29
CA PHE C 372 -6.53 4.26 25.13
C PHE C 372 -6.50 5.66 24.53
N TYR C 373 -5.58 6.51 24.98
CA TYR C 373 -5.65 7.93 24.64
C TYR C 373 -4.49 8.23 23.70
N THR C 374 -4.74 9.12 22.76
CA THR C 374 -3.68 9.74 21.99
C THR C 374 -3.77 11.25 22.32
N VAL C 375 -2.65 11.87 22.70
CA VAL C 375 -2.64 13.32 23.10
C VAL C 375 -1.56 14.03 22.27
N TRP C 376 -1.85 15.23 21.80
CA TRP C 376 -0.86 15.99 21.04
C TRP C 376 -1.00 17.46 21.39
N LYS C 377 0.03 18.24 21.11
CA LYS C 377 -0.03 19.70 21.35
C LYS C 377 -0.88 20.41 20.29
N LYS C 378 -1.69 21.38 20.72
CA LYS C 378 -2.44 22.22 19.79
C LYS C 378 -1.42 23.04 19.01
N ALA C 379 -1.74 23.36 17.76
CA ALA C 379 -0.87 24.18 16.91
C ALA C 379 -0.61 25.55 17.55
N LYS C 380 0.56 26.12 17.27
CA LYS C 380 1.16 27.16 18.13
C LYS C 380 0.93 28.62 17.67
N PRO C 381 0.00 29.35 18.33
CA PRO C 381 -0.28 30.75 17.96
C PRO C 381 0.57 31.76 18.76
N GLY D 18 -34.08 -11.41 45.65
CA GLY D 18 -32.71 -12.02 45.65
C GLY D 18 -32.01 -11.90 47.00
N SER D 19 -30.89 -12.60 47.14
CA SER D 19 -30.02 -12.60 48.34
C SER D 19 -28.58 -12.27 47.94
N ARG D 20 -27.94 -11.28 48.56
CA ARG D 20 -26.54 -11.02 48.28
C ARG D 20 -25.63 -11.78 49.23
N HIS D 21 -24.70 -12.51 48.63
CA HIS D 21 -23.76 -13.34 49.37
C HIS D 21 -22.35 -12.78 49.35
N SER D 22 -21.84 -12.40 50.52
CA SER D 22 -20.53 -11.80 50.62
C SER D 22 -19.52 -12.77 51.23
N THR D 23 -18.28 -12.71 50.76
CA THR D 23 -17.24 -13.59 51.26
C THR D 23 -15.98 -12.81 51.68
N LEU D 24 -15.22 -13.39 52.61
CA LEU D 24 -13.95 -12.85 53.01
C LEU D 24 -13.10 -14.04 53.43
N ASP D 25 -11.93 -14.18 52.79
CA ASP D 25 -10.98 -15.30 53.05
C ASP D 25 -9.67 -14.79 53.65
N PHE D 26 -9.19 -15.43 54.69
CA PHE D 26 -7.86 -15.15 55.25
C PHE D 26 -7.04 -16.40 55.18
N MET D 27 -5.86 -16.23 54.60
CA MET D 27 -4.89 -17.28 54.47
C MET D 27 -3.75 -16.86 55.42
N LEU D 28 -3.67 -17.49 56.59
CA LEU D 28 -2.79 -17.03 57.67
C LEU D 28 -1.50 -17.87 57.79
N ASP D 33 -3.75 -19.10 65.72
CA ASP D 33 -4.51 -20.04 66.55
C ASP D 33 -6.05 -19.95 66.39
N GLY D 34 -6.68 -21.07 66.00
CA GLY D 34 -8.11 -21.09 65.66
C GLY D 34 -9.10 -20.66 66.73
N GLU D 35 -8.92 -21.11 67.97
CA GLU D 35 -9.86 -20.75 69.04
C GLU D 35 -9.67 -19.28 69.40
N THR D 36 -8.45 -18.78 69.22
CA THR D 36 -8.13 -17.38 69.46
C THR D 36 -8.79 -16.43 68.46
N ILE D 37 -8.89 -16.87 67.20
CA ILE D 37 -9.61 -16.16 66.18
C ILE D 37 -11.12 -16.22 66.45
N LEU D 38 -11.64 -17.39 66.79
CA LEU D 38 -13.06 -17.52 67.10
C LEU D 38 -13.47 -16.51 68.17
N LYS D 39 -12.77 -16.53 69.30
CA LYS D 39 -13.05 -15.60 70.41
C LYS D 39 -12.77 -14.14 70.06
N GLY D 40 -11.73 -13.90 69.26
CA GLY D 40 -11.31 -12.55 68.86
C GLY D 40 -12.27 -11.81 67.94
N LEU D 41 -13.09 -12.59 67.20
CA LEU D 41 -14.10 -12.07 66.28
C LEU D 41 -15.52 -12.08 66.87
N GLN D 42 -15.76 -12.90 67.89
CA GLN D 42 -17.05 -12.96 68.61
C GLN D 42 -17.80 -11.63 68.73
N SER D 43 -17.18 -10.64 69.35
CA SER D 43 -17.89 -9.41 69.71
C SER D 43 -18.50 -8.67 68.52
N ILE D 44 -17.86 -8.70 67.35
CA ILE D 44 -18.40 -8.01 66.17
C ILE D 44 -19.82 -8.48 65.85
N PHE D 45 -20.05 -9.78 65.99
CA PHE D 45 -21.36 -10.34 65.73
C PHE D 45 -22.30 -10.09 66.93
N GLN D 46 -21.81 -10.38 68.14
CA GLN D 46 -22.61 -10.19 69.36
C GLN D 46 -23.09 -8.74 69.56
N GLU D 47 -22.25 -7.77 69.19
CA GLU D 47 -22.66 -6.36 69.21
C GLU D 47 -23.70 -5.95 68.16
N GLN D 48 -23.89 -6.76 67.12
CA GLN D 48 -25.01 -6.57 66.16
C GLN D 48 -26.30 -7.29 66.60
N GLY D 49 -26.25 -7.98 67.74
CA GLY D 49 -27.41 -8.64 68.35
C GLY D 49 -27.58 -10.07 67.88
N MET D 50 -26.61 -10.56 67.10
CA MET D 50 -26.71 -11.90 66.48
C MET D 50 -26.50 -13.02 67.51
N ALA D 51 -27.16 -14.13 67.26
CA ALA D 51 -27.01 -15.34 68.05
C ALA D 51 -25.98 -16.23 67.40
N GLU D 52 -25.14 -16.84 68.23
CA GLU D 52 -24.01 -17.63 67.79
C GLU D 52 -24.12 -19.10 68.20
N SER D 53 -24.01 -20.00 67.22
CA SER D 53 -23.85 -21.45 67.44
C SER D 53 -22.48 -21.92 66.93
N VAL D 54 -21.70 -22.63 67.75
CA VAL D 54 -20.39 -23.16 67.33
C VAL D 54 -20.43 -24.70 67.24
N HIS D 55 -20.00 -25.22 66.10
CA HIS D 55 -19.70 -26.64 65.92
C HIS D 55 -18.17 -26.77 65.90
N THR D 56 -17.64 -27.69 66.70
CA THR D 56 -16.20 -28.01 66.62
C THR D 56 -16.01 -29.44 66.14
N TRP D 57 -15.05 -29.62 65.23
CA TRP D 57 -14.63 -30.96 64.80
C TRP D 57 -13.40 -31.37 65.63
N GLN D 58 -13.10 -32.68 65.69
CA GLN D 58 -11.89 -33.16 66.38
C GLN D 58 -10.62 -32.52 65.76
N ASP D 59 -10.33 -32.85 64.50
CA ASP D 59 -9.15 -32.27 63.83
C ASP D 59 -9.46 -31.43 62.57
N HIS D 60 -10.70 -30.95 62.44
CA HIS D 60 -11.10 -30.11 61.31
C HIS D 60 -11.55 -28.66 61.67
N GLY D 61 -11.24 -28.19 62.87
CA GLY D 61 -11.48 -26.79 63.26
C GLY D 61 -12.89 -26.50 63.73
N TYR D 62 -13.44 -25.35 63.32
CA TYR D 62 -14.67 -24.80 63.88
C TYR D 62 -15.58 -24.27 62.76
N LEU D 63 -16.88 -24.31 63.00
CA LEU D 63 -17.83 -23.55 62.20
C LEU D 63 -18.73 -22.81 63.15
N ALA D 64 -18.69 -21.47 63.11
CA ALA D 64 -19.58 -20.63 63.88
C ALA D 64 -20.65 -20.09 62.97
N THR D 65 -21.91 -20.32 63.36
CA THR D 65 -23.03 -19.71 62.64
C THR D 65 -23.69 -18.56 63.43
N TYR D 66 -23.99 -17.46 62.74
CA TYR D 66 -24.61 -16.32 63.32
C TYR D 66 -25.88 -15.93 62.60
N THR D 67 -26.99 -15.90 63.35
CA THR D 67 -28.27 -15.50 62.81
C THR D 67 -28.69 -14.13 63.33
N ASN D 68 -29.36 -13.37 62.46
CA ASN D 68 -29.83 -12.04 62.79
C ASN D 68 -31.35 -11.99 62.63
N LYS D 69 -32.01 -11.23 63.50
CA LYS D 69 -33.48 -11.09 63.48
C LYS D 69 -34.05 -10.57 62.15
N ASN D 70 -33.24 -9.87 61.35
CA ASN D 70 -33.68 -9.39 60.06
C ASN D 70 -33.66 -10.44 58.94
N GLY D 71 -33.31 -11.69 59.27
CA GLY D 71 -33.29 -12.79 58.28
C GLY D 71 -31.94 -13.00 57.58
N SER D 72 -30.93 -12.24 57.97
CA SER D 72 -29.56 -12.43 57.45
C SER D 72 -28.78 -13.39 58.39
N PHE D 73 -27.73 -14.03 57.87
CA PHE D 73 -26.85 -14.93 58.63
C PHE D 73 -25.43 -14.91 58.12
N ALA D 74 -24.51 -15.30 58.98
CA ALA D 74 -23.11 -15.41 58.66
C ALA D 74 -22.60 -16.79 59.13
N ASN D 75 -21.58 -17.30 58.43
CA ASN D 75 -20.86 -18.50 58.81
C ASN D 75 -19.41 -18.14 58.88
N LEU D 76 -18.76 -18.54 59.95
CA LEU D 76 -17.33 -18.39 60.05
C LEU D 76 -16.74 -19.78 60.13
N ARG D 77 -15.88 -20.08 59.15
CA ARG D 77 -15.25 -21.40 59.09
C ARG D 77 -13.75 -21.24 59.34
N ILE D 78 -13.28 -21.82 60.45
CA ILE D 78 -11.86 -21.79 60.83
C ILE D 78 -11.27 -23.18 60.65
N TYR D 79 -10.42 -23.30 59.63
CA TYR D 79 -9.76 -24.56 59.28
C TYR D 79 -8.56 -24.76 60.17
N PRO D 80 -8.16 -26.03 60.40
CA PRO D 80 -7.11 -26.32 61.38
C PRO D 80 -5.69 -25.71 61.15
N HIS D 81 -5.46 -25.12 59.98
CA HIS D 81 -4.10 -24.74 59.54
C HIS D 81 -3.97 -23.35 58.85
N GLY D 82 -4.57 -22.31 59.41
CA GLY D 82 -4.42 -20.97 58.86
C GLY D 82 -5.47 -20.41 57.90
N LEU D 83 -6.41 -21.25 57.45
CA LEU D 83 -7.47 -20.73 56.58
C LEU D 83 -8.78 -20.38 57.34
N VAL D 84 -9.18 -19.11 57.25
CA VAL D 84 -10.42 -18.61 57.79
C VAL D 84 -11.32 -18.06 56.66
N LEU D 85 -12.56 -18.53 56.63
CA LEU D 85 -13.51 -18.18 55.59
C LEU D 85 -14.77 -17.58 56.22
N LEU D 86 -15.09 -16.34 55.86
CA LEU D 86 -16.31 -15.70 56.34
C LEU D 86 -17.31 -15.60 55.19
N ASP D 87 -18.55 -15.98 55.46
CA ASP D 87 -19.67 -15.81 54.51
C ASP D 87 -20.82 -15.09 55.16
N LEU D 88 -21.35 -14.09 54.47
CA LEU D 88 -22.56 -13.39 54.93
C LEU D 88 -23.61 -13.38 53.84
N GLN D 89 -24.84 -13.64 54.24
CA GLN D 89 -25.94 -13.67 53.32
C GLN D 89 -27.04 -12.80 53.87
N SER D 90 -27.51 -11.90 53.03
CA SER D 90 -28.54 -10.99 53.44
C SER D 90 -29.92 -11.54 53.08
N TYR D 91 -30.93 -10.70 53.27
CA TYR D 91 -32.31 -10.95 52.89
C TYR D 91 -32.58 -9.88 51.84
N ASP D 92 -31.65 -9.73 50.89
CA ASP D 92 -31.32 -8.39 50.42
C ASP D 92 -31.39 -7.90 48.99
N GLY D 93 -32.31 -6.98 48.81
CA GLY D 93 -32.07 -5.85 47.94
C GLY D 93 -31.95 -4.67 48.92
N ASP D 94 -32.67 -4.76 50.06
CA ASP D 94 -32.78 -3.71 51.10
C ASP D 94 -31.44 -3.05 51.45
N ALA D 95 -31.22 -1.86 50.89
CA ALA D 95 -29.91 -1.17 50.95
C ALA D 95 -29.25 -1.04 52.34
N GLN D 96 -30.09 -1.06 53.40
CA GLN D 96 -29.60 -0.99 54.79
C GLN D 96 -28.91 -2.28 55.25
N GLY D 97 -29.45 -3.42 54.85
CA GLY D 97 -28.86 -4.71 55.16
C GLY D 97 -27.53 -4.88 54.46
N LYS D 98 -27.38 -4.29 53.27
CA LYS D 98 -26.12 -4.27 52.53
C LYS D 98 -24.98 -3.50 53.25
N GLU D 99 -25.25 -2.26 53.70
CA GLU D 99 -24.28 -1.50 54.52
C GLU D 99 -23.93 -2.21 55.82
N GLU D 100 -24.94 -2.79 56.46
CA GLU D 100 -24.74 -3.59 57.65
C GLU D 100 -23.70 -4.72 57.45
N ILE D 101 -23.85 -5.44 56.34
CA ILE D 101 -22.95 -6.54 55.97
C ILE D 101 -21.57 -5.97 55.64
N ASP D 102 -21.51 -4.91 54.81
CA ASP D 102 -20.21 -4.34 54.44
C ASP D 102 -19.46 -3.90 55.70
N SER D 103 -20.18 -3.24 56.61
CA SER D 103 -19.65 -2.86 57.89
C SER D 103 -19.02 -4.03 58.68
N ILE D 104 -19.72 -5.15 58.84
CA ILE D 104 -19.17 -6.37 59.49
C ILE D 104 -17.87 -6.82 58.81
N LEU D 105 -17.90 -6.91 57.49
CA LEU D 105 -16.74 -7.36 56.74
C LEU D 105 -15.59 -6.43 57.03
N ASN D 106 -15.85 -5.13 57.01
CA ASN D 106 -14.82 -4.13 57.29
C ASN D 106 -14.21 -4.27 58.68
N LYS D 107 -15.06 -4.53 59.69
CA LYS D 107 -14.57 -4.72 61.06
C LYS D 107 -13.79 -6.02 61.21
N VAL D 108 -14.21 -7.05 60.46
CA VAL D 108 -13.51 -8.34 60.49
C VAL D 108 -12.11 -8.13 59.93
N GLU D 109 -11.96 -7.51 58.75
CA GLU D 109 -10.59 -7.16 58.28
C GLU D 109 -9.68 -6.45 59.33
N GLU D 110 -10.20 -5.42 60.00
CA GLU D 110 -9.38 -4.66 60.97
C GLU D 110 -9.00 -5.50 62.19
N ARG D 111 -9.98 -6.20 62.75
CA ARG D 111 -9.77 -7.08 63.89
C ARG D 111 -8.77 -8.17 63.55
N MET D 112 -8.92 -8.76 62.38
CA MET D 112 -7.96 -9.77 61.95
C MET D 112 -6.53 -9.23 61.83
N LYS D 113 -6.37 -7.93 61.59
CA LYS D 113 -5.03 -7.35 61.58
C LYS D 113 -4.43 -7.42 62.99
N GLU D 114 -5.21 -7.00 63.98
CA GLU D 114 -4.79 -7.03 65.39
C GLU D 114 -4.44 -8.45 65.88
N LEU D 115 -5.22 -9.45 65.47
CA LEU D 115 -5.03 -10.80 65.96
C LEU D 115 -3.75 -11.46 65.44
N GLY D 121 0.00 -12.47 56.41
CA GLY D 121 -1.06 -13.26 55.78
C GLY D 121 -1.68 -12.59 54.56
N ARG D 122 -2.51 -13.33 53.84
CA ARG D 122 -3.18 -12.83 52.63
C ARG D 122 -4.70 -12.81 52.81
N VAL D 123 -5.35 -11.80 52.21
CA VAL D 123 -6.82 -11.63 52.31
C VAL D 123 -7.43 -11.60 50.90
N LYS D 124 -8.60 -12.21 50.75
CA LYS D 124 -9.32 -12.16 49.48
C LYS D 124 -10.79 -11.81 49.70
N ARG D 125 -11.22 -10.71 49.10
CA ARG D 125 -12.59 -10.24 49.27
C ARG D 125 -13.17 -10.05 47.86
N LEU D 126 -13.73 -11.13 47.29
CA LEU D 126 -14.33 -11.04 45.98
C LEU D 126 -15.61 -10.22 45.97
N PRO D 127 -15.97 -9.64 44.79
CA PRO D 127 -17.30 -9.06 44.67
C PRO D 127 -18.38 -10.00 45.23
N PRO D 128 -19.29 -9.49 46.05
CA PRO D 128 -20.43 -10.31 46.45
C PRO D 128 -21.25 -10.81 45.27
N ILE D 129 -21.81 -12.02 45.42
CA ILE D 129 -22.62 -12.63 44.38
C ILE D 129 -24.06 -12.47 44.71
N VAL D 130 -24.80 -11.92 43.76
CA VAL D 130 -26.23 -11.88 43.83
C VAL D 130 -26.86 -13.24 43.47
N ARG D 131 -27.65 -13.74 44.42
CA ARG D 131 -28.33 -15.03 44.28
C ARG D 131 -29.84 -14.84 44.19
N GLY D 132 -30.43 -15.40 43.13
CA GLY D 132 -31.83 -15.18 42.79
C GLY D 132 -32.17 -13.78 42.32
N GLY D 133 -31.26 -13.07 41.65
CA GLY D 133 -31.55 -11.68 41.27
C GLY D 133 -32.57 -11.69 40.13
N ALA D 134 -33.39 -10.64 40.03
CA ALA D 134 -34.27 -10.43 38.88
C ALA D 134 -33.44 -10.25 37.59
N ILE D 135 -32.26 -9.67 37.71
CA ILE D 135 -31.38 -9.57 36.55
C ILE D 135 -30.18 -10.52 36.76
N ASP D 136 -30.10 -11.54 35.91
CA ASP D 136 -29.07 -12.56 36.01
C ASP D 136 -27.80 -12.11 35.27
N ARG D 137 -26.71 -11.91 36.03
CA ARG D 137 -25.44 -11.34 35.50
C ARG D 137 -24.37 -12.39 35.21
N TYR D 138 -24.64 -13.61 35.65
CA TYR D 138 -23.64 -14.68 35.63
C TYR D 138 -23.86 -15.71 34.54
N TRP D 139 -22.93 -15.73 33.58
CA TRP D 139 -23.05 -16.51 32.35
C TRP D 139 -21.75 -17.28 32.10
N PRO D 140 -21.60 -18.42 32.78
CA PRO D 140 -20.31 -19.10 32.72
C PRO D 140 -19.83 -19.41 31.31
N THR D 141 -18.50 -19.48 31.17
CA THR D 141 -17.90 -19.76 29.90
C THR D 141 -18.00 -21.24 29.44
N ALA D 142 -17.74 -21.43 28.14
CA ALA D 142 -17.88 -22.77 27.50
C ALA D 142 -16.99 -23.75 28.24
N ASP D 143 -15.88 -23.23 28.77
CA ASP D 143 -14.94 -24.06 29.50
C ASP D 143 -15.19 -24.05 31.00
N GLY D 144 -16.39 -23.66 31.43
CA GLY D 144 -16.80 -23.81 32.84
C GLY D 144 -16.26 -22.83 33.86
N ARG D 145 -15.90 -21.63 33.39
CA ARG D 145 -15.40 -20.56 34.29
C ARG D 145 -16.50 -19.60 34.70
N LEU D 146 -16.46 -19.16 35.97
CA LEU D 146 -17.42 -18.20 36.48
C LEU D 146 -17.04 -16.80 36.05
N VAL D 147 -17.90 -16.17 35.24
CA VAL D 147 -17.73 -14.78 34.84
C VAL D 147 -19.03 -13.98 35.03
N GLU D 148 -18.90 -12.79 35.60
CA GLU D 148 -19.98 -11.86 35.88
C GLU D 148 -19.99 -10.78 34.82
N TYR D 149 -21.14 -10.58 34.18
CA TYR D 149 -21.28 -9.51 33.20
C TYR D 149 -21.83 -8.24 33.83
N ASP D 150 -21.57 -7.13 33.16
CA ASP D 150 -22.15 -5.82 33.54
C ASP D 150 -23.59 -5.57 33.05
N ILE D 151 -24.54 -6.43 33.46
CA ILE D 151 -25.88 -6.45 32.89
C ILE D 151 -26.69 -5.58 33.79
N ASP D 152 -27.37 -4.59 33.20
CA ASP D 152 -28.24 -3.71 33.98
C ASP D 152 -29.72 -3.79 33.57
N GLU D 153 -30.05 -4.68 32.64
CA GLU D 153 -31.43 -4.78 32.18
C GLU D 153 -31.67 -6.09 31.45
N VAL D 154 -32.79 -6.74 31.80
CA VAL D 154 -33.40 -7.78 30.97
C VAL D 154 -34.28 -7.06 29.94
N VAL D 155 -33.86 -7.13 28.67
CA VAL D 155 -34.56 -6.50 27.56
C VAL D 155 -35.67 -7.44 27.00
N TYR D 156 -35.41 -8.75 27.05
CA TYR D 156 -36.24 -9.75 26.43
C TYR D 156 -35.91 -11.12 27.03
N ASP D 157 -36.94 -11.92 27.30
CA ASP D 157 -36.70 -13.25 27.83
C ASP D 157 -37.99 -13.97 27.54
N GLU D 158 -37.99 -14.81 26.51
CA GLU D 158 -39.15 -15.65 26.20
C GLU D 158 -38.71 -16.98 25.66
N ASP D 159 -39.56 -17.99 25.91
CA ASP D 159 -39.37 -19.31 25.33
C ASP D 159 -40.10 -19.41 24.00
N SER D 160 -39.34 -19.68 22.94
CA SER D 160 -39.89 -19.97 21.61
C SER D 160 -40.21 -21.47 21.52
N PRO D 161 -40.85 -21.94 20.42
CA PRO D 161 -40.99 -23.39 20.25
C PRO D 161 -39.68 -24.17 20.22
N TYR D 162 -38.57 -23.47 19.96
CA TYR D 162 -37.28 -24.11 19.72
C TYR D 162 -36.28 -23.93 20.85
N GLN D 163 -36.42 -22.84 21.62
CA GLN D 163 -35.36 -22.50 22.58
C GLN D 163 -35.74 -21.33 23.45
N ASN D 164 -35.09 -21.20 24.59
CA ASN D 164 -35.17 -19.95 25.38
C ASN D 164 -34.33 -18.84 24.74
N ILE D 165 -34.93 -17.67 24.61
CA ILE D 165 -34.27 -16.51 24.04
C ILE D 165 -34.18 -15.40 25.11
N LYS D 166 -32.95 -15.02 25.47
CA LYS D 166 -32.69 -13.80 26.26
C LYS D 166 -31.93 -12.75 25.48
N ILE D 167 -32.33 -11.48 25.68
CA ILE D 167 -31.49 -10.35 25.29
C ILE D 167 -31.28 -9.49 26.55
N LEU D 168 -30.03 -9.40 26.99
CA LEU D 168 -29.65 -8.74 28.23
C LEU D 168 -28.81 -7.53 27.90
N HIS D 169 -29.10 -6.39 28.51
CA HIS D 169 -28.27 -5.20 28.26
C HIS D 169 -26.98 -5.09 29.14
N SER D 170 -25.82 -5.05 28.48
CA SER D 170 -24.51 -4.87 29.09
C SER D 170 -24.07 -3.44 28.79
N LYS D 171 -23.49 -2.76 29.79
CA LYS D 171 -23.09 -1.35 29.55
C LYS D 171 -22.00 -1.28 28.48
N GLN D 172 -21.07 -2.22 28.53
CA GLN D 172 -19.95 -2.13 27.60
C GLN D 172 -20.12 -2.90 26.35
N PHE D 173 -20.88 -3.98 26.40
CA PHE D 173 -21.13 -4.86 25.23
C PHE D 173 -22.42 -4.59 24.47
N GLY D 174 -23.26 -3.72 25.02
CA GLY D 174 -24.57 -3.42 24.44
C GLY D 174 -25.45 -4.64 24.69
N ASN D 175 -26.53 -4.78 23.93
CA ASN D 175 -27.46 -5.92 24.07
C ASN D 175 -26.78 -7.22 23.65
N ILE D 176 -27.01 -8.25 24.45
CA ILE D 176 -26.38 -9.55 24.29
C ILE D 176 -27.46 -10.59 24.08
N LEU D 177 -27.39 -11.25 22.94
CA LEU D 177 -28.27 -12.37 22.62
C LEU D 177 -27.73 -13.67 23.25
N ILE D 178 -28.58 -14.32 24.04
CA ILE D 178 -28.23 -15.54 24.79
C ILE D 178 -29.27 -16.60 24.44
N LEU D 179 -28.83 -17.68 23.78
CA LEU D 179 -29.76 -18.74 23.38
C LEU D 179 -29.47 -20.00 24.20
N SER D 180 -30.49 -20.47 24.90
CA SER D 180 -30.39 -21.60 25.85
C SER D 180 -29.23 -21.44 26.85
N GLY D 181 -29.06 -20.24 27.38
CA GLY D 181 -27.98 -20.02 28.33
C GLY D 181 -26.61 -19.83 27.74
N ASP D 182 -26.48 -19.77 26.43
CA ASP D 182 -25.17 -19.65 25.69
C ASP D 182 -25.14 -18.29 24.99
N VAL D 183 -24.22 -17.44 25.41
CA VAL D 183 -23.99 -16.13 24.81
C VAL D 183 -23.67 -16.36 23.32
N ASN D 184 -24.51 -15.84 22.40
CA ASN D 184 -24.28 -16.03 20.98
C ASN D 184 -23.64 -14.83 20.35
N LEU D 185 -24.13 -13.63 20.67
CA LEU D 185 -23.55 -12.41 20.10
C LEU D 185 -24.00 -11.20 20.92
N ALA D 186 -23.20 -10.14 20.90
CA ALA D 186 -23.59 -8.86 21.50
C ALA D 186 -23.44 -7.81 20.48
N GLU D 187 -24.03 -6.64 20.75
CA GLU D 187 -23.86 -5.55 19.80
C GLU D 187 -22.42 -5.15 19.59
N SER D 188 -21.55 -5.44 20.59
CA SER D 188 -20.13 -5.14 20.50
C SER D 188 -19.32 -6.03 19.55
N ASP D 189 -19.93 -7.12 19.05
CA ASP D 189 -19.19 -8.27 18.49
C ASP D 189 -19.06 -8.33 16.95
N LEU D 190 -18.80 -7.17 16.34
CA LEU D 190 -18.33 -7.12 14.96
C LEU D 190 -17.18 -8.08 14.65
N ALA D 191 -16.25 -8.27 15.58
CA ALA D 191 -15.17 -9.26 15.40
C ALA D 191 -15.68 -10.66 15.04
N TYR D 192 -16.82 -11.06 15.63
CA TYR D 192 -17.41 -12.38 15.38
C TYR D 192 -17.85 -12.46 13.91
N THR D 193 -18.56 -11.43 13.48
CA THR D 193 -19.12 -11.40 12.17
C THR D 193 -18.01 -11.30 11.11
N ARG D 194 -16.99 -10.51 11.42
CA ARG D 194 -15.84 -10.40 10.51
C ARG D 194 -15.13 -11.75 10.35
N ALA D 195 -14.95 -12.47 11.45
CA ALA D 195 -14.17 -13.73 11.43
C ALA D 195 -14.90 -14.81 10.67
N ILE D 196 -16.21 -14.86 10.89
CA ILE D 196 -17.03 -15.88 10.26
C ILE D 196 -17.29 -15.61 8.78
N MET D 197 -16.97 -14.40 8.32
CA MET D 197 -17.07 -14.01 6.93
C MET D 197 -15.72 -14.10 6.22
N GLY D 198 -14.70 -14.46 6.98
CA GLY D 198 -13.38 -14.81 6.41
C GLY D 198 -12.30 -13.77 6.64
N SER D 199 -12.53 -12.93 7.66
CA SER D 199 -11.57 -11.90 8.14
C SER D 199 -11.04 -10.96 7.05
N GLY D 200 -11.93 -10.47 6.20
CA GLY D 200 -11.61 -9.44 5.21
C GLY D 200 -10.84 -9.89 3.99
N LYS D 201 -10.69 -11.20 3.85
CA LYS D 201 -9.92 -11.76 2.74
C LYS D 201 -10.78 -12.10 1.52
N GLU D 202 -12.08 -12.29 1.74
CA GLU D 202 -12.98 -12.68 0.65
C GLU D 202 -13.57 -11.48 -0.11
N ASP D 203 -13.85 -11.67 -1.39
CA ASP D 203 -14.65 -10.70 -2.16
C ASP D 203 -16.05 -11.25 -2.43
N TYR D 204 -17.04 -10.61 -1.85
CA TYR D 204 -18.42 -11.05 -1.93
C TYR D 204 -19.20 -10.49 -3.12
N THR D 205 -18.57 -9.56 -3.84
CA THR D 205 -19.25 -8.87 -4.94
C THR D 205 -19.66 -9.84 -6.01
N GLY D 206 -20.95 -9.87 -6.32
CA GLY D 206 -21.46 -10.73 -7.38
C GLY D 206 -21.47 -12.22 -7.03
N LYS D 207 -21.38 -12.54 -5.75
CA LYS D 207 -21.29 -13.95 -5.32
C LYS D 207 -22.63 -14.44 -4.80
N ASP D 208 -22.79 -15.76 -4.73
CA ASP D 208 -23.96 -16.39 -4.14
C ASP D 208 -23.55 -16.95 -2.78
N VAL D 209 -24.30 -16.58 -1.74
CA VAL D 209 -23.99 -17.02 -0.37
C VAL D 209 -25.17 -17.72 0.32
N LEU D 210 -24.92 -18.79 1.08
CA LEU D 210 -25.93 -19.39 1.95
C LEU D 210 -25.45 -19.20 3.39
N ILE D 211 -26.33 -18.70 4.25
CA ILE D 211 -26.03 -18.55 5.68
C ILE D 211 -27.01 -19.51 6.37
N LEU D 212 -26.48 -20.36 7.25
CA LEU D 212 -27.28 -21.23 8.08
C LEU D 212 -27.38 -20.58 9.47
N GLY D 213 -28.61 -20.35 9.93
CA GLY D 213 -28.87 -19.72 11.19
C GLY D 213 -28.68 -18.24 11.04
N GLY D 214 -27.90 -17.66 11.93
CA GLY D 214 -27.64 -16.21 11.89
C GLY D 214 -28.85 -15.32 12.11
N GLY D 215 -29.73 -15.71 13.02
CA GLY D 215 -30.98 -15.00 13.30
C GLY D 215 -30.84 -13.58 13.78
N ASP D 216 -29.64 -13.23 14.27
CA ASP D 216 -29.34 -11.84 14.63
C ASP D 216 -29.21 -10.89 13.41
N GLY D 217 -29.03 -11.42 12.20
CA GLY D 217 -29.06 -10.62 10.95
C GLY D 217 -27.72 -9.98 10.60
N GLY D 218 -26.74 -10.09 11.49
CA GLY D 218 -25.40 -9.53 11.29
C GLY D 218 -24.65 -9.89 10.05
N ILE D 219 -24.52 -11.18 9.78
CA ILE D 219 -23.78 -11.60 8.59
C ILE D 219 -24.51 -11.14 7.32
N LEU D 220 -25.82 -11.34 7.30
CA LEU D 220 -26.63 -10.94 6.15
C LEU D 220 -26.48 -9.46 5.81
N CYS D 221 -26.61 -8.62 6.84
CA CYS D 221 -26.55 -7.20 6.64
C CYS D 221 -25.20 -6.72 6.21
N GLU D 222 -24.14 -7.35 6.75
CA GLU D 222 -22.76 -7.02 6.37
C GLU D 222 -22.46 -7.41 4.95
N ILE D 223 -22.90 -8.61 4.56
CA ILE D 223 -22.76 -9.07 3.17
C ILE D 223 -23.63 -8.27 2.15
N VAL D 224 -24.86 -7.95 2.49
CA VAL D 224 -25.73 -7.18 1.59
C VAL D 224 -25.04 -5.86 1.17
N LYS D 225 -24.24 -5.26 2.05
CA LYS D 225 -23.51 -4.00 1.79
C LYS D 225 -22.41 -4.18 0.75
N LEU D 226 -22.06 -5.45 0.50
CA LEU D 226 -20.92 -5.74 -0.36
C LEU D 226 -21.34 -6.14 -1.75
N LYS D 227 -22.59 -5.89 -2.09
CA LYS D 227 -23.11 -6.10 -3.44
C LYS D 227 -22.98 -7.54 -3.93
N PRO D 228 -23.56 -8.51 -3.17
CA PRO D 228 -23.58 -9.90 -3.59
C PRO D 228 -24.65 -10.10 -4.69
N LYS D 229 -24.56 -11.20 -5.45
CA LYS D 229 -25.62 -11.56 -6.38
C LYS D 229 -26.83 -12.01 -5.55
N MET D 230 -26.60 -12.91 -4.59
CA MET D 230 -27.69 -13.36 -3.71
C MET D 230 -27.15 -13.89 -2.40
N VAL D 231 -27.82 -13.54 -1.32
CA VAL D 231 -27.55 -14.10 0.00
C VAL D 231 -28.84 -14.77 0.44
N THR D 232 -28.77 -16.03 0.81
CA THR D 232 -29.93 -16.78 1.29
C THR D 232 -29.65 -17.16 2.73
N MET D 233 -30.52 -16.75 3.64
CA MET D 233 -30.32 -17.01 5.03
C MET D 233 -31.44 -17.87 5.55
N VAL D 234 -31.09 -18.97 6.21
CA VAL D 234 -32.05 -19.99 6.62
C VAL D 234 -32.04 -20.18 8.15
N GLU D 235 -33.08 -19.64 8.78
CA GLU D 235 -33.14 -19.43 10.24
C GLU D 235 -34.44 -20.04 10.69
N ILE D 236 -34.37 -20.96 11.64
CA ILE D 236 -35.54 -21.74 12.07
C ILE D 236 -36.49 -20.96 12.95
N ASP D 237 -36.00 -19.90 13.61
CA ASP D 237 -36.75 -19.32 14.73
C ASP D 237 -37.13 -17.86 14.50
N GLN D 238 -38.38 -17.67 14.10
CA GLN D 238 -39.00 -16.37 13.92
C GLN D 238 -38.81 -15.40 15.11
N MET D 239 -38.85 -15.95 16.32
CA MET D 239 -38.81 -15.15 17.54
C MET D 239 -37.42 -14.58 17.78
N VAL D 240 -36.39 -15.28 17.28
CA VAL D 240 -35.00 -14.75 17.32
C VAL D 240 -34.88 -13.57 16.36
N ILE D 241 -35.42 -13.72 15.16
CA ILE D 241 -35.41 -12.65 14.12
C ILE D 241 -36.09 -11.38 14.62
N ASP D 242 -37.31 -11.58 15.15
CA ASP D 242 -38.15 -10.50 15.62
C ASP D 242 -37.51 -9.84 16.83
N GLY D 243 -37.01 -10.66 17.77
CA GLY D 243 -36.25 -10.13 18.93
C GLY D 243 -35.04 -9.27 18.54
N CYS D 244 -34.21 -9.83 17.67
CA CYS D 244 -33.02 -9.15 17.20
C CYS D 244 -33.36 -7.91 16.35
N LYS D 245 -34.38 -7.98 15.49
CA LYS D 245 -34.83 -6.79 14.78
C LYS D 245 -35.17 -5.63 15.70
N LYS D 246 -35.85 -5.93 16.79
CA LYS D 246 -36.25 -4.91 17.78
C LYS D 246 -35.09 -4.43 18.67
N TYR D 247 -34.20 -5.35 19.03
CA TYR D 247 -33.26 -5.07 20.13
C TYR D 247 -31.78 -5.18 19.79
N MET D 248 -31.43 -5.81 18.67
CA MET D 248 -30.02 -5.85 18.31
C MET D 248 -29.72 -4.85 17.22
N ARG D 249 -29.57 -3.57 17.57
CA ARG D 249 -29.50 -2.51 16.53
C ARG D 249 -28.12 -1.99 16.13
N LYS D 250 -27.07 -2.79 16.31
CA LYS D 250 -25.68 -2.35 16.17
C LYS D 250 -25.35 -1.17 17.11
N ASP D 254 -34.88 -0.13 8.55
CA ASP D 254 -33.59 -0.78 8.64
C ASP D 254 -33.67 -2.12 7.90
N VAL D 255 -32.55 -2.53 7.30
CA VAL D 255 -32.49 -3.57 6.25
C VAL D 255 -33.47 -4.73 6.40
N LEU D 256 -33.60 -5.26 7.62
CA LEU D 256 -34.45 -6.43 7.89
C LEU D 256 -35.95 -6.13 8.18
N ASP D 257 -36.35 -4.87 7.97
CA ASP D 257 -37.76 -4.50 7.95
C ASP D 257 -38.48 -5.31 6.85
N ASN D 258 -37.71 -5.69 5.83
CA ASN D 258 -38.14 -6.59 4.76
C ASN D 258 -37.28 -7.86 4.75
N LEU D 259 -37.90 -9.04 4.76
CA LEU D 259 -37.18 -10.31 4.74
C LEU D 259 -36.65 -10.73 3.35
N LYS D 260 -37.02 -9.99 2.30
CA LYS D 260 -36.56 -10.26 0.93
C LYS D 260 -36.16 -8.92 0.33
N GLY D 261 -35.16 -8.92 -0.52
CA GLY D 261 -34.81 -7.71 -1.21
C GLY D 261 -34.16 -8.07 -2.51
N ASP D 262 -33.55 -7.06 -3.14
CA ASP D 262 -32.94 -7.16 -4.45
C ASP D 262 -31.92 -8.31 -4.48
N CYS D 263 -31.18 -8.48 -3.40
CA CYS D 263 -30.11 -9.43 -3.39
C CYS D 263 -30.07 -10.37 -2.20
N TYR D 264 -31.22 -10.65 -1.58
CA TYR D 264 -31.24 -11.53 -0.40
C TYR D 264 -32.64 -12.07 -0.10
N GLN D 265 -32.68 -13.16 0.66
CA GLN D 265 -33.94 -13.68 1.20
C GLN D 265 -33.68 -14.41 2.48
N VAL D 266 -34.64 -14.33 3.40
CA VAL D 266 -34.54 -15.05 4.64
C VAL D 266 -35.61 -16.07 4.56
N LEU D 267 -35.23 -17.33 4.74
CA LEU D 267 -36.20 -18.39 4.81
C LEU D 267 -36.32 -18.77 6.27
N ILE D 268 -37.54 -18.72 6.77
CA ILE D 268 -37.85 -19.11 8.14
C ILE D 268 -38.22 -20.59 8.13
N GLU D 269 -37.20 -21.43 8.30
CA GLU D 269 -37.36 -22.87 8.46
C GLU D 269 -36.08 -23.53 8.93
N ASP D 270 -36.20 -24.81 9.33
CA ASP D 270 -35.08 -25.71 9.58
C ASP D 270 -34.14 -25.77 8.37
N CYS D 271 -32.85 -25.55 8.61
CA CYS D 271 -31.89 -25.55 7.51
C CYS D 271 -31.54 -26.94 6.98
N ILE D 272 -31.82 -28.01 7.72
CA ILE D 272 -31.49 -29.34 7.26
C ILE D 272 -32.30 -29.79 6.02
N PRO D 273 -33.64 -29.70 6.07
CA PRO D 273 -34.46 -29.99 4.87
C PRO D 273 -34.10 -29.13 3.65
N VAL D 274 -33.84 -27.83 3.88
CA VAL D 274 -33.45 -26.94 2.82
C VAL D 274 -32.11 -27.38 2.25
N LEU D 275 -31.14 -27.73 3.10
CA LEU D 275 -29.83 -28.19 2.63
C LEU D 275 -29.91 -29.47 1.78
N LYS D 276 -30.75 -30.40 2.21
CA LYS D 276 -30.99 -31.69 1.50
C LYS D 276 -31.61 -31.47 0.16
N ARG D 277 -32.56 -30.53 0.11
CA ARG D 277 -33.17 -30.11 -1.12
C ARG D 277 -32.16 -29.49 -2.08
N TYR D 278 -31.40 -28.49 -1.63
CA TYR D 278 -30.42 -27.87 -2.55
C TYR D 278 -29.39 -28.88 -3.08
N ALA D 279 -28.93 -29.80 -2.22
CA ALA D 279 -28.02 -30.87 -2.65
C ALA D 279 -28.68 -31.79 -3.70
N LYS D 280 -29.92 -32.19 -3.43
CA LYS D 280 -30.75 -32.95 -4.38
C LYS D 280 -30.72 -32.21 -5.73
N GLU D 281 -31.12 -30.93 -5.73
CA GLU D 281 -31.19 -30.09 -6.93
C GLU D 281 -29.83 -29.78 -7.55
N GLY D 282 -28.75 -30.05 -6.84
CA GLY D 282 -27.44 -29.68 -7.34
C GLY D 282 -27.16 -28.17 -7.30
N ARG D 283 -27.80 -27.47 -6.36
CA ARG D 283 -27.63 -26.02 -6.27
C ARG D 283 -26.34 -25.77 -5.54
N GLU D 284 -25.54 -24.80 -6.01
CA GLU D 284 -24.27 -24.51 -5.40
C GLU D 284 -24.09 -23.02 -5.06
N PHE D 285 -23.23 -22.75 -4.07
CA PHE D 285 -22.97 -21.39 -3.59
C PHE D 285 -21.47 -21.13 -3.53
N ASP D 286 -21.09 -19.89 -3.77
CA ASP D 286 -19.68 -19.47 -3.59
C ASP D 286 -19.18 -19.52 -2.14
N TYR D 287 -20.10 -19.24 -1.23
CA TYR D 287 -19.75 -19.32 0.18
C TYR D 287 -20.88 -19.98 0.92
N VAL D 288 -20.55 -20.75 1.94
CA VAL D 288 -21.58 -21.22 2.86
C VAL D 288 -21.08 -20.82 4.23
N ILE D 289 -21.91 -20.17 5.01
CA ILE D 289 -21.49 -19.70 6.34
C ILE D 289 -22.42 -20.36 7.35
N ASN D 290 -21.84 -21.23 8.17
CA ASN D 290 -22.60 -21.94 9.17
C ASN D 290 -22.54 -21.12 10.48
N ASP D 291 -23.62 -20.37 10.74
CA ASP D 291 -23.75 -19.59 11.96
C ASP D 291 -24.88 -20.11 12.86
N LEU D 292 -24.92 -21.43 13.01
CA LEU D 292 -25.90 -22.09 13.85
C LEU D 292 -25.58 -22.00 15.30
N THR D 293 -26.55 -22.34 16.16
CA THR D 293 -26.24 -22.53 17.58
C THR D 293 -25.20 -23.66 17.77
N ALA D 294 -24.50 -23.64 18.91
CA ALA D 294 -23.44 -24.62 19.22
C ALA D 294 -23.96 -26.02 19.07
N VAL D 295 -25.13 -26.26 19.66
CA VAL D 295 -25.93 -27.46 19.40
C VAL D 295 -27.02 -26.99 18.42
N PRO D 296 -26.93 -27.42 17.12
CA PRO D 296 -27.99 -27.10 16.17
C PRO D 296 -29.35 -27.66 16.59
N ILE D 297 -30.41 -26.97 16.22
CA ILE D 297 -31.75 -27.33 16.65
C ILE D 297 -32.29 -28.41 15.69
N SER D 298 -32.95 -29.40 16.28
CA SER D 298 -33.57 -30.47 15.50
C SER D 298 -35.01 -30.60 16.00
N THR D 299 -35.92 -30.89 15.08
CA THR D 299 -37.33 -31.04 15.45
C THR D 299 -37.72 -32.52 15.62
N SER D 300 -36.74 -33.41 15.40
CA SER D 300 -36.86 -34.86 15.64
C SER D 300 -36.11 -35.29 16.93
N PRO D 301 -35.85 -36.62 17.10
CA PRO D 301 -34.90 -37.08 18.13
C PRO D 301 -33.54 -36.37 18.07
N SER D 305 -23.44 -39.31 18.08
CA SER D 305 -24.64 -38.78 17.44
C SER D 305 -24.75 -37.26 17.52
N THR D 306 -24.18 -36.66 18.57
CA THR D 306 -23.78 -35.25 18.54
C THR D 306 -22.85 -34.96 17.35
N TRP D 307 -21.75 -35.73 17.23
CA TRP D 307 -20.75 -35.52 16.17
C TRP D 307 -21.29 -35.91 14.78
N GLU D 308 -22.21 -36.86 14.77
CA GLU D 308 -22.83 -37.31 13.53
C GLU D 308 -23.73 -36.21 12.94
N PHE D 309 -24.51 -35.52 13.78
CA PHE D 309 -25.29 -34.35 13.30
C PHE D 309 -24.41 -33.19 12.72
N LEU D 310 -23.35 -32.81 13.42
CA LEU D 310 -22.38 -31.87 12.90
C LEU D 310 -21.77 -32.34 11.56
N ARG D 311 -21.48 -33.65 11.44
CA ARG D 311 -20.93 -34.21 10.19
C ARG D 311 -21.93 -34.10 9.07
N LEU D 312 -23.18 -34.38 9.40
CA LEU D 312 -24.30 -34.24 8.44
C LEU D 312 -24.35 -32.84 7.84
N ILE D 313 -24.25 -31.82 8.70
CA ILE D 313 -24.40 -30.45 8.28
C ILE D 313 -23.19 -30.10 7.46
N LEU D 314 -22.04 -30.55 7.90
CA LEU D 314 -20.81 -30.37 7.13
C LEU D 314 -20.88 -31.02 5.76
N ASP D 315 -21.35 -32.26 5.71
CA ASP D 315 -21.40 -32.98 4.40
C ASP D 315 -22.30 -32.26 3.38
N LEU D 316 -23.51 -31.94 3.82
CA LEU D 316 -24.50 -31.19 3.02
C LEU D 316 -24.05 -29.83 2.57
N SER D 317 -23.42 -29.10 3.49
CA SER D 317 -22.78 -27.82 3.17
C SER D 317 -21.69 -27.98 2.08
N MET D 318 -20.86 -29.00 2.22
CA MET D 318 -19.85 -29.28 1.19
C MET D 318 -20.51 -29.64 -0.16
N LYS D 319 -21.59 -30.39 -0.11
CA LYS D 319 -22.33 -30.78 -1.33
C LYS D 319 -22.91 -29.58 -2.09
N VAL D 320 -23.21 -28.50 -1.36
CA VAL D 320 -23.78 -27.29 -1.99
C VAL D 320 -22.74 -26.18 -2.19
N LEU D 321 -21.48 -26.53 -2.03
CA LEU D 321 -20.44 -25.53 -2.11
C LEU D 321 -19.79 -25.68 -3.47
N LYS D 322 -19.54 -24.57 -4.16
CA LYS D 322 -18.74 -24.65 -5.39
C LYS D 322 -17.33 -25.19 -5.13
N GLN D 323 -16.76 -25.88 -6.14
CA GLN D 323 -15.42 -26.46 -6.00
C GLN D 323 -14.38 -25.42 -5.58
N ASP D 324 -14.49 -24.17 -6.04
CA ASP D 324 -13.55 -23.10 -5.62
C ASP D 324 -14.10 -22.28 -4.45
N GLY D 325 -15.22 -22.72 -3.87
CA GLY D 325 -15.87 -21.97 -2.74
C GLY D 325 -15.18 -22.10 -1.39
N LYS D 326 -15.71 -21.42 -0.37
CA LYS D 326 -15.22 -21.59 1.02
C LYS D 326 -16.41 -21.68 1.97
N TYR D 327 -16.25 -22.54 2.96
CA TYR D 327 -17.20 -22.69 4.06
C TYR D 327 -16.57 -22.07 5.33
N PHE D 328 -17.35 -21.29 6.06
CA PHE D 328 -16.86 -20.69 7.29
C PHE D 328 -17.77 -21.13 8.45
N THR D 329 -17.20 -21.28 9.62
CA THR D 329 -18.02 -21.54 10.79
C THR D 329 -17.34 -21.10 12.08
N GLN D 330 -18.12 -20.94 13.16
CA GLN D 330 -17.53 -20.79 14.49
C GLN D 330 -17.28 -22.23 15.02
N GLY D 331 -16.14 -22.40 15.70
CA GLY D 331 -15.67 -23.71 16.12
C GLY D 331 -16.05 -23.85 17.58
N ASN D 332 -15.16 -23.42 18.45
CA ASN D 332 -15.38 -23.54 19.90
C ASN D 332 -14.35 -22.70 20.65
N CYS D 333 -14.47 -22.71 21.97
CA CYS D 333 -13.52 -22.14 22.93
C CYS D 333 -12.14 -22.75 22.70
N VAL D 334 -11.09 -21.94 22.69
CA VAL D 334 -9.76 -22.50 22.42
C VAL D 334 -9.29 -23.56 23.47
N ASN D 335 -9.88 -23.54 24.66
CA ASN D 335 -9.47 -24.48 25.70
C ASN D 335 -10.10 -25.86 25.58
N LEU D 336 -11.16 -25.97 24.77
CA LEU D 336 -11.81 -27.29 24.62
C LEU D 336 -11.12 -28.11 23.54
N THR D 337 -9.87 -28.51 23.80
CA THR D 337 -9.03 -29.19 22.82
C THR D 337 -9.60 -30.55 22.40
N GLU D 338 -10.30 -31.23 23.30
CA GLU D 338 -10.92 -32.53 22.98
C GLU D 338 -12.11 -32.36 22.03
N ALA D 339 -13.03 -31.46 22.35
CA ALA D 339 -14.13 -31.12 21.43
C ALA D 339 -13.59 -30.63 20.07
N LEU D 340 -12.54 -29.80 20.06
CA LEU D 340 -11.99 -29.31 18.79
C LEU D 340 -11.43 -30.48 17.97
N SER D 341 -10.73 -31.39 18.66
CA SER D 341 -10.25 -32.61 17.99
C SER D 341 -11.35 -33.50 17.45
N LEU D 342 -12.36 -33.81 18.26
CA LEU D 342 -13.50 -34.52 17.81
C LEU D 342 -14.23 -33.87 16.63
N TYR D 343 -14.35 -32.53 16.65
CA TYR D 343 -14.90 -31.82 15.49
C TYR D 343 -13.97 -32.01 14.24
N GLU D 344 -12.67 -31.87 14.41
CA GLU D 344 -11.81 -31.98 13.21
C GLU D 344 -11.74 -33.42 12.71
N GLU D 345 -12.07 -34.39 13.56
CA GLU D 345 -12.23 -35.78 13.09
C GLU D 345 -13.31 -35.85 11.99
N GLN D 346 -14.42 -35.11 12.19
CA GLN D 346 -15.59 -35.20 11.28
C GLN D 346 -15.28 -34.58 9.91
N LEU D 347 -14.31 -33.69 9.86
CA LEU D 347 -13.93 -33.07 8.60
C LEU D 347 -13.28 -34.08 7.66
N GLY D 348 -12.79 -35.17 8.24
CA GLY D 348 -12.27 -36.28 7.46
C GLY D 348 -13.28 -37.31 6.99
N ARG D 349 -14.56 -37.08 7.25
CA ARG D 349 -15.63 -38.05 7.05
C ARG D 349 -16.76 -37.55 6.14
N LEU D 350 -16.37 -36.67 5.21
CA LEU D 350 -17.32 -36.11 4.26
C LEU D 350 -17.27 -36.80 2.86
N TYR D 351 -18.16 -36.40 1.94
CA TYR D 351 -18.27 -37.09 0.66
C TYR D 351 -17.03 -36.83 -0.21
N CYS D 352 -16.26 -35.80 0.13
CA CYS D 352 -15.11 -35.36 -0.68
C CYS D 352 -13.96 -34.98 0.25
N PRO D 353 -12.70 -35.05 -0.25
CA PRO D 353 -11.63 -34.55 0.60
C PRO D 353 -11.60 -33.01 0.77
N VAL D 354 -11.30 -32.58 1.98
CA VAL D 354 -11.30 -31.16 2.30
C VAL D 354 -10.01 -30.77 2.97
N GLU D 355 -9.76 -29.47 2.96
CA GLU D 355 -8.66 -28.87 3.65
C GLU D 355 -9.23 -27.81 4.54
N PHE D 356 -8.54 -27.51 5.65
CA PHE D 356 -9.02 -26.49 6.60
C PHE D 356 -7.94 -25.66 7.31
N SER D 357 -8.33 -24.45 7.69
CA SER D 357 -7.51 -23.63 8.55
C SER D 357 -8.37 -23.12 9.68
N LYS D 358 -7.71 -22.69 10.74
CA LYS D 358 -8.42 -22.16 11.89
C LYS D 358 -7.74 -20.90 12.40
N GLU D 359 -8.52 -20.01 12.98
CA GLU D 359 -8.06 -18.70 13.39
C GLU D 359 -8.57 -18.54 14.79
N ILE D 360 -7.74 -18.01 15.70
CA ILE D 360 -8.20 -17.67 17.07
C ILE D 360 -8.61 -16.19 17.10
N VAL D 361 -9.79 -15.92 17.62
CA VAL D 361 -10.42 -14.61 17.54
C VAL D 361 -10.88 -14.17 18.92
N CYS D 362 -10.66 -12.89 19.21
CA CYS D 362 -11.15 -12.34 20.45
C CYS D 362 -12.49 -11.63 20.16
N VAL D 363 -13.59 -12.20 20.67
CA VAL D 363 -14.91 -11.68 20.44
C VAL D 363 -15.25 -11.06 21.79
N PRO D 364 -15.44 -9.72 21.82
CA PRO D 364 -15.50 -9.02 23.11
C PRO D 364 -16.36 -9.64 24.23
N SER D 365 -17.63 -9.89 23.95
CA SER D 365 -18.57 -10.38 24.95
C SER D 365 -18.36 -11.82 25.33
N TYR D 366 -17.48 -12.52 24.65
CA TYR D 366 -17.36 -13.97 24.88
C TYR D 366 -16.59 -14.29 26.16
N LEU D 367 -15.65 -13.43 26.53
CA LEU D 367 -14.78 -13.57 27.73
C LEU D 367 -13.95 -14.84 27.72
N GLU D 368 -13.69 -15.36 26.51
CA GLU D 368 -12.82 -16.49 26.22
C GLU D 368 -12.47 -16.39 24.74
N LEU D 369 -11.27 -16.87 24.40
CA LEU D 369 -10.82 -16.83 23.01
C LEU D 369 -11.52 -17.94 22.24
N TRP D 370 -11.84 -17.67 20.97
CA TRP D 370 -12.69 -18.55 20.18
C TRP D 370 -12.00 -19.00 18.89
N VAL D 371 -12.21 -20.25 18.46
CA VAL D 371 -11.63 -20.72 17.20
C VAL D 371 -12.69 -20.65 16.07
N PHE D 372 -12.27 -20.17 14.89
CA PHE D 372 -13.17 -20.16 13.71
C PHE D 372 -12.51 -20.96 12.60
N TYR D 373 -13.30 -21.64 11.80
CA TYR D 373 -12.78 -22.59 10.81
C TYR D 373 -13.08 -22.07 9.45
N THR D 374 -12.15 -22.28 8.53
CA THR D 374 -12.35 -22.09 7.11
C THR D 374 -12.11 -23.46 6.50
N VAL D 375 -13.06 -23.92 5.69
CA VAL D 375 -12.94 -25.25 5.08
C VAL D 375 -13.22 -25.15 3.59
N TRP D 376 -12.44 -25.90 2.82
CA TRP D 376 -12.58 -25.88 1.36
C TRP D 376 -12.21 -27.23 0.79
N LYS D 377 -12.73 -27.51 -0.41
CA LYS D 377 -12.45 -28.75 -1.14
C LYS D 377 -11.01 -28.90 -1.66
N LYS D 378 -10.51 -30.13 -1.55
CA LYS D 378 -9.20 -30.45 -2.10
C LYS D 378 -9.35 -30.45 -3.61
N ALA D 379 -8.34 -29.99 -4.32
CA ALA D 379 -8.36 -29.97 -5.80
C ALA D 379 -8.80 -31.27 -6.50
N LYS D 380 -9.50 -31.10 -7.62
CA LYS D 380 -9.90 -32.15 -8.60
C LYS D 380 -11.07 -33.03 -8.19
#